data_7Y6E
#
_entry.id   7Y6E
#
_cell.length_a   307.021
_cell.length_b   56.219
_cell.length_c   94.837
_cell.angle_alpha   90.00
_cell.angle_beta   105.38
_cell.angle_gamma   90.00
#
_symmetry.space_group_name_H-M   'C 1 2 1'
#
loop_
_entity.id
_entity.type
_entity.pdbx_description
1 polymer Dscam
2 water water
#
_entity_poly.entity_id   1
_entity_poly.type   'polypeptide(L)'
_entity_poly.pdbx_seq_one_letter_code
;GASEPSGPPTDLWVESRGPFTILVRWKAPPKEYWHGKLKGYYVGYKMEGSPQPYSFKTVEAMNVNITHEYLLNSLKKSTK
YSIVVKAYNAAGTGPASQELIVKTLDGVLPRPPSVSLLSASDSTISVKWGHTISRDEPVTGYTLHYRKKVGHWLHVPLLA
SDQTRYTLTGLDSDTTYNVYVTANNRYGRGDPSGILSVRTGD
;
_entity_poly.pdbx_strand_id   A,B,C,D,E,F,G
#
# COMPACT_ATOMS: atom_id res chain seq x y z
N ALA A 2 23.83 22.47 24.01
CA ALA A 2 24.47 21.32 23.39
C ALA A 2 24.68 20.21 24.42
N SER A 3 24.06 19.05 24.16
CA SER A 3 24.14 17.90 25.04
C SER A 3 24.47 16.66 24.22
N GLU A 4 24.64 15.54 24.92
CA GLU A 4 24.84 14.27 24.27
C GLU A 4 23.58 13.85 23.52
N PRO A 5 23.72 13.10 22.43
CA PRO A 5 22.56 12.71 21.63
C PRO A 5 21.56 11.92 22.47
N SER A 6 20.28 12.08 22.12
CA SER A 6 19.18 11.46 22.84
C SER A 6 18.46 10.40 22.03
N GLY A 7 19.02 10.01 20.88
CA GLY A 7 18.41 8.99 20.05
C GLY A 7 19.44 8.06 19.45
N PRO A 8 19.02 6.82 19.19
CA PRO A 8 19.94 5.84 18.62
C PRO A 8 20.03 5.99 17.11
N PRO A 9 21.10 5.49 16.49
CA PRO A 9 21.15 5.46 15.02
C PRO A 9 20.01 4.66 14.44
N THR A 10 19.64 4.99 13.21
CA THR A 10 18.48 4.40 12.54
C THR A 10 18.93 3.47 11.41
N ASP A 11 17.98 2.65 10.97
CA ASP A 11 18.16 1.75 9.83
C ASP A 11 19.40 0.89 9.99
N LEU A 12 19.49 0.22 11.13
CA LEU A 12 20.63 -0.64 11.42
C LEU A 12 20.53 -1.94 10.63
N TRP A 13 21.64 -2.36 10.03
CA TRP A 13 21.70 -3.58 9.24
C TRP A 13 23.05 -4.24 9.43
N VAL A 14 23.04 -5.56 9.66
CA VAL A 14 24.25 -6.32 9.85
C VAL A 14 24.26 -7.50 8.89
N GLU A 15 25.46 -7.87 8.45
CA GLU A 15 25.64 -9.02 7.55
C GLU A 15 27.07 -9.53 7.71
N SER A 16 27.19 -10.82 7.97
CA SER A 16 28.51 -11.45 8.07
C SER A 16 29.05 -11.73 6.68
N ARG A 17 30.30 -11.30 6.44
CA ARG A 17 30.95 -11.44 5.15
C ARG A 17 32.12 -12.41 5.21
N GLY A 18 32.08 -13.35 6.13
CA GLY A 18 33.14 -14.33 6.30
C GLY A 18 33.17 -14.90 7.70
N PRO A 19 34.13 -15.80 7.96
CA PRO A 19 34.22 -16.39 9.30
C PRO A 19 34.69 -15.42 10.36
N PHE A 20 35.35 -14.32 9.97
CA PHE A 20 35.97 -13.41 10.91
C PHE A 20 35.38 -12.00 10.86
N THR A 21 34.47 -11.73 9.93
CA THR A 21 34.06 -10.37 9.65
C THR A 21 32.55 -10.23 9.65
N ILE A 22 32.08 -9.05 10.05
CA ILE A 22 30.67 -8.67 9.99
C ILE A 22 30.60 -7.24 9.46
N LEU A 23 29.78 -7.03 8.43
CA LEU A 23 29.57 -5.71 7.87
C LEU A 23 28.35 -5.06 8.53
N VAL A 24 28.55 -3.90 9.13
CA VAL A 24 27.50 -3.17 9.84
C VAL A 24 27.17 -1.91 9.07
N ARG A 25 25.89 -1.72 8.74
CA ARG A 25 25.40 -0.48 8.16
C ARG A 25 24.44 0.19 9.14
N TRP A 26 24.37 1.52 9.05
CA TRP A 26 23.41 2.28 9.84
C TRP A 26 23.30 3.67 9.25
N LYS A 27 22.26 4.39 9.69
CA LYS A 27 22.10 5.80 9.40
C LYS A 27 22.09 6.59 10.70
N ALA A 28 22.27 7.91 10.58
CA ALA A 28 22.29 8.77 11.73
C ALA A 28 20.90 8.83 12.37
N PRO A 29 20.82 9.22 13.63
CA PRO A 29 19.52 9.57 14.21
C PRO A 29 18.95 10.80 13.52
N PRO A 30 17.66 11.07 13.71
CA PRO A 30 17.09 12.31 13.16
C PRO A 30 17.82 13.53 13.71
N LYS A 31 17.81 14.61 12.92
CA LYS A 31 18.49 15.84 13.32
C LYS A 31 18.02 16.32 14.68
N GLU A 32 16.76 16.09 15.01
CA GLU A 32 16.16 16.58 16.24
C GLU A 32 16.67 15.87 17.49
N TYR A 33 17.58 14.90 17.35
CA TYR A 33 18.08 14.14 18.47
C TYR A 33 19.59 14.22 18.60
N TRP A 34 20.24 15.13 17.87
CA TRP A 34 21.70 15.26 17.93
C TRP A 34 22.13 16.12 19.12
N HIS A 35 21.64 17.35 19.17
CA HIS A 35 21.97 18.31 20.22
C HIS A 35 23.46 18.68 20.16
N GLY A 36 23.96 18.88 18.95
CA GLY A 36 25.38 19.06 18.70
C GLY A 36 25.80 18.20 17.53
N LYS A 37 26.53 18.77 16.56
CA LYS A 37 26.86 18.03 15.35
C LYS A 37 27.66 16.78 15.68
N LEU A 38 27.25 15.66 15.10
CA LEU A 38 27.84 14.38 15.45
C LEU A 38 29.28 14.29 14.99
N LYS A 39 30.14 13.78 15.87
CA LYS A 39 31.53 13.52 15.51
C LYS A 39 31.76 12.12 14.98
N GLY A 40 30.89 11.17 15.33
CA GLY A 40 31.04 9.82 14.83
C GLY A 40 30.13 8.84 15.54
N TYR A 41 30.58 7.59 15.62
CA TYR A 41 29.78 6.51 16.19
C TYR A 41 30.68 5.51 16.88
N TYR A 42 30.12 4.77 17.83
CA TYR A 42 30.75 3.55 18.34
C TYR A 42 29.93 2.34 17.95
N VAL A 43 30.59 1.36 17.35
CA VAL A 43 29.96 0.09 16.96
C VAL A 43 30.30 -0.95 18.02
N GLY A 44 29.27 -1.43 18.72
CA GLY A 44 29.47 -2.38 19.80
C GLY A 44 29.24 -3.81 19.35
N TYR A 45 30.03 -4.73 19.91
CA TYR A 45 29.90 -6.14 19.56
C TYR A 45 30.33 -7.00 20.74
N LYS A 46 29.67 -8.14 20.88
CA LYS A 46 30.04 -9.14 21.87
C LYS A 46 29.39 -10.45 21.49
N MET A 47 29.94 -11.53 22.04
CA MET A 47 29.33 -12.84 21.86
C MET A 47 27.99 -12.88 22.57
N GLU A 48 27.00 -13.51 21.91
CA GLU A 48 25.59 -13.25 22.20
C GLU A 48 25.27 -13.29 23.69
N GLY A 49 25.47 -14.44 24.32
CA GLY A 49 25.19 -14.56 25.73
C GLY A 49 26.35 -14.27 26.67
N SER A 50 27.51 -13.92 26.14
CA SER A 50 28.72 -13.87 26.96
C SER A 50 28.51 -12.93 28.15
N PRO A 51 29.10 -13.23 29.31
CA PRO A 51 29.06 -12.28 30.43
C PRO A 51 30.03 -11.14 30.30
N GLN A 52 31.00 -11.21 29.39
CA GLN A 52 31.90 -10.10 29.16
C GLN A 52 31.13 -8.89 28.61
N PRO A 53 31.64 -7.68 28.83
CA PRO A 53 30.93 -6.49 28.35
C PRO A 53 31.13 -6.28 26.85
N TYR A 54 30.35 -5.35 26.32
CA TYR A 54 30.49 -4.97 24.92
C TYR A 54 31.86 -4.39 24.62
N SER A 55 32.39 -4.75 23.45
CA SER A 55 33.57 -4.10 22.89
C SER A 55 33.13 -3.11 21.83
N PHE A 56 33.61 -1.87 21.94
CA PHE A 56 33.18 -0.78 21.07
C PHE A 56 34.33 -0.35 20.16
N LYS A 57 34.02 -0.21 18.87
CA LYS A 57 34.95 0.35 17.89
C LYS A 57 34.54 1.76 17.56
N THR A 58 35.50 2.68 17.56
CA THR A 58 35.22 4.09 17.30
C THR A 58 35.27 4.35 15.80
N VAL A 59 34.19 4.90 15.26
CA VAL A 59 34.07 5.19 13.84
C VAL A 59 33.86 6.70 13.70
N GLU A 60 34.88 7.39 13.20
CA GLU A 60 34.79 8.83 12.98
C GLU A 60 34.01 9.10 11.70
N ALA A 61 32.90 9.82 11.81
CA ALA A 61 32.12 10.20 10.63
C ALA A 61 31.45 11.55 10.92
N MET A 62 32.08 12.63 10.47
CA MET A 62 31.42 13.92 10.50
C MET A 62 30.44 14.06 9.33
N ASN A 63 30.75 13.44 8.20
CA ASN A 63 29.86 13.47 7.05
C ASN A 63 28.62 12.63 7.32
N VAL A 64 27.45 13.25 7.18
CA VAL A 64 26.16 12.64 7.45
C VAL A 64 25.27 12.89 6.24
N ASN A 65 24.02 12.42 6.31
CA ASN A 65 23.02 12.33 5.25
C ASN A 65 23.28 11.11 4.39
N ILE A 66 24.18 10.22 4.80
CA ILE A 66 24.53 9.05 4.03
C ILE A 66 24.27 7.81 4.89
N THR A 67 24.39 6.64 4.25
CA THR A 67 24.42 5.38 4.97
C THR A 67 25.86 5.09 5.37
N HIS A 68 26.11 5.00 6.67
CA HIS A 68 27.43 4.66 7.15
C HIS A 68 27.57 3.14 7.22
N GLU A 69 28.80 2.66 7.08
CA GLU A 69 29.05 1.23 7.23
C GLU A 69 30.46 1.01 7.76
N TYR A 70 30.63 -0.10 8.47
CA TYR A 70 31.90 -0.44 9.11
C TYR A 70 32.05 -1.96 9.11
N LEU A 71 33.27 -2.42 8.86
CA LEU A 71 33.57 -3.86 8.76
C LEU A 71 34.27 -4.29 10.05
N LEU A 72 33.52 -4.92 10.94
CA LEU A 72 34.12 -5.61 12.07
C LEU A 72 34.94 -6.78 11.56
N ASN A 73 36.13 -6.96 12.12
CA ASN A 73 37.00 -8.07 11.77
C ASN A 73 37.60 -8.67 13.03
N SER A 74 38.44 -9.68 12.84
CA SER A 74 39.14 -10.35 13.94
C SER A 74 38.15 -11.01 14.90
N LEU A 75 37.11 -11.63 14.35
CA LEU A 75 36.09 -12.28 15.14
C LEU A 75 36.30 -13.80 15.11
N LYS A 76 35.42 -14.52 15.80
CA LYS A 76 35.52 -15.96 15.95
C LYS A 76 34.65 -16.67 14.91
N LYS A 77 35.15 -17.80 14.41
CA LYS A 77 34.41 -18.55 13.39
C LYS A 77 33.14 -19.15 13.98
N SER A 78 32.06 -19.06 13.20
CA SER A 78 30.81 -19.78 13.48
C SER A 78 30.30 -19.50 14.88
N THR A 79 30.24 -18.23 15.24
CA THR A 79 29.71 -17.81 16.53
C THR A 79 28.79 -16.61 16.34
N LYS A 80 27.81 -16.49 17.24
CA LYS A 80 26.80 -15.45 17.15
C LYS A 80 27.22 -14.24 17.97
N TYR A 81 27.10 -13.06 17.38
CA TYR A 81 27.35 -11.80 18.07
C TYR A 81 26.11 -10.92 18.08
N SER A 82 25.99 -10.11 19.12
CA SER A 82 24.99 -9.05 19.21
C SER A 82 25.66 -7.72 18.89
N ILE A 83 25.03 -6.93 18.01
CA ILE A 83 25.63 -5.72 17.48
C ILE A 83 24.73 -4.54 17.84
N VAL A 84 25.36 -3.44 18.28
CA VAL A 84 24.69 -2.17 18.53
C VAL A 84 25.58 -1.06 17.99
N VAL A 85 24.97 0.13 17.83
CA VAL A 85 25.67 1.32 17.37
C VAL A 85 25.19 2.51 18.20
N LYS A 86 26.13 3.35 18.62
CA LYS A 86 25.85 4.58 19.33
C LYS A 86 26.31 5.77 18.49
N ALA A 87 25.83 6.95 18.84
CA ALA A 87 26.28 8.20 18.24
C ALA A 87 26.93 9.08 19.31
N TYR A 88 27.87 9.92 18.89
CA TYR A 88 28.51 10.81 19.85
C TYR A 88 28.85 12.12 19.17
N ASN A 89 28.99 13.16 19.99
CA ASN A 89 29.35 14.49 19.53
C ASN A 89 30.33 15.08 20.54
N ALA A 90 30.45 16.41 20.56
CA ALA A 90 31.34 17.08 21.52
C ALA A 90 30.97 16.71 22.95
N ALA A 91 29.69 16.83 23.30
CA ALA A 91 29.20 16.26 24.53
C ALA A 91 29.21 14.74 24.44
N GLY A 92 28.78 14.08 25.52
CA GLY A 92 28.99 12.65 25.66
C GLY A 92 28.31 11.78 24.62
N THR A 93 28.43 10.47 24.78
CA THR A 93 27.86 9.55 23.80
C THR A 93 26.37 9.37 24.04
N GLY A 94 25.65 9.03 22.98
CA GLY A 94 24.22 8.87 23.05
C GLY A 94 23.80 7.45 23.35
N PRO A 95 22.51 7.17 23.25
CA PRO A 95 22.01 5.82 23.54
C PRO A 95 22.30 4.87 22.38
N ALA A 96 22.46 3.60 22.73
CA ALA A 96 22.73 2.59 21.71
C ALA A 96 21.45 2.17 21.00
N SER A 97 21.62 1.63 19.80
CA SER A 97 20.49 1.08 19.07
C SER A 97 20.07 -0.25 19.68
N GLN A 98 19.03 -0.85 19.10
CA GLN A 98 18.65 -2.19 19.48
C GLN A 98 19.73 -3.18 19.06
N GLU A 99 19.67 -4.37 19.64
CA GLU A 99 20.62 -5.42 19.29
C GLU A 99 20.18 -6.13 18.02
N LEU A 100 21.12 -6.32 17.10
CA LEU A 100 20.94 -7.23 15.98
C LEU A 100 21.90 -8.40 16.16
N ILE A 101 21.35 -9.60 16.22
CA ILE A 101 22.13 -10.82 16.46
C ILE A 101 22.43 -11.46 15.11
N VAL A 102 23.71 -11.67 14.83
CA VAL A 102 24.16 -12.21 13.56
C VAL A 102 25.31 -13.18 13.84
N LYS A 103 25.35 -14.26 13.06
CA LYS A 103 26.35 -15.31 13.22
C LYS A 103 27.40 -15.21 12.13
N THR A 104 28.66 -15.41 12.52
CA THR A 104 29.73 -15.46 11.55
C THR A 104 29.67 -16.76 10.74
N LEU A 105 30.28 -16.72 9.55
CA LEU A 105 30.17 -17.85 8.63
C LEU A 105 31.14 -18.95 9.03
N ASP A 106 30.98 -20.10 8.39
CA ASP A 106 31.81 -21.27 8.65
C ASP A 106 33.03 -21.34 7.73
N GLY A 107 33.18 -20.39 6.83
CA GLY A 107 34.30 -20.43 5.90
C GLY A 107 34.37 -19.15 5.10
N VAL A 108 35.44 -19.05 4.32
CA VAL A 108 35.71 -17.84 3.55
C VAL A 108 34.87 -17.82 2.29
N LEU A 109 34.34 -16.65 1.96
CA LEU A 109 33.56 -16.44 0.75
C LEU A 109 34.49 -16.20 -0.44
N PRO A 110 34.02 -16.44 -1.65
CA PRO A 110 34.86 -16.21 -2.83
C PRO A 110 35.10 -14.73 -3.07
N ARG A 111 36.21 -14.44 -3.73
CA ARG A 111 36.56 -13.06 -4.03
C ARG A 111 35.61 -12.49 -5.09
N PRO A 112 35.44 -11.18 -5.12
CA PRO A 112 34.58 -10.56 -6.15
C PRO A 112 35.17 -10.79 -7.53
N PRO A 113 34.34 -11.20 -8.49
CA PRO A 113 34.84 -11.44 -9.85
C PRO A 113 35.24 -10.14 -10.53
N SER A 114 35.81 -10.30 -11.72
CA SER A 114 36.19 -9.17 -12.57
C SER A 114 35.42 -9.27 -13.88
N VAL A 115 34.55 -8.30 -14.14
CA VAL A 115 33.67 -8.32 -15.30
C VAL A 115 34.25 -7.43 -16.38
N SER A 116 34.10 -7.86 -17.64
CA SER A 116 34.53 -7.06 -18.78
C SER A 116 33.56 -7.27 -19.93
N LEU A 117 33.36 -6.21 -20.72
CA LEU A 117 32.46 -6.25 -21.85
C LEU A 117 33.09 -6.95 -23.05
N LEU A 118 32.30 -7.77 -23.74
CA LEU A 118 32.72 -8.39 -24.98
C LEU A 118 32.13 -7.69 -26.20
N SER A 119 30.80 -7.58 -26.27
CA SER A 119 30.14 -6.98 -27.42
C SER A 119 28.74 -6.55 -27.01
N ALA A 120 28.13 -5.71 -27.85
CA ALA A 120 26.79 -5.21 -27.62
C ALA A 120 26.11 -4.94 -28.96
N SER A 121 24.84 -5.33 -29.07
CA SER A 121 24.03 -5.06 -30.25
C SER A 121 22.83 -4.21 -29.84
N ASP A 122 21.89 -4.05 -30.76
CA ASP A 122 20.68 -3.29 -30.46
C ASP A 122 19.79 -3.97 -29.43
N SER A 123 19.96 -5.28 -29.21
CA SER A 123 19.11 -5.98 -28.24
C SER A 123 19.86 -7.01 -27.42
N THR A 124 21.20 -6.98 -27.41
CA THR A 124 21.94 -7.98 -26.64
C THR A 124 23.24 -7.37 -26.13
N ILE A 125 23.77 -8.00 -25.08
CA ILE A 125 25.03 -7.59 -24.45
C ILE A 125 25.76 -8.86 -24.01
N SER A 126 27.04 -8.96 -24.36
CA SER A 126 27.86 -10.13 -24.04
C SER A 126 28.96 -9.73 -23.06
N VAL A 127 29.22 -10.59 -22.07
CA VAL A 127 30.06 -10.26 -20.93
C VAL A 127 30.94 -11.46 -20.56
N LYS A 128 32.19 -11.16 -20.21
CA LYS A 128 33.16 -12.12 -19.70
C LYS A 128 33.47 -11.81 -18.24
N TRP A 129 33.82 -12.84 -17.46
CA TRP A 129 34.28 -12.61 -16.10
C TRP A 129 35.33 -13.65 -15.73
N GLY A 130 35.96 -13.43 -14.57
CA GLY A 130 37.08 -14.26 -14.15
C GLY A 130 36.94 -14.70 -12.70
N HIS A 131 37.78 -15.68 -12.34
CA HIS A 131 37.69 -16.38 -11.06
C HIS A 131 38.58 -15.76 -9.98
N THR A 132 39.90 -15.76 -10.22
CA THR A 132 40.92 -15.53 -9.20
C THR A 132 40.56 -16.20 -7.87
N ILE A 133 40.22 -17.49 -7.96
CA ILE A 133 39.74 -18.26 -6.83
C ILE A 133 40.70 -19.42 -6.56
N SER A 134 40.57 -20.00 -5.38
CA SER A 134 41.34 -21.18 -5.01
C SER A 134 40.74 -22.44 -5.63
N PRO A 138 37.02 -23.30 -3.39
CA PRO A 138 36.29 -23.93 -4.50
C PRO A 138 34.95 -23.25 -4.78
N VAL A 139 34.83 -22.64 -5.95
CA VAL A 139 33.61 -21.93 -6.32
C VAL A 139 32.58 -22.91 -6.84
N THR A 140 31.31 -22.67 -6.50
CA THR A 140 30.22 -23.58 -6.86
C THR A 140 29.30 -23.02 -7.94
N GLY A 141 29.43 -21.74 -8.28
CA GLY A 141 28.58 -21.15 -9.28
C GLY A 141 28.60 -19.64 -9.18
N TYR A 142 27.94 -19.01 -10.15
CA TYR A 142 27.84 -17.56 -10.19
C TYR A 142 26.40 -17.14 -10.40
N THR A 143 26.18 -15.83 -10.27
CA THR A 143 24.91 -15.19 -10.55
C THR A 143 25.19 -13.88 -11.29
N LEU A 144 24.57 -13.71 -12.44
CA LEU A 144 24.70 -12.47 -13.21
C LEU A 144 23.53 -11.55 -12.90
N HIS A 145 23.84 -10.32 -12.54
CA HIS A 145 22.85 -9.31 -12.19
C HIS A 145 22.83 -8.24 -13.26
N TYR A 146 21.64 -7.92 -13.77
CA TYR A 146 21.53 -6.90 -14.80
C TYR A 146 20.23 -6.13 -14.60
N ARG A 147 20.20 -4.95 -15.19
CA ARG A 147 19.05 -4.05 -15.13
C ARG A 147 19.25 -2.99 -16.20
N LYS A 148 18.14 -2.33 -16.56
CA LYS A 148 18.26 -1.04 -17.24
C LYS A 148 18.41 0.04 -16.18
N LYS A 149 19.22 1.06 -16.51
CA LYS A 149 19.62 2.10 -15.56
C LYS A 149 18.46 2.61 -14.70
N VAL A 150 17.29 2.77 -15.32
CA VAL A 150 16.13 3.28 -14.62
C VAL A 150 15.30 2.19 -13.95
N GLY A 151 15.65 0.91 -14.15
CA GLY A 151 14.84 -0.19 -13.72
C GLY A 151 15.39 -0.92 -12.52
N HIS A 152 14.91 -2.14 -12.32
CA HIS A 152 15.23 -2.96 -11.16
C HIS A 152 16.15 -4.11 -11.57
N TRP A 153 16.85 -4.66 -10.58
CA TRP A 153 17.83 -5.70 -10.83
C TRP A 153 17.17 -7.05 -11.10
N LEU A 154 17.58 -7.70 -12.19
CA LEU A 154 17.19 -9.06 -12.51
C LEU A 154 18.39 -9.99 -12.34
N HIS A 155 18.11 -11.26 -12.11
CA HIS A 155 19.12 -12.23 -11.70
C HIS A 155 19.12 -13.42 -12.63
N VAL A 156 20.31 -13.85 -13.04
CA VAL A 156 20.49 -15.05 -13.84
C VAL A 156 21.42 -15.99 -13.08
N PRO A 157 20.87 -16.98 -12.37
CA PRO A 157 21.73 -17.96 -11.70
C PRO A 157 22.46 -18.83 -12.72
N LEU A 158 23.71 -19.17 -12.38
CA LEU A 158 24.59 -19.83 -13.31
C LEU A 158 25.39 -20.91 -12.60
N LEU A 159 25.97 -21.80 -13.40
CA LEU A 159 26.79 -22.90 -12.92
C LEU A 159 28.26 -22.61 -13.20
N ALA A 160 29.13 -23.03 -12.29
CA ALA A 160 30.57 -22.89 -12.50
C ALA A 160 31.08 -23.77 -13.63
N SER A 161 30.35 -24.84 -13.97
CA SER A 161 30.81 -25.76 -15.00
C SER A 161 30.77 -25.11 -16.38
N ASP A 162 29.90 -24.13 -16.59
CA ASP A 162 29.84 -23.47 -17.90
C ASP A 162 31.07 -22.60 -18.11
N GLN A 163 31.25 -22.15 -19.34
CA GLN A 163 32.24 -21.12 -19.60
C GLN A 163 31.78 -19.82 -18.95
N THR A 164 32.73 -19.08 -18.35
CA THR A 164 32.40 -17.88 -17.60
C THR A 164 32.13 -16.71 -18.54
N ARG A 165 31.11 -16.90 -19.38
CA ARG A 165 30.66 -15.89 -20.35
C ARG A 165 29.15 -16.00 -20.46
N TYR A 166 28.51 -14.89 -20.78
CA TYR A 166 27.06 -14.89 -20.89
C TYR A 166 26.62 -13.75 -21.80
N THR A 167 25.49 -13.98 -22.48
CA THR A 167 24.95 -13.02 -23.44
C THR A 167 23.50 -12.73 -23.08
N LEU A 168 23.24 -11.52 -22.61
CA LEU A 168 21.87 -11.11 -22.31
C LEU A 168 21.13 -10.84 -23.61
N THR A 169 19.89 -11.34 -23.71
CA THR A 169 19.11 -11.23 -24.94
C THR A 169 17.75 -10.64 -24.63
N GLY A 170 17.10 -10.12 -25.68
CA GLY A 170 15.80 -9.52 -25.56
C GLY A 170 15.79 -8.18 -24.84
N LEU A 171 16.73 -7.31 -25.16
CA LEU A 171 16.89 -6.04 -24.46
C LEU A 171 16.39 -4.89 -25.31
N ASP A 172 16.04 -3.79 -24.63
CA ASP A 172 15.63 -2.59 -25.34
C ASP A 172 16.82 -1.95 -26.04
N SER A 173 16.55 -1.26 -27.13
CA SER A 173 17.58 -0.58 -27.88
C SER A 173 17.77 0.85 -27.39
N ASP A 174 18.98 1.37 -27.59
CA ASP A 174 19.37 2.69 -27.10
C ASP A 174 19.06 2.85 -25.61
N THR A 175 19.41 1.83 -24.84
CA THR A 175 19.15 1.81 -23.40
C THR A 175 20.42 1.38 -22.69
N THR A 176 20.78 2.11 -21.64
CA THR A 176 21.95 1.78 -20.84
C THR A 176 21.59 0.72 -19.80
N TYR A 177 22.30 -0.40 -19.83
CA TYR A 177 22.17 -1.44 -18.81
C TYR A 177 23.38 -1.49 -17.90
N ASN A 178 23.12 -1.85 -16.64
CA ASN A 178 24.17 -2.08 -15.65
C ASN A 178 24.26 -3.57 -15.37
N VAL A 179 25.47 -4.09 -15.27
CA VAL A 179 25.71 -5.52 -15.12
C VAL A 179 26.81 -5.74 -14.08
N TYR A 180 26.63 -6.76 -13.24
CA TYR A 180 27.68 -7.22 -12.34
C TYR A 180 27.43 -8.68 -11.99
N VAL A 181 28.48 -9.32 -11.48
CA VAL A 181 28.48 -10.76 -11.21
C VAL A 181 28.89 -11.01 -9.77
N THR A 182 28.27 -12.01 -9.15
CA THR A 182 28.65 -12.48 -7.83
C THR A 182 29.03 -13.95 -7.91
N ALA A 183 29.96 -14.35 -7.06
CA ALA A 183 30.40 -15.74 -6.97
C ALA A 183 29.72 -16.42 -5.78
N ASN A 184 29.68 -17.75 -5.84
CA ASN A 184 28.88 -18.54 -4.91
C ASN A 184 29.74 -19.67 -4.36
N ASN A 185 29.46 -20.05 -3.11
CA ASN A 185 30.27 -21.00 -2.36
C ASN A 185 29.36 -21.83 -1.47
N ARG A 186 29.91 -22.89 -0.85
CA ARG A 186 29.13 -23.61 0.15
C ARG A 186 28.84 -22.72 1.35
N TYR A 187 29.71 -21.74 1.61
CA TYR A 187 29.56 -20.88 2.77
C TYR A 187 28.70 -19.67 2.49
N GLY A 188 28.46 -19.32 1.24
CA GLY A 188 27.55 -18.24 0.91
C GLY A 188 27.96 -17.52 -0.36
N ARG A 189 27.50 -16.28 -0.45
CA ARG A 189 27.61 -15.47 -1.66
C ARG A 189 28.68 -14.40 -1.45
N GLY A 190 29.67 -14.36 -2.34
CA GLY A 190 30.74 -13.40 -2.24
C GLY A 190 30.33 -11.99 -2.63
N ASP A 191 31.25 -11.05 -2.41
CA ASP A 191 31.00 -9.65 -2.74
C ASP A 191 30.80 -9.49 -4.25
N PRO A 192 30.09 -8.44 -4.67
CA PRO A 192 29.84 -8.24 -6.09
C PRO A 192 31.05 -7.66 -6.81
N SER A 193 31.06 -7.89 -8.13
CA SER A 193 32.02 -7.23 -8.99
C SER A 193 31.63 -5.78 -9.21
N GLY A 194 32.54 -5.02 -9.83
CA GLY A 194 32.20 -3.68 -10.25
C GLY A 194 31.10 -3.69 -11.29
N ILE A 195 30.32 -2.61 -11.30
CA ILE A 195 29.15 -2.52 -12.16
C ILE A 195 29.58 -2.04 -13.54
N LEU A 196 29.32 -2.85 -14.55
CA LEU A 196 29.57 -2.50 -15.94
C LEU A 196 28.37 -1.78 -16.52
N SER A 197 28.60 -0.60 -17.10
CA SER A 197 27.57 0.15 -17.78
C SER A 197 27.86 0.16 -19.27
N VAL A 198 26.83 -0.12 -20.09
CA VAL A 198 26.97 -0.09 -21.54
C VAL A 198 25.58 0.12 -22.13
N ARG A 199 25.53 0.86 -23.23
CA ARG A 199 24.29 1.16 -23.93
C ARG A 199 24.12 0.25 -25.13
N THR A 200 22.89 -0.23 -25.35
CA THR A 200 22.60 -1.02 -26.52
C THR A 200 22.53 -0.14 -27.76
N GLY A 201 22.84 -0.72 -28.91
CA GLY A 201 22.81 0.02 -30.15
C GLY A 201 21.41 0.43 -30.55
N ASP A 202 21.35 1.40 -31.47
CA ASP A 202 20.07 1.91 -31.94
C ASP A 202 19.33 0.86 -32.76
N GLY B 1 12.11 -24.34 13.40
CA GLY B 1 10.90 -24.42 14.20
C GLY B 1 10.83 -23.37 15.29
N ALA B 2 10.51 -23.80 16.50
CA ALA B 2 10.50 -22.90 17.64
C ALA B 2 11.91 -22.40 17.92
N SER B 3 12.09 -21.08 17.91
CA SER B 3 13.41 -20.46 18.02
C SER B 3 13.35 -19.33 19.04
N GLU B 4 14.52 -18.74 19.30
CA GLU B 4 14.58 -17.57 20.15
C GLU B 4 13.77 -16.44 19.53
N PRO B 5 13.26 -15.51 20.33
CA PRO B 5 12.60 -14.33 19.77
C PRO B 5 13.56 -13.56 18.87
N SER B 6 13.01 -12.97 17.82
CA SER B 6 13.80 -12.23 16.84
C SER B 6 13.54 -10.73 16.89
N GLY B 7 12.81 -10.26 17.89
CA GLY B 7 12.49 -8.85 18.01
C GLY B 7 12.57 -8.36 19.44
N PRO B 8 12.83 -7.07 19.61
CA PRO B 8 12.93 -6.50 20.96
C PRO B 8 11.55 -6.14 21.49
N PRO B 9 11.40 -6.02 22.81
CA PRO B 9 10.14 -5.52 23.37
C PRO B 9 9.84 -4.11 22.86
N THR B 10 8.55 -3.78 22.83
CA THR B 10 8.09 -2.53 22.25
C THR B 10 7.59 -1.58 23.34
N ASP B 11 7.46 -0.31 22.95
CA ASP B 11 6.93 0.75 23.81
C ASP B 11 7.67 0.79 25.15
N LEU B 12 8.99 0.86 25.07
CA LEU B 12 9.81 0.90 26.27
C LEU B 12 9.73 2.28 26.92
N TRP B 13 9.55 2.30 28.24
CA TRP B 13 9.43 3.54 28.99
C TRP B 13 10.13 3.39 30.33
N VAL B 14 10.98 4.37 30.67
CA VAL B 14 11.71 4.36 31.93
C VAL B 14 11.42 5.66 32.67
N GLU B 15 11.41 5.59 34.00
CA GLU B 15 11.14 6.76 34.84
C GLU B 15 11.71 6.48 36.22
N SER B 16 12.57 7.37 36.71
CA SER B 16 13.14 7.22 38.04
C SER B 16 12.11 7.69 39.08
N ARG B 17 11.88 6.87 40.08
CA ARG B 17 10.91 7.17 41.14
C ARG B 17 11.58 7.43 42.48
N GLY B 18 12.84 7.87 42.46
CA GLY B 18 13.57 8.14 43.68
C GLY B 18 15.07 8.12 43.45
N PRO B 19 15.84 8.32 44.51
CA PRO B 19 17.31 8.26 44.36
C PRO B 19 17.82 6.87 44.04
N PHE B 20 17.08 5.83 44.42
CA PHE B 20 17.58 4.46 44.37
C PHE B 20 16.80 3.59 43.39
N THR B 21 15.72 4.10 42.79
CA THR B 21 14.79 3.26 42.05
C THR B 21 14.52 3.84 40.66
N ILE B 22 14.28 2.94 39.71
CA ILE B 22 13.85 3.29 38.36
C ILE B 22 12.72 2.36 37.97
N LEU B 23 11.61 2.93 37.49
CA LEU B 23 10.47 2.16 37.04
C LEU B 23 10.57 1.98 35.52
N VAL B 24 10.57 0.72 35.08
CA VAL B 24 10.68 0.38 33.66
C VAL B 24 9.36 -0.22 33.20
N ARG B 25 8.78 0.35 32.16
CA ARG B 25 7.60 -0.23 31.52
C ARG B 25 7.94 -0.62 30.09
N TRP B 26 7.28 -1.66 29.60
CA TRP B 26 7.46 -2.13 28.24
C TRP B 26 6.28 -3.02 27.87
N LYS B 27 6.17 -3.31 26.58
CA LYS B 27 5.21 -4.28 26.07
C LYS B 27 5.95 -5.36 25.32
N ALA B 28 5.24 -6.45 25.05
CA ALA B 28 5.83 -7.56 24.31
C ALA B 28 6.16 -7.15 22.89
N PRO B 29 7.09 -7.85 22.25
CA PRO B 29 7.26 -7.69 20.81
C PRO B 29 6.04 -8.22 20.07
N PRO B 30 5.87 -7.86 18.81
CA PRO B 30 4.75 -8.41 18.04
C PRO B 30 4.77 -9.93 18.02
N LYS B 31 3.59 -10.53 17.89
CA LYS B 31 3.47 -11.99 17.95
C LYS B 31 4.29 -12.67 16.87
N GLU B 32 4.49 -11.99 15.73
CA GLU B 32 5.23 -12.55 14.61
C GLU B 32 6.72 -12.67 14.89
N TYR B 33 7.19 -12.29 16.08
CA TYR B 33 8.61 -12.31 16.40
C TYR B 33 8.90 -13.13 17.65
N TRP B 34 7.92 -13.90 18.14
CA TRP B 34 8.12 -14.72 19.34
C TRP B 34 8.82 -16.03 19.00
N HIS B 35 8.25 -16.79 18.06
CA HIS B 35 8.76 -18.10 17.67
C HIS B 35 8.72 -19.06 18.85
N GLY B 36 7.63 -19.00 19.62
CA GLY B 36 7.50 -19.75 20.85
C GLY B 36 6.97 -18.87 21.96
N LYS B 37 6.02 -19.38 22.76
CA LYS B 37 5.40 -18.57 23.79
C LYS B 37 6.43 -18.00 24.75
N LEU B 38 6.34 -16.69 24.99
CA LEU B 38 7.30 -16.01 25.85
C LEU B 38 7.15 -16.47 27.29
N LYS B 39 8.28 -16.73 27.93
CA LYS B 39 8.30 -17.09 29.35
C LYS B 39 8.52 -15.89 30.25
N GLY B 40 9.18 -14.85 29.76
CA GLY B 40 9.41 -13.67 30.56
C GLY B 40 10.34 -12.71 29.85
N TYR B 41 10.96 -11.84 30.64
CA TYR B 41 11.88 -10.84 30.11
C TYR B 41 13.05 -10.63 31.05
N TYR B 42 14.13 -10.07 30.49
CA TYR B 42 15.32 -9.67 31.24
C TYR B 42 15.45 -8.15 31.14
N VAL B 43 15.53 -7.49 32.29
CA VAL B 43 15.67 -6.04 32.36
C VAL B 43 17.14 -5.74 32.66
N GLY B 44 17.83 -5.12 31.71
CA GLY B 44 19.25 -4.84 31.84
C GLY B 44 19.50 -3.40 32.28
N TYR B 45 20.54 -3.22 33.09
CA TYR B 45 20.89 -1.90 33.59
C TYR B 45 22.37 -1.84 33.91
N LYS B 46 22.94 -0.65 33.77
CA LYS B 46 24.32 -0.36 34.10
C LYS B 46 24.48 1.15 34.10
N MET B 47 25.51 1.62 34.78
CA MET B 47 25.84 3.04 34.73
C MET B 47 26.31 3.40 33.33
N GLU B 48 25.97 4.62 32.90
CA GLU B 48 25.91 4.96 31.47
C GLU B 48 27.16 4.52 30.72
N GLY B 49 28.32 5.06 31.07
CA GLY B 49 29.54 4.71 30.39
C GLY B 49 30.37 3.63 31.04
N SER B 50 29.90 3.02 32.11
CA SER B 50 30.74 2.15 32.92
C SER B 50 31.35 1.05 32.05
N PRO B 51 32.58 0.63 32.33
CA PRO B 51 33.16 -0.53 31.64
C PRO B 51 32.62 -1.86 32.13
N GLN B 52 31.89 -1.87 33.25
CA GLN B 52 31.28 -3.09 33.74
C GLN B 52 30.15 -3.53 32.79
N PRO B 53 29.87 -4.82 32.72
CA PRO B 53 28.81 -5.30 31.83
C PRO B 53 27.43 -5.01 32.41
N TYR B 54 26.43 -5.20 31.55
CA TYR B 54 25.03 -5.06 31.98
C TYR B 54 24.68 -6.06 33.06
N SER B 55 23.92 -5.60 34.05
CA SER B 55 23.28 -6.46 35.03
C SER B 55 21.83 -6.67 34.61
N PHE B 56 21.41 -7.92 34.56
CA PHE B 56 20.08 -8.29 34.08
C PHE B 56 19.23 -8.83 35.22
N LYS B 57 18.00 -8.34 35.32
CA LYS B 57 17.01 -8.83 36.26
C LYS B 57 15.98 -9.67 35.52
N THR B 58 15.72 -10.87 36.02
CA THR B 58 14.79 -11.79 35.37
C THR B 58 13.37 -11.49 35.82
N VAL B 59 12.48 -11.28 34.85
CA VAL B 59 11.08 -10.98 35.12
C VAL B 59 10.23 -12.06 34.44
N GLU B 60 9.66 -12.95 35.23
CA GLU B 60 8.75 -13.96 34.69
C GLU B 60 7.41 -13.33 34.37
N ALA B 61 6.95 -13.51 33.13
CA ALA B 61 5.67 -12.93 32.70
C ALA B 61 5.03 -13.90 31.72
N MET B 62 4.14 -14.77 32.23
CA MET B 62 3.36 -15.63 31.36
C MET B 62 2.17 -14.90 30.76
N ASN B 63 1.59 -13.95 31.52
CA ASN B 63 0.62 -13.03 30.94
C ASN B 63 1.32 -12.02 30.05
N VAL B 64 0.96 -11.98 28.77
CA VAL B 64 1.67 -11.20 27.76
C VAL B 64 0.76 -10.22 27.03
N ASN B 65 -0.53 -10.21 27.32
CA ASN B 65 -1.47 -9.30 26.69
C ASN B 65 -1.55 -7.93 27.36
N ILE B 66 -0.54 -7.57 28.16
CA ILE B 66 -0.62 -6.41 29.03
C ILE B 66 0.63 -5.55 28.86
N THR B 67 0.63 -4.41 29.54
CA THR B 67 1.83 -3.60 29.69
C THR B 67 2.57 -4.05 30.95
N HIS B 68 3.80 -4.51 30.79
CA HIS B 68 4.59 -4.99 31.90
C HIS B 68 5.36 -3.83 32.53
N GLU B 69 5.71 -4.00 33.81
CA GLU B 69 6.58 -3.03 34.46
C GLU B 69 7.37 -3.72 35.56
N TYR B 70 8.53 -3.12 35.86
CA TYR B 70 9.45 -3.65 36.87
C TYR B 70 10.17 -2.48 37.51
N LEU B 71 10.39 -2.58 38.83
CA LEU B 71 11.00 -1.51 39.61
C LEU B 71 12.42 -1.91 39.97
N LEU B 72 13.39 -1.37 39.25
CA LEU B 72 14.78 -1.51 39.64
C LEU B 72 15.02 -0.75 40.94
N ASN B 73 15.76 -1.36 41.86
CA ASN B 73 16.05 -0.74 43.14
C ASN B 73 17.52 -0.96 43.48
N SER B 74 17.91 -0.43 44.65
CA SER B 74 19.28 -0.56 45.15
C SER B 74 20.28 0.08 44.21
N LEU B 75 19.91 1.22 43.63
CA LEU B 75 20.77 1.96 42.72
C LEU B 75 21.45 3.09 43.47
N LYS B 76 22.32 3.81 42.78
CA LYS B 76 23.05 4.92 43.36
C LYS B 76 22.34 6.24 43.08
N LYS B 77 22.52 7.18 43.99
CA LYS B 77 21.83 8.47 43.89
C LYS B 77 22.48 9.37 42.84
N SER B 78 21.64 10.03 42.05
CA SER B 78 22.07 11.09 41.14
C SER B 78 23.08 10.60 40.11
N THR B 79 22.78 9.47 39.48
CA THR B 79 23.64 8.92 38.45
C THR B 79 22.82 8.31 37.33
N LYS B 80 23.40 8.33 36.13
CA LYS B 80 22.71 7.94 34.90
C LYS B 80 22.92 6.46 34.62
N TYR B 81 21.83 5.76 34.29
CA TYR B 81 21.89 4.38 33.87
C TYR B 81 21.34 4.19 32.47
N SER B 82 21.84 3.17 31.79
CA SER B 82 21.33 2.72 30.51
C SER B 82 20.45 1.50 30.74
N ILE B 83 19.25 1.52 30.16
CA ILE B 83 18.24 0.49 30.39
C ILE B 83 17.89 -0.18 29.08
N VAL B 84 17.85 -1.51 29.08
CA VAL B 84 17.36 -2.30 27.96
C VAL B 84 16.48 -3.42 28.50
N VAL B 85 15.68 -4.01 27.62
CA VAL B 85 14.82 -5.15 27.96
C VAL B 85 14.91 -6.17 26.85
N LYS B 86 15.02 -7.45 27.23
CA LYS B 86 15.02 -8.56 26.30
C LYS B 86 13.83 -9.46 26.59
N ALA B 87 13.39 -10.21 25.58
CA ALA B 87 12.38 -11.23 25.74
C ALA B 87 13.02 -12.60 25.60
N TYR B 88 12.46 -13.60 26.30
CA TYR B 88 12.97 -14.95 26.21
C TYR B 88 11.83 -15.95 26.24
N ASN B 89 12.06 -17.11 25.64
CA ASN B 89 11.11 -18.20 25.61
C ASN B 89 11.88 -19.49 25.88
N ALA B 90 11.23 -20.63 25.63
CA ALA B 90 11.87 -21.92 25.90
C ALA B 90 13.16 -22.09 25.11
N ALA B 91 13.21 -21.55 23.88
CA ALA B 91 14.39 -21.76 23.05
C ALA B 91 15.56 -20.89 23.50
N GLY B 92 15.29 -19.70 24.03
CA GLY B 92 16.35 -18.84 24.51
C GLY B 92 15.88 -17.40 24.55
N THR B 93 16.85 -16.51 24.68
CA THR B 93 16.61 -15.08 24.83
C THR B 93 16.75 -14.37 23.48
N GLY B 94 15.96 -13.32 23.30
CA GLY B 94 15.97 -12.58 22.07
C GLY B 94 16.84 -11.34 22.13
N PRO B 95 16.73 -10.49 21.11
CA PRO B 95 17.54 -9.26 21.09
C PRO B 95 17.02 -8.23 22.08
N ALA B 96 17.94 -7.41 22.55
CA ALA B 96 17.59 -6.35 23.50
C ALA B 96 16.98 -5.17 22.76
N SER B 97 16.18 -4.39 23.50
CA SER B 97 15.63 -3.15 22.97
C SER B 97 16.74 -2.11 22.86
N GLN B 98 16.36 -0.93 22.36
CA GLN B 98 17.28 0.19 22.37
C GLN B 98 17.55 0.64 23.80
N GLU B 99 18.63 1.38 23.97
CA GLU B 99 18.95 1.91 25.29
C GLU B 99 18.11 3.15 25.59
N LEU B 100 17.56 3.20 26.79
CA LEU B 100 16.99 4.42 27.35
C LEU B 100 17.84 4.85 28.52
N ILE B 101 18.41 6.05 28.43
CA ILE B 101 19.29 6.58 29.46
C ILE B 101 18.45 7.44 30.40
N VAL B 102 18.46 7.10 31.68
CA VAL B 102 17.65 7.78 32.69
C VAL B 102 18.51 7.98 33.93
N LYS B 103 18.34 9.14 34.57
CA LYS B 103 19.10 9.50 35.76
C LYS B 103 18.25 9.33 37.01
N THR B 104 18.85 8.79 38.06
CA THR B 104 18.19 8.70 39.35
C THR B 104 18.06 10.08 39.98
N LEU B 105 17.09 10.22 40.86
CA LEU B 105 16.79 11.51 41.45
C LEU B 105 17.79 11.85 42.55
N ASP B 106 17.79 13.12 42.94
CA ASP B 106 18.68 13.61 43.99
C ASP B 106 18.03 13.61 45.36
N GLY B 107 16.84 13.01 45.49
CA GLY B 107 16.16 13.00 46.77
C GLY B 107 14.89 12.18 46.66
N VAL B 108 14.32 11.88 47.83
CA VAL B 108 13.14 11.04 47.89
C VAL B 108 11.91 11.85 47.53
N LEU B 109 10.97 11.21 46.85
CA LEU B 109 9.69 11.81 46.49
C LEU B 109 8.68 11.62 47.61
N PRO B 110 7.64 12.45 47.67
CA PRO B 110 6.60 12.23 48.68
C PRO B 110 5.84 10.94 48.44
N ARG B 111 5.36 10.37 49.53
CA ARG B 111 4.52 9.19 49.43
C ARG B 111 3.17 9.56 48.82
N PRO B 112 2.49 8.62 48.17
CA PRO B 112 1.19 8.93 47.58
C PRO B 112 0.18 9.31 48.65
N PRO B 113 -0.58 10.38 48.43
CA PRO B 113 -1.59 10.80 49.41
C PRO B 113 -2.71 9.77 49.52
N SER B 114 -3.57 9.99 50.50
CA SER B 114 -4.76 9.18 50.70
C SER B 114 -5.98 10.09 50.59
N VAL B 115 -6.79 9.88 49.56
CA VAL B 115 -7.93 10.74 49.29
C VAL B 115 -9.19 10.08 49.85
N SER B 116 -10.19 10.91 50.14
CA SER B 116 -11.47 10.43 50.62
C SER B 116 -12.54 11.45 50.28
N LEU B 117 -13.76 10.97 50.04
CA LEU B 117 -14.86 11.83 49.66
C LEU B 117 -15.47 12.51 50.88
N LEU B 118 -15.77 13.80 50.72
CA LEU B 118 -16.49 14.55 51.75
C LEU B 118 -17.97 14.68 51.43
N SER B 119 -18.30 15.21 50.26
CA SER B 119 -19.69 15.40 49.86
C SER B 119 -19.75 15.51 48.34
N ALA B 120 -20.95 15.32 47.81
CA ALA B 120 -21.19 15.43 46.37
C ALA B 120 -22.59 15.96 46.14
N SER B 121 -22.70 16.92 45.23
CA SER B 121 -23.98 17.54 44.87
C SER B 121 -24.26 17.28 43.39
N ASP B 122 -25.29 17.95 42.87
CA ASP B 122 -25.61 17.80 41.46
C ASP B 122 -24.58 18.43 40.55
N SER B 123 -23.74 19.34 41.06
CA SER B 123 -22.71 19.97 40.22
C SER B 123 -21.39 20.16 40.95
N THR B 124 -21.20 19.59 42.14
CA THR B 124 -19.96 19.77 42.89
C THR B 124 -19.53 18.46 43.53
N ILE B 125 -18.22 18.35 43.77
CA ILE B 125 -17.62 17.22 44.50
C ILE B 125 -16.52 17.77 45.39
N SER B 126 -16.56 17.43 46.67
CA SER B 126 -15.59 17.92 47.65
C SER B 126 -14.82 16.74 48.22
N VAL B 127 -13.49 16.89 48.30
CA VAL B 127 -12.60 15.79 48.68
C VAL B 127 -11.58 16.27 49.70
N LYS B 128 -11.14 15.34 50.55
CA LYS B 128 -10.07 15.54 51.51
C LYS B 128 -8.92 14.59 51.21
N TRP B 129 -7.70 14.97 51.60
CA TRP B 129 -6.55 14.10 51.42
C TRP B 129 -5.53 14.33 52.53
N GLY B 130 -4.51 13.48 52.56
CA GLY B 130 -3.33 13.74 53.37
C GLY B 130 -2.86 12.64 54.30
N HIS B 131 -3.79 11.91 54.90
CA HIS B 131 -3.42 10.96 55.96
C HIS B 131 -2.95 9.63 55.42
N PRO B 138 9.36 16.74 55.16
CA PRO B 138 8.44 17.82 54.79
C PRO B 138 8.49 18.09 53.29
N VAL B 139 7.39 17.80 52.60
CA VAL B 139 7.30 17.88 51.14
C VAL B 139 6.07 18.69 50.79
N THR B 140 6.24 19.68 49.90
CA THR B 140 5.29 20.76 49.73
C THR B 140 4.70 20.77 48.32
N GLY B 141 3.38 20.88 48.25
CA GLY B 141 2.67 21.12 47.00
C GLY B 141 1.93 19.89 46.50
N TYR B 142 0.69 20.09 46.05
CA TYR B 142 -0.11 19.03 45.48
C TYR B 142 -0.74 19.45 44.16
N THR B 143 -1.27 18.45 43.45
CA THR B 143 -2.06 18.64 42.24
C THR B 143 -3.22 17.66 42.28
N LEU B 144 -4.44 18.16 42.10
CA LEU B 144 -5.62 17.31 42.05
C LEU B 144 -5.97 17.04 40.59
N HIS B 145 -6.26 15.78 40.29
CA HIS B 145 -6.57 15.34 38.94
C HIS B 145 -8.01 14.84 38.92
N TYR B 146 -8.80 15.31 37.96
CA TYR B 146 -10.20 14.91 37.86
C TYR B 146 -10.59 14.81 36.40
N ARG B 147 -11.66 14.06 36.16
CA ARG B 147 -12.18 13.85 34.81
C ARG B 147 -13.58 13.29 34.92
N LYS B 148 -14.33 13.38 33.83
CA LYS B 148 -15.48 12.52 33.63
C LYS B 148 -14.97 11.14 33.22
N LYS B 149 -15.68 10.09 33.65
CA LYS B 149 -15.27 8.73 33.33
C LYS B 149 -14.97 8.55 31.84
N VAL B 150 -15.75 9.21 30.99
CA VAL B 150 -15.58 9.10 29.54
C VAL B 150 -14.63 10.14 28.97
N GLY B 151 -14.14 11.08 29.79
CA GLY B 151 -13.41 12.22 29.30
C GLY B 151 -11.92 12.15 29.60
N HIS B 152 -11.29 13.32 29.56
CA HIS B 152 -9.85 13.46 29.72
C HIS B 152 -9.51 14.06 31.09
N TRP B 153 -8.30 13.79 31.55
CA TRP B 153 -7.86 14.24 32.87
C TRP B 153 -7.56 15.73 32.84
N LEU B 154 -8.15 16.47 33.78
CA LEU B 154 -7.85 17.87 34.02
C LEU B 154 -7.08 18.02 35.33
N HIS B 155 -6.35 19.13 35.45
CA HIS B 155 -5.41 19.33 36.53
C HIS B 155 -5.68 20.67 37.21
N VAL B 156 -5.70 20.66 38.53
CA VAL B 156 -5.74 21.88 39.32
C VAL B 156 -4.52 21.90 40.25
N PRO B 157 -3.49 22.66 39.91
CA PRO B 157 -2.32 22.76 40.78
C PRO B 157 -2.66 23.48 42.07
N LEU B 158 -1.95 23.11 43.14
CA LEU B 158 -2.31 23.58 44.47
C LEU B 158 -1.05 23.85 45.28
N LEU B 159 -1.23 24.62 46.35
CA LEU B 159 -0.17 24.94 47.30
C LEU B 159 -0.36 24.14 48.59
N ALA B 160 0.75 23.78 49.22
CA ALA B 160 0.70 23.06 50.48
C ALA B 160 0.27 23.98 51.62
N GLN B 163 -2.97 23.71 51.92
CA GLN B 163 -4.36 23.28 52.01
C GLN B 163 -4.49 21.80 51.64
N THR B 164 -5.45 21.13 52.28
CA THR B 164 -5.66 19.70 52.09
C THR B 164 -7.12 19.36 51.79
N ARG B 165 -7.90 20.32 51.30
CA ARG B 165 -9.28 20.08 50.90
C ARG B 165 -9.54 20.83 49.60
N TYR B 166 -10.52 20.35 48.83
CA TYR B 166 -10.85 21.02 47.58
C TYR B 166 -12.24 20.60 47.14
N THR B 167 -12.95 21.52 46.49
CA THR B 167 -14.29 21.27 45.97
C THR B 167 -14.30 21.61 44.48
N LEU B 168 -14.54 20.60 43.64
CA LEU B 168 -14.74 20.83 42.22
C LEU B 168 -16.12 21.43 41.99
N THR B 169 -16.20 22.46 41.15
CA THR B 169 -17.45 23.17 40.91
C THR B 169 -17.72 23.27 39.41
N GLY B 170 -19.00 23.42 39.08
CA GLY B 170 -19.43 23.51 37.70
C GLY B 170 -19.41 22.19 36.94
N LEU B 171 -19.91 21.12 37.56
CA LEU B 171 -19.86 19.78 36.99
C LEU B 171 -21.21 19.38 36.39
N ASP B 172 -21.17 18.42 35.49
CA ASP B 172 -22.39 17.86 34.93
C ASP B 172 -23.11 17.00 35.96
N SER B 173 -24.43 16.94 35.84
CA SER B 173 -25.25 16.12 36.72
C SER B 173 -25.33 14.69 36.20
N ASP B 174 -25.56 13.77 37.14
CA ASP B 174 -25.68 12.33 36.85
C ASP B 174 -24.49 11.86 36.01
N THR B 175 -23.29 12.26 36.44
CA THR B 175 -22.07 11.95 35.72
C THR B 175 -21.03 11.46 36.71
N THR B 176 -20.40 10.32 36.40
CA THR B 176 -19.37 9.76 37.27
C THR B 176 -18.04 10.43 36.97
N TYR B 177 -17.44 11.03 37.98
CA TYR B 177 -16.09 11.59 37.87
C TYR B 177 -15.08 10.74 38.64
N ASN B 178 -13.86 10.73 38.13
CA ASN B 178 -12.74 10.08 38.78
C ASN B 178 -11.76 11.15 39.27
N VAL B 179 -11.26 10.98 40.49
CA VAL B 179 -10.42 11.97 41.13
C VAL B 179 -9.24 11.28 41.81
N TYR B 180 -8.07 11.90 41.72
CA TYR B 180 -6.91 11.46 42.50
C TYR B 180 -5.97 12.64 42.69
N VAL B 181 -5.06 12.49 43.65
CA VAL B 181 -4.16 13.56 44.06
C VAL B 181 -2.72 13.10 43.94
N THR B 182 -1.84 14.03 43.59
CA THR B 182 -0.41 13.84 43.61
C THR B 182 0.25 14.98 44.36
N ALA B 183 1.23 14.65 45.19
CA ALA B 183 2.09 15.65 45.80
C ALA B 183 3.40 15.72 45.03
N ASN B 184 4.01 16.90 45.03
CA ASN B 184 5.31 17.09 44.39
C ASN B 184 6.30 17.63 45.40
N ASN B 185 7.52 17.83 44.93
CA ASN B 185 8.67 18.02 45.81
C ASN B 185 9.67 18.90 45.10
N ARG B 186 10.70 19.30 45.82
CA ARG B 186 11.87 19.88 45.17
C ARG B 186 12.52 18.89 44.22
N TYR B 187 12.30 17.59 44.45
CA TYR B 187 12.89 16.54 43.65
C TYR B 187 11.97 16.00 42.58
N GLY B 188 10.67 16.24 42.67
CA GLY B 188 9.77 15.82 41.62
C GLY B 188 8.40 15.49 42.17
N ARG B 189 7.64 14.75 41.35
CA ARG B 189 6.24 14.46 41.61
C ARG B 189 6.10 13.03 42.12
N GLY B 190 5.47 12.86 43.28
CA GLY B 190 5.30 11.56 43.87
C GLY B 190 4.23 10.73 43.17
N ASP B 191 4.12 9.48 43.61
CA ASP B 191 3.13 8.57 43.06
C ASP B 191 1.72 9.08 43.31
N PRO B 192 0.76 8.68 42.49
CA PRO B 192 -0.61 9.14 42.67
C PRO B 192 -1.35 8.39 43.76
N SER B 193 -2.39 9.05 44.29
CA SER B 193 -3.30 8.40 45.19
C SER B 193 -4.24 7.46 44.41
N GLY B 194 -4.94 6.62 45.15
CA GLY B 194 -5.97 5.81 44.53
C GLY B 194 -7.07 6.68 43.93
N ILE B 195 -7.68 6.18 42.87
CA ILE B 195 -8.68 6.95 42.12
C ILE B 195 -10.02 6.84 42.82
N LEU B 196 -10.58 7.98 43.20
CA LEU B 196 -11.92 8.05 43.77
C LEU B 196 -12.94 8.21 42.66
N SER B 197 -13.95 7.34 42.65
CA SER B 197 -15.06 7.44 41.71
C SER B 197 -16.34 7.81 42.47
N VAL B 198 -17.06 8.79 41.93
CA VAL B 198 -18.32 9.21 42.53
C VAL B 198 -19.16 9.88 41.45
N ARG B 199 -20.47 9.67 41.53
CA ARG B 199 -21.43 10.22 40.59
C ARG B 199 -22.10 11.46 41.19
N THR B 200 -22.23 12.50 40.38
CA THR B 200 -22.96 13.68 40.82
C THR B 200 -24.46 13.40 40.85
N GLY B 201 -25.15 14.08 41.77
CA GLY B 201 -26.58 13.90 41.87
C GLY B 201 -27.31 14.45 40.66
N ASP B 202 -28.55 13.98 40.47
CA ASP B 202 -29.35 14.40 39.33
C ASP B 202 -29.83 15.84 39.50
N GLY C 1 59.62 3.80 0.30
CA GLY C 1 59.30 4.99 1.07
C GLY C 1 57.82 5.37 0.99
N ALA C 2 57.29 5.90 2.09
CA ALA C 2 55.91 6.33 2.11
C ALA C 2 55.72 7.55 1.22
N SER C 3 54.87 7.43 0.21
CA SER C 3 54.61 8.49 -0.74
C SER C 3 53.11 8.70 -0.90
N GLU C 4 52.75 9.72 -1.67
CA GLU C 4 51.36 9.95 -1.97
C GLU C 4 50.83 8.85 -2.90
N PRO C 5 49.53 8.56 -2.82
CA PRO C 5 48.98 7.43 -3.60
C PRO C 5 49.21 7.60 -5.09
N SER C 6 49.35 6.47 -5.77
CA SER C 6 49.63 6.43 -7.20
C SER C 6 48.46 5.89 -8.01
N GLY C 7 47.30 5.69 -7.39
CA GLY C 7 46.15 5.16 -8.08
C GLY C 7 44.86 5.84 -7.67
N PRO C 8 43.88 5.85 -8.57
CA PRO C 8 42.61 6.49 -8.26
C PRO C 8 41.69 5.55 -7.52
N PRO C 9 40.69 6.08 -6.80
CA PRO C 9 39.69 5.21 -6.17
C PRO C 9 38.96 4.38 -7.23
N THR C 10 38.45 3.23 -6.79
CA THR C 10 37.84 2.25 -7.68
C THR C 10 36.34 2.19 -7.46
N ASP C 11 35.66 1.56 -8.41
CA ASP C 11 34.21 1.36 -8.38
C ASP C 11 33.47 2.66 -8.08
N LEU C 12 33.79 3.70 -8.84
CA LEU C 12 33.13 4.99 -8.68
C LEU C 12 31.71 4.91 -9.25
N TRP C 13 30.75 5.43 -8.48
CA TRP C 13 29.36 5.42 -8.89
C TRP C 13 28.68 6.68 -8.41
N VAL C 14 27.96 7.36 -9.30
CA VAL C 14 27.26 8.59 -8.98
C VAL C 14 25.79 8.43 -9.34
N GLU C 15 24.91 9.02 -8.53
CA GLU C 15 23.48 9.00 -8.77
C GLU C 15 22.88 10.24 -8.13
N SER C 16 22.18 11.04 -8.93
CA SER C 16 21.52 12.23 -8.41
C SER C 16 20.21 11.83 -7.74
N ARG C 17 19.99 12.33 -6.51
CA ARG C 17 18.84 11.97 -5.71
C ARG C 17 17.88 13.15 -5.53
N GLY C 18 17.86 14.06 -6.48
CA GLY C 18 16.99 15.21 -6.42
C GLY C 18 17.50 16.35 -7.28
N PRO C 19 16.82 17.49 -7.25
CA PRO C 19 17.28 18.64 -8.05
C PRO C 19 18.59 19.22 -7.55
N PHE C 20 18.93 19.01 -6.28
CA PHE C 20 20.03 19.72 -5.64
C PHE C 20 21.13 18.79 -5.14
N THR C 21 20.93 17.47 -5.23
CA THR C 21 21.81 16.52 -4.56
C THR C 21 22.28 15.44 -5.52
N ILE C 22 23.51 14.98 -5.30
CA ILE C 22 24.10 13.86 -6.01
C ILE C 22 24.78 12.96 -5.00
N LEU C 23 24.44 11.67 -5.02
CA LEU C 23 25.05 10.69 -4.14
C LEU C 23 26.24 10.04 -4.86
N VAL C 24 27.42 10.14 -4.27
CA VAL C 24 28.65 9.59 -4.83
C VAL C 24 29.08 8.41 -3.97
N ARG C 25 29.33 7.27 -4.60
CA ARG C 25 29.87 6.10 -3.94
C ARG C 25 31.18 5.69 -4.61
N TRP C 26 32.10 5.15 -3.82
CA TRP C 26 33.37 4.71 -4.35
C TRP C 26 34.02 3.75 -3.35
N LYS C 27 35.10 3.12 -3.78
CA LYS C 27 35.92 2.28 -2.94
C LYS C 27 37.38 2.74 -3.01
N ALA C 28 38.16 2.29 -2.04
CA ALA C 28 39.57 2.65 -2.00
C ALA C 28 40.30 2.08 -3.22
N PRO C 29 41.42 2.70 -3.60
CA PRO C 29 42.29 2.08 -4.61
C PRO C 29 42.89 0.80 -4.07
N PRO C 30 43.47 -0.04 -4.93
CA PRO C 30 44.13 -1.26 -4.43
C PRO C 30 45.22 -0.92 -3.42
N LYS C 31 45.43 -1.85 -2.48
CA LYS C 31 46.38 -1.63 -1.39
C LYS C 31 47.78 -1.34 -1.91
N GLU C 32 48.15 -1.94 -3.05
CA GLU C 32 49.47 -1.75 -3.64
C GLU C 32 49.66 -0.38 -4.26
N TYR C 33 48.70 0.53 -4.13
CA TYR C 33 48.81 1.88 -4.68
C TYR C 33 48.63 2.95 -3.61
N TRP C 34 48.66 2.58 -2.33
CA TRP C 34 48.50 3.56 -1.25
C TRP C 34 49.82 4.24 -0.92
N HIS C 35 50.83 3.44 -0.58
CA HIS C 35 52.14 3.94 -0.16
C HIS C 35 52.02 4.73 1.14
N GLY C 36 51.18 4.23 2.04
CA GLY C 36 50.87 4.92 3.29
C GLY C 36 49.39 4.85 3.57
N LYS C 37 49.02 4.60 4.83
CA LYS C 37 47.60 4.42 5.17
C LYS C 37 46.80 5.65 4.78
N LEU C 38 45.68 5.42 4.09
CA LEU C 38 44.87 6.51 3.59
C LEU C 38 44.19 7.24 4.73
N LYS C 39 44.21 8.58 4.67
CA LYS C 39 43.54 9.42 5.66
C LYS C 39 42.16 9.87 5.23
N GLY C 40 41.88 9.87 3.94
CA GLY C 40 40.55 10.27 3.48
C GLY C 40 40.53 10.44 1.97
N TYR C 41 39.50 11.13 1.49
CA TYR C 41 39.35 11.38 0.07
C TYR C 41 38.82 12.80 -0.18
N TYR C 42 39.02 13.25 -1.42
CA TYR C 42 38.49 14.52 -1.90
C TYR C 42 37.50 14.22 -3.03
N VAL C 43 36.28 14.71 -2.87
CA VAL C 43 35.22 14.52 -3.86
C VAL C 43 35.10 15.81 -4.67
N GLY C 44 35.43 15.74 -5.95
CA GLY C 44 35.43 16.91 -6.81
C GLY C 44 34.17 17.00 -7.67
N TYR C 45 33.73 18.23 -7.91
CA TYR C 45 32.52 18.44 -8.70
C TYR C 45 32.57 19.82 -9.35
N LYS C 46 32.01 19.88 -10.57
CA LYS C 46 31.78 21.16 -11.25
C LYS C 46 30.75 20.92 -12.34
N MET C 47 30.13 22.01 -12.79
CA MET C 47 29.28 21.96 -13.96
C MET C 47 30.10 21.52 -15.16
N GLU C 48 29.53 20.62 -15.96
CA GLU C 48 30.28 19.83 -16.94
C GLU C 48 31.32 20.62 -17.71
N GLY C 49 30.89 21.64 -18.44
CA GLY C 49 31.78 22.35 -19.34
C GLY C 49 32.36 23.65 -18.83
N SER C 50 31.85 24.15 -17.69
CA SER C 50 32.18 25.47 -17.15
C SER C 50 33.68 25.69 -17.07
N PRO C 51 34.17 26.92 -17.27
CA PRO C 51 35.61 27.18 -17.16
C PRO C 51 36.11 27.25 -15.73
N GLN C 52 35.23 27.19 -14.75
CA GLN C 52 35.63 27.28 -13.36
C GLN C 52 36.31 25.98 -12.91
N PRO C 53 37.21 26.04 -11.93
CA PRO C 53 37.89 24.82 -11.49
C PRO C 53 36.97 23.92 -10.67
N TYR C 54 37.43 22.70 -10.44
CA TYR C 54 36.68 21.80 -9.55
C TYR C 54 36.57 22.38 -8.15
N SER C 55 35.43 22.10 -7.52
CA SER C 55 35.27 22.29 -6.08
C SER C 55 35.40 20.93 -5.42
N PHE C 56 36.29 20.82 -4.44
CA PHE C 56 36.58 19.57 -3.77
C PHE C 56 36.03 19.59 -2.35
N LYS C 57 35.34 18.51 -1.99
CA LYS C 57 34.86 18.30 -0.62
C LYS C 57 35.76 17.27 0.06
N THR C 58 36.21 17.58 1.27
CA THR C 58 37.12 16.70 2.00
C THR C 58 36.33 15.69 2.81
N VAL C 59 36.66 14.41 2.64
CA VAL C 59 36.01 13.31 3.35
C VAL C 59 37.09 12.50 4.04
N GLU C 60 37.18 12.62 5.36
CA GLU C 60 38.18 11.88 6.11
C GLU C 60 37.70 10.45 6.33
N ALA C 61 38.62 9.49 6.17
CA ALA C 61 38.28 8.07 6.27
C ALA C 61 39.44 7.34 6.94
N MET C 62 39.29 7.00 8.22
CA MET C 62 40.27 6.14 8.87
C MET C 62 40.32 4.78 8.21
N ASN C 63 39.15 4.20 7.96
CA ASN C 63 39.03 2.81 7.54
C ASN C 63 38.51 2.77 6.11
N VAL C 64 39.28 2.12 5.23
CA VAL C 64 38.99 2.16 3.80
C VAL C 64 38.66 0.76 3.32
N ASN C 65 38.15 -0.08 4.22
CA ASN C 65 37.78 -1.44 3.91
C ASN C 65 36.32 -1.58 3.48
N ILE C 66 35.68 -0.47 3.10
CA ILE C 66 34.24 -0.40 2.89
C ILE C 66 33.96 0.34 1.59
N THR C 67 32.68 0.53 1.29
CA THR C 67 32.23 1.34 0.16
C THR C 67 31.84 2.70 0.71
N HIS C 68 32.73 3.69 0.53
CA HIS C 68 32.47 5.03 1.02
C HIS C 68 31.42 5.71 0.14
N GLU C 69 30.67 6.63 0.74
CA GLU C 69 29.73 7.42 -0.03
C GLU C 69 29.62 8.81 0.57
N TYR C 70 29.23 9.76 -0.28
CA TYR C 70 29.11 11.16 0.11
C TYR C 70 27.98 11.80 -0.69
N LEU C 71 27.21 12.67 -0.04
CA LEU C 71 26.05 13.31 -0.65
C LEU C 71 26.39 14.77 -0.93
N LEU C 72 26.67 15.06 -2.20
CA LEU C 72 26.79 16.45 -2.63
C LEU C 72 25.43 17.12 -2.57
N ASN C 73 25.39 18.35 -2.07
CA ASN C 73 24.15 19.10 -1.95
C ASN C 73 24.39 20.54 -2.40
N SER C 74 23.31 21.34 -2.39
CA SER C 74 23.36 22.75 -2.74
C SER C 74 23.77 22.94 -4.20
N LEU C 75 23.26 22.08 -5.08
CA LEU C 75 23.55 22.14 -6.50
C LEU C 75 22.40 22.81 -7.23
N LYS C 76 22.56 22.96 -8.55
CA LYS C 76 21.59 23.62 -9.39
C LYS C 76 20.68 22.60 -10.06
N LYS C 77 19.41 22.94 -10.20
CA LYS C 77 18.43 22.05 -10.79
C LYS C 77 18.72 21.82 -12.27
N SER C 78 18.58 20.57 -12.71
CA SER C 78 18.58 20.21 -14.13
C SER C 78 19.85 20.67 -14.84
N THR C 79 21.00 20.42 -14.20
CA THR C 79 22.30 20.74 -14.78
C THR C 79 23.24 19.56 -14.59
N LYS C 80 24.15 19.40 -15.55
CA LYS C 80 25.07 18.27 -15.58
C LYS C 80 26.36 18.63 -14.86
N TYR C 81 26.83 17.74 -13.99
CA TYR C 81 28.11 17.89 -13.32
C TYR C 81 29.06 16.76 -13.65
N SER C 82 30.35 17.06 -13.59
CA SER C 82 31.42 16.07 -13.69
C SER C 82 31.94 15.78 -12.29
N ILE C 83 32.08 14.51 -11.95
CA ILE C 83 32.44 14.07 -10.60
C ILE C 83 33.72 13.26 -10.67
N VAL C 84 34.65 13.55 -9.77
CA VAL C 84 35.87 12.76 -9.57
C VAL C 84 36.09 12.58 -8.08
N VAL C 85 36.95 11.62 -7.74
CA VAL C 85 37.33 11.37 -6.35
C VAL C 85 38.84 11.13 -6.30
N LYS C 86 39.49 11.73 -5.30
CA LYS C 86 40.92 11.57 -5.09
C LYS C 86 41.17 10.98 -3.70
N ALA C 87 42.23 10.20 -3.57
CA ALA C 87 42.65 9.65 -2.29
C ALA C 87 43.88 10.39 -1.80
N TYR C 88 44.00 10.52 -0.47
CA TYR C 88 45.14 11.20 0.12
C TYR C 88 45.57 10.48 1.39
N ASN C 89 46.84 10.61 1.71
CA ASN C 89 47.42 10.06 2.93
C ASN C 89 48.34 11.12 3.53
N ALA C 90 49.17 10.70 4.50
CA ALA C 90 50.05 11.65 5.18
C ALA C 90 50.99 12.35 4.19
N ALA C 91 51.43 11.64 3.16
CA ALA C 91 52.41 12.22 2.23
C ALA C 91 51.78 13.20 1.26
N GLY C 92 50.52 13.00 0.89
CA GLY C 92 49.85 13.91 -0.01
C GLY C 92 48.66 13.24 -0.68
N THR C 93 48.14 13.91 -1.70
CA THR C 93 46.97 13.47 -2.42
C THR C 93 47.38 12.72 -3.69
N GLY C 94 46.58 11.73 -4.06
CA GLY C 94 46.85 10.93 -5.23
C GLY C 94 46.13 11.43 -6.47
N PRO C 95 46.15 10.62 -7.52
CA PRO C 95 45.48 11.02 -8.77
C PRO C 95 43.98 10.85 -8.67
N ALA C 96 43.28 11.63 -9.50
CA ALA C 96 41.82 11.58 -9.51
C ALA C 96 41.33 10.38 -10.32
N SER C 97 40.11 9.96 -10.02
CA SER C 97 39.45 8.96 -10.82
C SER C 97 39.04 9.58 -12.17
N GLN C 98 38.46 8.75 -13.02
CA GLN C 98 37.86 9.27 -14.24
C GLN C 98 36.64 10.13 -13.89
N GLU C 99 36.24 10.95 -14.85
CA GLU C 99 35.03 11.74 -14.67
C GLU C 99 33.79 10.90 -14.90
N LEU C 100 32.80 11.06 -14.04
CA LEU C 100 31.45 10.56 -14.27
C LEU C 100 30.51 11.74 -14.42
N ILE C 101 29.85 11.83 -15.57
CA ILE C 101 28.91 12.91 -15.85
C ILE C 101 27.54 12.48 -15.41
N VAL C 102 26.91 13.31 -14.57
CA VAL C 102 25.57 13.02 -14.04
C VAL C 102 24.79 14.33 -13.99
N LYS C 103 23.51 14.24 -14.34
CA LYS C 103 22.63 15.40 -14.36
C LYS C 103 21.72 15.40 -13.13
N THR C 104 21.53 16.58 -12.54
CA THR C 104 20.59 16.72 -11.44
C THR C 104 19.16 16.63 -11.97
N LEU C 105 18.24 16.27 -11.09
CA LEU C 105 16.86 16.02 -11.47
C LEU C 105 16.10 17.32 -11.71
N ASP C 106 14.93 17.19 -12.31
CA ASP C 106 14.06 18.32 -12.61
C ASP C 106 13.02 18.57 -11.53
N GLY C 107 13.05 17.80 -10.45
CA GLY C 107 12.07 17.96 -9.39
C GLY C 107 12.39 17.01 -8.26
N VAL C 108 11.69 17.21 -7.14
CA VAL C 108 11.97 16.45 -5.93
C VAL C 108 11.34 15.06 -6.04
N LEU C 109 12.04 14.08 -5.50
CA LEU C 109 11.53 12.71 -5.46
C LEU C 109 10.62 12.52 -4.26
N PRO C 110 9.76 11.49 -4.29
CA PRO C 110 8.93 11.21 -3.11
C PRO C 110 9.78 10.72 -1.95
N ARG C 111 9.30 11.03 -0.74
CA ARG C 111 9.98 10.64 0.47
C ARG C 111 9.91 9.12 0.66
N PRO C 112 10.86 8.55 1.39
CA PRO C 112 10.83 7.12 1.65
C PRO C 112 9.55 6.73 2.36
N PRO C 113 8.85 5.70 1.87
CA PRO C 113 7.66 5.23 2.56
C PRO C 113 8.00 4.66 3.93
N SER C 114 6.96 4.48 4.74
CA SER C 114 7.09 3.86 6.05
C SER C 114 6.27 2.57 6.03
N VAL C 115 6.96 1.44 6.08
CA VAL C 115 6.35 0.13 5.93
C VAL C 115 6.15 -0.49 7.31
N SER C 116 5.03 -1.19 7.49
CA SER C 116 4.74 -1.87 8.74
C SER C 116 4.04 -3.18 8.43
N LEU C 117 4.27 -4.18 9.29
CA LEU C 117 3.72 -5.51 9.09
C LEU C 117 2.25 -5.55 9.50
N LEU C 118 1.44 -6.25 8.69
CA LEU C 118 0.05 -6.51 9.03
C LEU C 118 -0.14 -7.92 9.58
N SER C 119 0.28 -8.93 8.83
CA SER C 119 0.11 -10.31 9.25
C SER C 119 1.10 -11.20 8.51
N ALA C 120 1.25 -12.42 9.00
CA ALA C 120 2.13 -13.39 8.37
C ALA C 120 1.55 -14.79 8.61
N SER C 121 1.57 -15.61 7.56
CA SER C 121 1.13 -16.99 7.61
C SER C 121 2.30 -17.90 7.26
N ASP C 122 2.02 -19.19 7.10
CA ASP C 122 3.07 -20.13 6.71
C ASP C 122 3.57 -19.90 5.30
N SER C 123 2.79 -19.22 4.44
CA SER C 123 3.23 -18.98 3.08
C SER C 123 2.90 -17.58 2.57
N THR C 124 2.45 -16.66 3.42
CA THR C 124 2.10 -15.32 2.99
C THR C 124 2.60 -14.30 4.01
N ILE C 125 2.78 -13.07 3.52
CA ILE C 125 3.17 -11.92 4.34
C ILE C 125 2.43 -10.70 3.81
N SER C 126 1.74 -9.99 4.70
CA SER C 126 0.95 -8.81 4.34
C SER C 126 1.55 -7.58 4.98
N VAL C 127 1.73 -6.52 4.18
CA VAL C 127 2.38 -5.30 4.63
C VAL C 127 1.56 -4.07 4.26
N LYS C 128 1.69 -3.03 5.08
CA LYS C 128 1.08 -1.72 4.88
C LYS C 128 2.17 -0.68 4.72
N TRP C 129 1.86 0.39 3.98
CA TRP C 129 2.77 1.51 3.92
C TRP C 129 1.97 2.81 3.84
N GLY C 130 2.64 3.91 4.15
CA GLY C 130 2.02 5.22 4.13
C GLY C 130 2.99 6.34 3.76
N GLU C 137 2.06 16.48 -3.61
CA GLU C 137 2.96 16.43 -4.76
C GLU C 137 2.78 15.10 -5.52
N PRO C 138 3.25 15.04 -6.77
CA PRO C 138 2.99 13.85 -7.61
C PRO C 138 3.53 12.57 -7.00
N VAL C 139 2.67 11.55 -6.99
CA VAL C 139 3.05 10.17 -6.69
C VAL C 139 2.37 9.30 -7.73
N THR C 140 3.16 8.56 -8.50
CA THR C 140 2.63 7.80 -9.63
C THR C 140 2.55 6.30 -9.38
N GLY C 141 3.10 5.80 -8.29
CA GLY C 141 3.02 4.39 -8.00
C GLY C 141 4.12 3.95 -7.05
N TYR C 142 4.15 2.65 -6.81
CA TYR C 142 5.08 2.06 -5.86
C TYR C 142 5.70 0.81 -6.46
N THR C 143 6.76 0.34 -5.80
CA THR C 143 7.40 -0.92 -6.12
C THR C 143 7.77 -1.63 -4.83
N LEU C 144 7.30 -2.87 -4.66
CA LEU C 144 7.60 -3.65 -3.47
C LEU C 144 8.77 -4.57 -3.76
N HIS C 145 9.75 -4.57 -2.87
CA HIS C 145 10.94 -5.39 -2.98
C HIS C 145 10.95 -6.40 -1.84
N TYR C 146 11.17 -7.68 -2.17
CA TYR C 146 11.17 -8.74 -1.17
C TYR C 146 12.19 -9.79 -1.56
N ARG C 147 12.75 -10.45 -0.55
CA ARG C 147 13.72 -11.51 -0.82
C ARG C 147 13.87 -12.43 0.38
N LYS C 148 14.31 -13.65 0.08
CA LYS C 148 14.83 -14.55 1.11
C LYS C 148 16.09 -13.99 1.72
N LYS C 149 16.16 -14.01 3.06
CA LYS C 149 17.33 -13.57 3.81
C LYS C 149 18.62 -14.02 3.14
N VAL C 150 18.60 -15.23 2.56
CA VAL C 150 19.75 -15.80 1.87
C VAL C 150 19.70 -15.60 0.35
N GLY C 151 18.63 -15.01 -0.18
CA GLY C 151 18.38 -15.01 -1.61
C GLY C 151 18.53 -13.63 -2.23
N HIS C 152 17.97 -13.51 -3.44
CA HIS C 152 18.08 -12.32 -4.25
C HIS C 152 16.80 -11.49 -4.18
N TRP C 153 16.94 -10.19 -4.38
CA TRP C 153 15.79 -9.28 -4.33
C TRP C 153 14.88 -9.48 -5.54
N LEU C 154 13.60 -9.71 -5.27
CA LEU C 154 12.56 -9.75 -6.30
C LEU C 154 11.71 -8.49 -6.21
N HIS C 155 11.01 -8.19 -7.30
CA HIS C 155 10.34 -6.91 -7.46
C HIS C 155 8.88 -7.12 -7.84
N VAL C 156 7.99 -6.40 -7.19
CA VAL C 156 6.58 -6.34 -7.58
C VAL C 156 6.31 -4.95 -8.12
N PRO C 157 6.46 -4.71 -9.42
CA PRO C 157 6.36 -3.36 -9.95
C PRO C 157 4.94 -2.93 -10.28
N LEU C 158 4.81 -1.72 -10.83
CA LEU C 158 3.57 -1.20 -11.40
C LEU C 158 2.40 -1.31 -10.42
N LEU C 159 2.63 -0.90 -9.18
CA LEU C 159 1.56 -0.75 -8.22
C LEU C 159 0.98 0.65 -8.33
N ALA C 160 -0.34 0.76 -8.24
CA ALA C 160 -1.00 2.05 -8.41
C ALA C 160 -0.87 2.88 -7.15
N SER C 161 -0.91 4.20 -7.33
CA SER C 161 -0.82 5.12 -6.19
C SER C 161 -1.96 4.92 -5.20
N ASP C 162 -3.10 4.42 -5.68
CA ASP C 162 -4.22 4.16 -4.78
C ASP C 162 -3.90 3.02 -3.82
N GLN C 163 -3.26 1.96 -4.30
CA GLN C 163 -2.99 0.80 -3.46
C GLN C 163 -1.93 1.14 -2.43
N THR C 164 -2.17 0.72 -1.18
CA THR C 164 -1.23 0.99 -0.09
C THR C 164 -1.04 -0.23 0.81
N ARG C 165 -1.46 -1.41 0.37
CA ARG C 165 -1.23 -2.65 1.09
C ARG C 165 -0.99 -3.75 0.07
N TYR C 166 -0.25 -4.78 0.49
CA TYR C 166 0.08 -5.87 -0.42
C TYR C 166 0.36 -7.13 0.38
N THR C 167 0.04 -8.28 -0.22
CA THR C 167 0.25 -9.58 0.40
C THR C 167 1.10 -10.44 -0.53
N LEU C 168 2.32 -10.75 -0.10
CA LEU C 168 3.15 -11.71 -0.82
C LEU C 168 2.60 -13.12 -0.61
N THR C 169 2.52 -13.90 -1.68
CA THR C 169 1.94 -15.23 -1.62
C THR C 169 2.89 -16.25 -2.23
N GLY C 170 2.66 -17.51 -1.88
CA GLY C 170 3.48 -18.61 -2.37
C GLY C 170 4.88 -18.63 -1.81
N LEU C 171 5.03 -18.41 -0.51
CA LEU C 171 6.34 -18.30 0.12
C LEU C 171 6.67 -19.57 0.89
N ASP C 172 7.96 -19.74 1.17
CA ASP C 172 8.38 -20.89 1.95
C ASP C 172 8.06 -20.69 3.43
N SER C 173 7.88 -21.79 4.13
CA SER C 173 7.54 -21.78 5.55
C SER C 173 8.79 -21.69 6.41
N ASP C 174 8.63 -21.08 7.59
CA ASP C 174 9.71 -20.89 8.55
C ASP C 174 10.94 -20.30 7.86
N THR C 175 10.72 -19.25 7.08
CA THR C 175 11.78 -18.59 6.33
C THR C 175 11.66 -17.09 6.54
N THR C 176 12.79 -16.45 6.86
CA THR C 176 12.82 -15.02 7.07
C THR C 176 12.93 -14.30 5.73
N TYR C 177 11.94 -13.44 5.44
CA TYR C 177 12.00 -12.57 4.27
C TYR C 177 12.26 -11.12 4.68
N ASN C 178 12.91 -10.40 3.78
CA ASN C 178 13.16 -8.97 3.94
C ASN C 178 12.32 -8.22 2.91
N VAL C 179 11.68 -7.14 3.34
CA VAL C 179 10.74 -6.40 2.50
C VAL C 179 11.00 -4.90 2.64
N TYR C 180 10.89 -4.18 1.52
CA TYR C 180 10.89 -2.73 1.55
C TYR C 180 10.19 -2.22 0.29
N VAL C 181 9.82 -0.94 0.34
CA VAL C 181 9.00 -0.31 -0.70
C VAL C 181 9.66 0.97 -1.17
N THR C 182 9.55 1.23 -2.46
CA THR C 182 9.99 2.49 -3.07
C THR C 182 8.80 3.16 -3.75
N ALA C 183 8.77 4.49 -3.68
CA ALA C 183 7.75 5.28 -4.35
C ALA C 183 8.33 5.92 -5.61
N ASN C 184 7.47 6.15 -6.60
CA ASN C 184 7.87 6.74 -7.87
C ASN C 184 7.06 8.01 -8.12
N ASN C 185 7.60 8.89 -8.96
CA ASN C 185 6.82 10.01 -9.46
C ASN C 185 7.36 10.41 -10.83
N ARG C 186 6.96 11.61 -11.26
CA ARG C 186 7.40 12.17 -12.53
C ARG C 186 8.92 12.15 -12.65
N TYR C 187 9.61 12.54 -11.58
CA TYR C 187 11.03 12.82 -11.64
C TYR C 187 11.92 11.61 -11.35
N GLY C 188 11.35 10.51 -10.89
CA GLY C 188 12.09 9.29 -10.66
C GLY C 188 11.55 8.54 -9.46
N ARG C 189 12.33 7.55 -9.03
CA ARG C 189 12.00 6.73 -7.88
C ARG C 189 12.71 7.27 -6.64
N GLY C 190 11.97 7.42 -5.55
CA GLY C 190 12.52 7.92 -4.32
C GLY C 190 13.33 6.89 -3.56
N ASP C 191 13.90 7.33 -2.43
CA ASP C 191 14.70 6.46 -1.60
C ASP C 191 13.86 5.30 -1.06
N PRO C 192 14.50 4.19 -0.71
CA PRO C 192 13.76 3.03 -0.20
C PRO C 192 13.34 3.22 1.24
N SER C 193 12.32 2.45 1.62
CA SER C 193 11.89 2.39 3.00
C SER C 193 12.85 1.52 3.81
N GLY C 194 12.67 1.54 5.12
CA GLY C 194 13.42 0.62 5.98
C GLY C 194 13.07 -0.82 5.68
N ILE C 195 14.04 -1.70 5.89
CA ILE C 195 13.87 -3.11 5.56
C ILE C 195 13.10 -3.79 6.68
N LEU C 196 11.94 -4.33 6.36
CA LEU C 196 11.15 -5.13 7.29
C LEU C 196 11.56 -6.59 7.21
N SER C 197 11.93 -7.16 8.35
CA SER C 197 12.25 -8.58 8.45
C SER C 197 11.14 -9.29 9.20
N VAL C 198 10.69 -10.43 8.67
CA VAL C 198 9.67 -11.23 9.32
C VAL C 198 9.78 -12.65 8.81
N ARG C 199 9.57 -13.61 9.70
CA ARG C 199 9.63 -15.03 9.38
C ARG C 199 8.23 -15.57 9.13
N THR C 200 8.09 -16.41 8.11
CA THR C 200 6.81 -17.06 7.87
C THR C 200 6.53 -18.08 8.98
N GLY C 201 5.25 -18.30 9.25
CA GLY C 201 4.84 -19.03 10.43
C GLY C 201 5.11 -20.53 10.47
N ASP C 202 4.78 -21.25 9.40
CA ASP C 202 4.87 -22.72 9.36
C ASP C 202 3.94 -23.29 10.43
N GLY D 1 -23.77 3.38 -33.76
CA GLY D 1 -23.22 3.59 -35.09
C GLY D 1 -21.86 2.97 -35.27
N ALA D 2 -20.94 3.72 -35.88
CA ALA D 2 -19.56 3.25 -36.02
C ALA D 2 -18.93 3.06 -34.66
N SER D 3 -18.48 1.84 -34.38
CA SER D 3 -18.03 1.45 -33.06
C SER D 3 -16.69 0.73 -33.14
N GLU D 4 -16.06 0.62 -31.98
CA GLU D 4 -14.87 -0.20 -31.84
C GLU D 4 -15.22 -1.66 -32.09
N PRO D 5 -14.29 -2.45 -32.65
CA PRO D 5 -14.60 -3.84 -32.97
C PRO D 5 -15.04 -4.63 -31.76
N SER D 6 -15.94 -5.59 -31.98
CA SER D 6 -16.52 -6.40 -30.93
C SER D 6 -16.06 -7.86 -30.99
N GLY D 7 -15.12 -8.18 -31.88
CA GLY D 7 -14.63 -9.54 -32.01
C GLY D 7 -13.13 -9.60 -32.17
N PRO D 8 -12.53 -10.71 -31.75
CA PRO D 8 -11.09 -10.85 -31.88
C PRO D 8 -10.71 -11.34 -33.26
N PRO D 9 -9.46 -11.14 -33.68
CA PRO D 9 -9.00 -11.73 -34.94
C PRO D 9 -9.10 -13.25 -34.90
N THR D 10 -9.24 -13.84 -36.09
CA THR D 10 -9.48 -15.27 -36.22
C THR D 10 -8.26 -15.98 -36.79
N ASP D 11 -8.28 -17.31 -36.66
CA ASP D 11 -7.23 -18.18 -37.19
C ASP D 11 -5.84 -17.73 -36.77
N LEU D 12 -5.68 -17.55 -35.46
CA LEU D 12 -4.40 -17.12 -34.92
C LEU D 12 -3.41 -18.28 -34.93
N TRP D 13 -2.19 -18.02 -35.39
CA TRP D 13 -1.15 -19.02 -35.47
C TRP D 13 0.19 -18.39 -35.13
N VAL D 14 0.93 -19.03 -34.23
CA VAL D 14 2.25 -18.55 -33.83
C VAL D 14 3.27 -19.67 -34.02
N GLU D 15 4.49 -19.28 -34.38
CA GLU D 15 5.57 -20.23 -34.58
C GLU D 15 6.89 -19.48 -34.44
N SER D 16 7.77 -19.98 -33.57
CA SER D 16 9.07 -19.39 -33.38
C SER D 16 10.00 -19.81 -34.51
N ARG D 17 10.69 -18.83 -35.11
CA ARG D 17 11.59 -19.08 -36.22
C ARG D 17 13.04 -18.85 -35.85
N GLY D 18 13.37 -18.97 -34.55
CA GLY D 18 14.72 -18.77 -34.08
C GLY D 18 14.74 -18.46 -32.60
N PRO D 19 15.94 -18.24 -32.05
CA PRO D 19 16.04 -17.91 -30.63
C PRO D 19 15.48 -16.54 -30.28
N PHE D 20 15.35 -15.64 -31.27
CA PHE D 20 14.99 -14.26 -31.02
C PHE D 20 13.69 -13.84 -31.68
N THR D 21 13.06 -14.70 -32.47
CA THR D 21 11.95 -14.31 -33.32
C THR D 21 10.78 -15.26 -33.18
N ILE D 22 9.57 -14.70 -33.36
CA ILE D 22 8.32 -15.45 -33.38
C ILE D 22 7.48 -14.92 -34.52
N LEU D 23 7.03 -15.82 -35.40
CA LEU D 23 6.16 -15.44 -36.52
C LEU D 23 4.70 -15.62 -36.12
N VAL D 24 3.93 -14.53 -36.18
CA VAL D 24 2.52 -14.54 -35.81
C VAL D 24 1.69 -14.36 -37.06
N ARG D 25 0.77 -15.28 -37.32
CA ARG D 25 -0.22 -15.16 -38.37
C ARG D 25 -1.61 -15.02 -37.75
N TRP D 26 -2.48 -14.30 -38.47
CA TRP D 26 -3.87 -14.18 -38.08
C TRP D 26 -4.67 -13.68 -39.27
N LYS D 27 -5.99 -13.75 -39.13
CA LYS D 27 -6.92 -13.19 -40.10
C LYS D 27 -7.85 -12.22 -39.40
N ALA D 28 -8.47 -11.35 -40.20
CA ALA D 28 -9.42 -10.38 -39.66
C ALA D 28 -10.58 -11.09 -38.98
N PRO D 29 -11.23 -10.43 -38.01
CA PRO D 29 -12.49 -10.94 -37.49
C PRO D 29 -13.56 -10.89 -38.56
N PRO D 30 -14.69 -11.58 -38.36
CA PRO D 30 -15.77 -11.51 -39.34
C PRO D 30 -16.23 -10.08 -39.55
N LYS D 31 -16.68 -9.80 -40.78
CA LYS D 31 -17.08 -8.44 -41.13
C LYS D 31 -18.19 -7.91 -40.24
N GLU D 32 -19.02 -8.80 -39.70
CA GLU D 32 -20.12 -8.40 -38.82
C GLU D 32 -19.64 -7.92 -37.46
N TYR D 33 -18.33 -7.90 -37.20
CA TYR D 33 -17.80 -7.49 -35.90
C TYR D 33 -16.82 -6.34 -36.01
N TRP D 34 -16.76 -5.67 -37.16
CA TRP D 34 -15.86 -4.54 -37.34
C TRP D 34 -16.47 -3.25 -36.80
N HIS D 35 -17.66 -2.90 -37.28
CA HIS D 35 -18.34 -1.66 -36.92
C HIS D 35 -17.54 -0.44 -37.36
N GLY D 36 -16.93 -0.55 -38.54
CA GLY D 36 -16.03 0.48 -39.05
C GLY D 36 -14.80 -0.17 -39.66
N LYS D 37 -14.39 0.29 -40.85
CA LYS D 37 -13.30 -0.36 -41.56
C LYS D 37 -12.04 -0.38 -40.70
N LEU D 38 -11.41 -1.56 -40.62
CA LEU D 38 -10.25 -1.74 -39.75
C LEU D 38 -9.05 -0.95 -40.28
N LYS D 39 -8.35 -0.28 -39.36
CA LYS D 39 -7.13 0.43 -39.70
C LYS D 39 -5.86 -0.39 -39.47
N GLY D 40 -5.91 -1.39 -38.60
CA GLY D 40 -4.75 -2.24 -38.38
C GLY D 40 -5.00 -3.21 -37.25
N TYR D 41 -3.91 -3.71 -36.67
CA TYR D 41 -3.98 -4.60 -35.51
C TYR D 41 -2.84 -4.31 -34.54
N TYR D 42 -3.02 -4.76 -33.30
CA TYR D 42 -1.98 -4.71 -32.27
C TYR D 42 -1.58 -6.15 -31.94
N VAL D 43 -0.28 -6.44 -32.04
CA VAL D 43 0.24 -7.76 -31.70
C VAL D 43 0.85 -7.65 -30.32
N GLY D 44 0.23 -8.33 -29.36
CA GLY D 44 0.67 -8.28 -27.97
C GLY D 44 1.56 -9.47 -27.63
N TYR D 45 2.57 -9.21 -26.80
CA TYR D 45 3.49 -10.26 -26.38
C TYR D 45 4.07 -9.90 -25.03
N LYS D 46 4.38 -10.95 -24.25
CA LYS D 46 5.05 -10.82 -22.97
C LYS D 46 5.54 -12.19 -22.56
N MET D 47 6.57 -12.21 -21.71
CA MET D 47 7.02 -13.46 -21.12
C MET D 47 5.89 -14.05 -20.29
N GLU D 48 5.72 -15.38 -20.39
CA GLU D 48 4.47 -16.05 -20.03
C GLU D 48 3.90 -15.59 -18.70
N GLY D 49 4.66 -15.70 -17.62
CA GLY D 49 4.12 -15.44 -16.29
C GLY D 49 4.47 -14.08 -15.70
N SER D 50 5.38 -13.36 -16.36
CA SER D 50 5.97 -12.12 -15.87
C SER D 50 4.91 -11.12 -15.40
N PRO D 51 5.20 -10.34 -14.35
CA PRO D 51 4.22 -9.36 -13.88
C PRO D 51 4.13 -8.10 -14.74
N GLN D 52 5.06 -7.90 -15.68
CA GLN D 52 5.01 -6.73 -16.53
C GLN D 52 3.81 -6.83 -17.47
N PRO D 53 3.28 -5.71 -17.96
CA PRO D 53 2.12 -5.75 -18.85
C PRO D 53 2.53 -6.16 -20.26
N TYR D 54 1.51 -6.46 -21.07
CA TYR D 54 1.72 -6.78 -22.48
C TYR D 54 2.38 -5.63 -23.22
N SER D 55 3.31 -5.98 -24.11
CA SER D 55 3.88 -5.04 -25.06
C SER D 55 3.20 -5.26 -26.41
N PHE D 56 2.67 -4.19 -26.98
CA PHE D 56 1.89 -4.26 -28.22
C PHE D 56 2.68 -3.64 -29.36
N LYS D 57 2.73 -4.33 -30.49
CA LYS D 57 3.30 -3.82 -31.72
C LYS D 57 2.17 -3.43 -32.68
N THR D 58 2.23 -2.22 -33.21
CA THR D 58 1.17 -1.69 -34.06
C THR D 58 1.39 -2.13 -35.51
N VAL D 59 0.35 -2.65 -36.12
CA VAL D 59 0.41 -3.21 -37.46
C VAL D 59 -0.62 -2.50 -38.34
N GLU D 60 -0.14 -1.64 -39.24
CA GLU D 60 -1.04 -1.06 -40.22
C GLU D 60 -1.56 -2.16 -41.16
N ALA D 61 -2.88 -2.22 -41.31
CA ALA D 61 -3.51 -3.35 -41.99
C ALA D 61 -3.54 -3.16 -43.49
N MET D 62 -3.30 -4.24 -44.21
CA MET D 62 -3.55 -4.34 -45.64
C MET D 62 -4.63 -5.39 -45.94
N ASN D 63 -5.68 -5.39 -45.13
CA ASN D 63 -6.74 -6.37 -45.29
C ASN D 63 -7.42 -6.23 -46.64
N VAL D 64 -7.26 -7.27 -47.46
CA VAL D 64 -8.00 -7.40 -48.72
C VAL D 64 -8.74 -8.73 -48.57
N ASN D 65 -9.14 -9.03 -47.33
CA ASN D 65 -9.52 -10.37 -46.90
C ASN D 65 -8.34 -11.33 -47.10
N ILE D 66 -7.26 -10.99 -46.41
CA ILE D 66 -5.94 -11.57 -46.59
C ILE D 66 -5.48 -12.12 -45.25
N THR D 67 -4.53 -13.05 -45.30
CA THR D 67 -3.89 -13.56 -44.10
C THR D 67 -2.74 -12.63 -43.72
N HIS D 68 -2.82 -12.05 -42.53
CA HIS D 68 -1.77 -11.16 -42.03
C HIS D 68 -0.71 -11.95 -41.27
N GLU D 69 0.51 -11.42 -41.25
CA GLU D 69 1.57 -11.99 -40.43
C GLU D 69 2.61 -10.90 -40.13
N TYR D 70 3.30 -11.07 -39.01
CA TYR D 70 4.32 -10.10 -38.62
C TYR D 70 5.28 -10.83 -37.67
N LEU D 71 6.58 -10.68 -37.90
CA LEU D 71 7.62 -11.40 -37.15
C LEU D 71 8.06 -10.55 -35.96
N LEU D 72 7.69 -10.98 -34.76
CA LEU D 72 8.28 -10.41 -33.55
C LEU D 72 9.77 -10.76 -33.51
N ASN D 73 10.60 -9.79 -33.14
CA ASN D 73 12.03 -9.98 -33.06
C ASN D 73 12.57 -9.35 -31.78
N SER D 74 13.89 -9.46 -31.61
CA SER D 74 14.59 -8.90 -30.44
C SER D 74 14.06 -9.52 -29.14
N LEU D 75 13.81 -10.82 -29.16
CA LEU D 75 13.30 -11.54 -28.00
C LEU D 75 14.44 -12.28 -27.30
N LYS D 76 14.10 -12.94 -26.20
CA LYS D 76 15.07 -13.68 -25.40
C LYS D 76 15.11 -15.14 -25.82
N LYS D 77 16.30 -15.73 -25.72
CA LYS D 77 16.49 -17.12 -26.11
C LYS D 77 15.82 -18.06 -25.12
N SER D 78 15.16 -19.09 -25.65
CA SER D 78 14.67 -20.24 -24.88
C SER D 78 13.76 -19.81 -23.74
N THR D 79 12.77 -18.97 -24.05
CA THR D 79 11.80 -18.53 -23.08
C THR D 79 10.42 -18.44 -23.74
N LYS D 80 9.39 -18.64 -22.93
CA LYS D 80 8.03 -18.78 -23.40
C LYS D 80 7.31 -17.44 -23.33
N TYR D 81 6.62 -17.08 -24.41
CA TYR D 81 5.80 -15.87 -24.46
C TYR D 81 4.34 -16.20 -24.69
N SER D 82 3.48 -15.32 -24.17
CA SER D 82 2.05 -15.34 -24.47
C SER D 82 1.75 -14.26 -25.51
N ILE D 83 1.02 -14.63 -26.55
CA ILE D 83 0.79 -13.75 -27.70
C ILE D 83 -0.70 -13.62 -27.96
N VAL D 84 -1.16 -12.39 -28.16
CA VAL D 84 -2.52 -12.06 -28.53
C VAL D 84 -2.48 -11.06 -29.68
N VAL D 85 -3.62 -10.89 -30.34
CA VAL D 85 -3.80 -9.91 -31.41
C VAL D 85 -5.14 -9.23 -31.23
N LYS D 86 -5.16 -7.89 -31.40
CA LYS D 86 -6.38 -7.10 -31.32
C LYS D 86 -6.61 -6.39 -32.65
N ALA D 87 -7.87 -6.10 -32.94
CA ALA D 87 -8.24 -5.29 -34.09
C ALA D 87 -8.59 -3.88 -33.65
N TYR D 88 -8.46 -2.93 -34.56
CA TYR D 88 -8.64 -1.54 -34.19
C TYR D 88 -9.01 -0.74 -35.43
N ASN D 89 -9.92 0.22 -35.25
CA ASN D 89 -10.44 1.05 -36.33
C ASN D 89 -10.49 2.49 -35.83
N ALA D 90 -11.19 3.35 -36.58
CA ALA D 90 -11.26 4.77 -36.21
C ALA D 90 -11.86 4.96 -34.82
N ALA D 91 -12.81 4.13 -34.43
CA ALA D 91 -13.49 4.33 -33.15
C ALA D 91 -12.63 3.88 -31.98
N GLY D 92 -11.81 2.84 -32.16
CA GLY D 92 -10.96 2.36 -31.09
C GLY D 92 -10.52 0.93 -31.35
N THR D 93 -9.96 0.33 -30.33
CA THR D 93 -9.42 -1.02 -30.38
C THR D 93 -10.44 -2.03 -29.85
N GLY D 94 -10.43 -3.23 -30.42
CA GLY D 94 -11.37 -4.25 -30.05
C GLY D 94 -10.80 -5.25 -29.06
N PRO D 95 -11.50 -6.37 -28.87
CA PRO D 95 -11.03 -7.38 -27.92
C PRO D 95 -9.85 -8.14 -28.46
N ALA D 96 -9.00 -8.59 -27.54
CA ALA D 96 -7.85 -9.41 -27.90
C ALA D 96 -8.29 -10.84 -28.16
N SER D 97 -7.49 -11.54 -28.96
CA SER D 97 -7.71 -12.96 -29.19
C SER D 97 -7.33 -13.75 -27.94
N GLN D 98 -7.50 -15.07 -28.02
CA GLN D 98 -7.00 -15.93 -26.97
C GLN D 98 -5.47 -15.91 -26.96
N GLU D 99 -4.90 -16.33 -25.84
CA GLU D 99 -3.45 -16.42 -25.75
C GLU D 99 -2.95 -17.69 -26.42
N LEU D 100 -1.88 -17.56 -27.19
CA LEU D 100 -1.11 -18.70 -27.69
C LEU D 100 0.28 -18.65 -27.05
N ILE D 101 0.62 -19.71 -26.34
CA ILE D 101 1.90 -19.80 -25.64
C ILE D 101 2.89 -20.50 -26.58
N VAL D 102 3.99 -19.82 -26.87
CA VAL D 102 5.03 -20.40 -27.73
C VAL D 102 6.39 -20.04 -27.13
N LYS D 103 7.33 -20.97 -27.23
CA LYS D 103 8.68 -20.80 -26.72
C LYS D 103 9.64 -20.47 -27.85
N THR D 104 10.57 -19.56 -27.59
CA THR D 104 11.64 -19.29 -28.54
C THR D 104 12.61 -20.46 -28.57
N LEU D 105 13.31 -20.60 -29.70
CA LEU D 105 14.17 -21.75 -29.92
C LEU D 105 15.48 -21.59 -29.15
N ASP D 106 16.23 -22.69 -29.09
CA ASP D 106 17.51 -22.72 -28.40
C ASP D 106 18.69 -22.47 -29.33
N GLY D 107 18.43 -22.16 -30.60
CA GLY D 107 19.49 -21.91 -31.55
C GLY D 107 18.90 -21.51 -32.89
N VAL D 108 19.78 -21.13 -33.79
CA VAL D 108 19.37 -20.63 -35.10
C VAL D 108 19.05 -21.81 -36.02
N LEU D 109 18.08 -21.60 -36.91
CA LEU D 109 17.65 -22.58 -37.90
C LEU D 109 18.50 -22.46 -39.16
N PRO D 110 18.54 -23.51 -39.98
CA PRO D 110 19.34 -23.43 -41.21
C PRO D 110 18.78 -22.40 -42.18
N ARG D 111 19.67 -21.89 -43.03
CA ARG D 111 19.26 -20.99 -44.09
C ARG D 111 18.44 -21.72 -45.14
N PRO D 112 17.55 -21.02 -45.84
CA PRO D 112 16.79 -21.66 -46.92
C PRO D 112 17.70 -22.12 -48.03
N PRO D 113 17.53 -23.35 -48.50
CA PRO D 113 18.36 -23.85 -49.61
C PRO D 113 18.07 -23.08 -50.88
N SER D 114 18.90 -23.35 -51.90
CA SER D 114 18.75 -22.75 -53.22
C SER D 114 18.62 -23.88 -54.23
N VAL D 115 17.42 -24.06 -54.77
CA VAL D 115 17.11 -25.15 -55.69
C VAL D 115 17.23 -24.65 -57.12
N SER D 116 17.60 -25.56 -58.02
CA SER D 116 17.71 -25.24 -59.44
C SER D 116 17.44 -26.50 -60.25
N LEU D 117 16.92 -26.30 -61.46
CA LEU D 117 16.54 -27.41 -62.32
C LEU D 117 17.74 -27.95 -63.08
N LEU D 118 17.82 -29.28 -63.18
CA LEU D 118 18.84 -29.95 -63.99
C LEU D 118 18.28 -30.42 -65.32
N SER D 119 17.22 -31.23 -65.30
CA SER D 119 16.63 -31.77 -66.52
C SER D 119 15.20 -32.17 -66.23
N ALA D 120 14.43 -32.37 -67.31
CA ALA D 120 13.04 -32.80 -67.21
C ALA D 120 12.70 -33.65 -68.42
N SER D 121 12.00 -34.75 -68.17
CA SER D 121 11.53 -35.66 -69.21
C SER D 121 10.01 -35.72 -69.17
N ASP D 122 9.44 -36.64 -69.96
CA ASP D 122 8.00 -36.79 -69.97
C ASP D 122 7.45 -37.37 -68.67
N SER D 123 8.29 -38.00 -67.84
CA SER D 123 7.83 -38.53 -66.57
C SER D 123 8.81 -38.34 -65.42
N THR D 124 9.88 -37.56 -65.62
CA THR D 124 10.87 -37.35 -64.57
C THR D 124 11.29 -35.89 -64.51
N ILE D 125 11.74 -35.47 -63.34
CA ILE D 125 12.29 -34.13 -63.11
C ILE D 125 13.48 -34.27 -62.18
N SER D 126 14.62 -33.71 -62.58
CA SER D 126 15.86 -33.78 -61.80
C SER D 126 16.22 -32.39 -61.30
N VAL D 127 16.51 -32.28 -60.01
CA VAL D 127 16.80 -30.99 -59.38
C VAL D 127 18.09 -31.09 -58.57
N LYS D 128 18.81 -29.98 -58.51
CA LYS D 128 19.95 -29.79 -57.64
C LYS D 128 19.65 -28.66 -56.66
N TRP D 129 20.25 -28.72 -55.48
CA TRP D 129 20.12 -27.65 -54.51
C TRP D 129 21.49 -27.35 -53.90
N GLY D 130 21.50 -26.37 -53.02
CA GLY D 130 22.70 -26.02 -52.28
C GLY D 130 22.31 -25.32 -50.99
N HIS D 131 23.12 -25.51 -49.96
CA HIS D 131 22.82 -24.96 -48.65
C HIS D 131 24.11 -24.45 -48.03
N THR D 132 24.16 -23.14 -47.78
CA THR D 132 25.31 -22.53 -47.12
C THR D 132 25.55 -23.21 -45.78
N ILE D 133 26.75 -23.76 -45.62
CA ILE D 133 27.04 -24.66 -44.51
C ILE D 133 27.01 -23.90 -43.18
N SER D 134 26.96 -24.66 -42.09
CA SER D 134 26.93 -24.09 -40.76
C SER D 134 27.90 -24.88 -39.88
N ARG D 135 27.81 -24.65 -38.58
CA ARG D 135 28.57 -25.39 -37.57
C ARG D 135 27.65 -26.33 -36.81
N ASP D 136 26.67 -26.88 -37.52
CA ASP D 136 25.64 -27.71 -36.92
C ASP D 136 25.56 -29.07 -37.60
N THR D 140 21.58 -30.73 -41.29
CA THR D 140 21.85 -32.10 -40.87
C THR D 140 20.91 -33.08 -41.58
N GLY D 141 19.97 -32.53 -42.33
CA GLY D 141 19.01 -33.34 -43.05
C GLY D 141 18.15 -32.44 -43.92
N TYR D 142 17.61 -33.05 -44.97
CA TYR D 142 16.87 -32.33 -46.00
C TYR D 142 15.54 -33.02 -46.25
N THR D 143 14.59 -32.23 -46.79
CA THR D 143 13.30 -32.75 -47.21
C THR D 143 12.93 -32.11 -48.53
N LEU D 144 12.58 -32.93 -49.53
CA LEU D 144 12.18 -32.45 -50.83
C LEU D 144 10.66 -32.46 -50.92
N HIS D 145 10.08 -31.30 -51.23
CA HIS D 145 8.64 -31.13 -51.37
C HIS D 145 8.29 -30.95 -52.84
N TYR D 146 7.33 -31.74 -53.32
CA TYR D 146 6.89 -31.64 -54.71
C TYR D 146 5.39 -31.87 -54.80
N ARG D 147 4.82 -31.39 -55.89
CA ARG D 147 3.40 -31.53 -56.20
C ARG D 147 3.25 -31.18 -57.67
N LYS D 148 2.15 -31.63 -58.25
CA LYS D 148 1.70 -31.09 -59.53
C LYS D 148 0.65 -30.02 -59.27
N LYS D 149 0.75 -28.92 -60.01
CA LYS D 149 0.19 -27.62 -59.70
C LYS D 149 -1.21 -27.68 -59.10
N VAL D 150 -2.07 -28.57 -59.61
CA VAL D 150 -3.45 -28.66 -59.14
C VAL D 150 -3.58 -29.50 -57.88
N GLY D 151 -2.56 -30.29 -57.54
CA GLY D 151 -2.63 -31.25 -56.46
C GLY D 151 -2.03 -30.74 -55.16
N HIS D 152 -1.72 -31.70 -54.28
CA HIS D 152 -1.24 -31.43 -52.93
C HIS D 152 0.24 -31.76 -52.81
N TRP D 153 0.86 -31.22 -51.77
CA TRP D 153 2.30 -31.37 -51.58
C TRP D 153 2.65 -32.76 -51.07
N LEU D 154 3.56 -33.44 -51.76
CA LEU D 154 4.14 -34.69 -51.29
C LEU D 154 5.56 -34.45 -50.81
N HIS D 155 6.06 -35.38 -49.99
CA HIS D 155 7.30 -35.18 -49.26
C HIS D 155 8.25 -36.33 -49.52
N VAL D 156 9.51 -36.01 -49.79
CA VAL D 156 10.58 -37.00 -49.80
C VAL D 156 11.44 -36.73 -48.58
N PRO D 157 11.22 -37.42 -47.45
CA PRO D 157 11.98 -37.12 -46.23
C PRO D 157 13.27 -37.93 -46.09
N LEU D 158 13.96 -37.69 -44.97
CA LEU D 158 15.14 -38.46 -44.56
C LEU D 158 16.22 -38.46 -45.63
N LEU D 159 16.51 -37.28 -46.17
CA LEU D 159 17.66 -37.08 -47.03
C LEU D 159 18.86 -36.68 -46.19
N ALA D 160 19.99 -37.33 -46.43
CA ALA D 160 21.21 -37.02 -45.70
C ALA D 160 21.82 -35.74 -46.25
N SER D 161 22.58 -35.05 -45.38
CA SER D 161 23.19 -33.79 -45.76
C SER D 161 24.18 -33.92 -46.91
N ASP D 162 24.73 -35.12 -47.13
CA ASP D 162 25.71 -35.29 -48.21
C ASP D 162 25.05 -35.31 -49.58
N GLN D 163 23.93 -36.01 -49.72
CA GLN D 163 23.23 -36.06 -51.00
C GLN D 163 22.58 -34.71 -51.28
N THR D 164 22.78 -34.20 -52.49
CA THR D 164 22.35 -32.85 -52.80
C THR D 164 21.65 -32.78 -54.17
N ARG D 165 21.21 -33.93 -54.69
CA ARG D 165 20.54 -34.02 -55.98
C ARG D 165 19.46 -35.09 -55.89
N TYR D 166 18.43 -34.95 -56.72
CA TYR D 166 17.33 -35.90 -56.68
C TYR D 166 16.56 -35.85 -57.99
N THR D 167 16.00 -36.99 -58.38
CA THR D 167 15.19 -37.12 -59.58
C THR D 167 13.83 -37.69 -59.21
N LEU D 168 12.79 -36.88 -59.39
CA LEU D 168 11.42 -37.37 -59.23
C LEU D 168 11.06 -38.26 -60.41
N THR D 169 10.40 -39.38 -60.14
CA THR D 169 10.10 -40.37 -61.16
C THR D 169 8.64 -40.79 -61.07
N GLY D 170 8.13 -41.30 -62.19
CA GLY D 170 6.75 -41.75 -62.28
C GLY D 170 5.75 -40.62 -62.33
N LEU D 171 6.01 -39.59 -63.11
CA LEU D 171 5.19 -38.39 -63.11
C LEU D 171 4.33 -38.34 -64.37
N ASP D 172 3.25 -37.55 -64.29
CA ASP D 172 2.39 -37.37 -65.44
C ASP D 172 3.07 -36.50 -66.49
N SER D 173 2.70 -36.72 -67.75
CA SER D 173 3.25 -35.95 -68.86
C SER D 173 2.46 -34.67 -69.07
N ASP D 174 3.14 -33.66 -69.61
CA ASP D 174 2.56 -32.34 -69.90
C ASP D 174 1.86 -31.77 -68.67
N THR D 175 2.51 -31.89 -67.52
CA THR D 175 1.96 -31.44 -66.25
C THR D 175 3.00 -30.60 -65.54
N THR D 176 2.58 -29.46 -65.00
CA THR D 176 3.49 -28.54 -64.31
C THR D 176 3.60 -28.98 -62.85
N TYR D 177 4.83 -29.26 -62.41
CA TYR D 177 5.07 -29.55 -61.01
C TYR D 177 5.79 -28.41 -60.31
N ASN D 178 5.52 -28.25 -59.03
CA ASN D 178 6.20 -27.30 -58.16
C ASN D 178 7.08 -28.06 -57.19
N VAL D 179 8.28 -27.52 -56.92
CA VAL D 179 9.29 -28.22 -56.14
C VAL D 179 10.01 -27.21 -55.24
N TYR D 180 10.29 -27.62 -54.00
CA TYR D 180 11.14 -26.83 -53.11
C TYR D 180 11.74 -27.75 -52.05
N VAL D 181 12.75 -27.24 -51.34
CA VAL D 181 13.55 -28.01 -50.40
C VAL D 181 13.56 -27.29 -49.05
N THR D 182 13.58 -28.08 -47.98
CA THR D 182 13.78 -27.57 -46.63
C THR D 182 14.92 -28.32 -45.96
N ALA D 183 15.62 -27.62 -45.06
CA ALA D 183 16.65 -28.21 -44.23
C ALA D 183 16.21 -28.17 -42.77
N ASN D 184 16.70 -29.13 -42.00
CA ASN D 184 16.49 -29.13 -40.56
C ASN D 184 17.81 -29.38 -39.84
N ASN D 185 17.84 -29.01 -38.57
CA ASN D 185 19.00 -29.21 -37.72
C ASN D 185 18.50 -29.61 -36.33
N ARG D 186 19.38 -29.49 -35.33
CA ARG D 186 19.00 -29.78 -33.96
C ARG D 186 17.80 -28.96 -33.52
N TYR D 187 17.77 -27.69 -33.90
CA TYR D 187 16.81 -26.73 -33.35
C TYR D 187 15.49 -26.68 -34.11
N GLY D 188 15.41 -27.29 -35.29
CA GLY D 188 14.14 -27.35 -35.99
C GLY D 188 14.35 -27.28 -37.49
N ARG D 189 13.27 -26.93 -38.18
CA ARG D 189 13.21 -26.95 -39.64
C ARG D 189 13.30 -25.51 -40.16
N GLY D 190 14.28 -25.27 -41.03
CA GLY D 190 14.50 -23.95 -41.57
C GLY D 190 13.45 -23.53 -42.58
N ASP D 191 13.55 -22.27 -43.00
CA ASP D 191 12.63 -21.73 -43.99
C ASP D 191 12.79 -22.46 -45.32
N PRO D 192 11.74 -22.49 -46.14
CA PRO D 192 11.80 -23.23 -47.40
C PRO D 192 12.54 -22.46 -48.49
N SER D 193 12.98 -23.20 -49.50
CA SER D 193 13.54 -22.60 -50.69
C SER D 193 12.44 -22.05 -51.57
N GLY D 194 12.84 -21.26 -52.57
CA GLY D 194 11.89 -20.79 -53.55
C GLY D 194 11.29 -21.93 -54.35
N ILE D 195 10.11 -21.68 -54.90
CA ILE D 195 9.35 -22.70 -55.59
C ILE D 195 9.83 -22.79 -57.03
N LEU D 196 10.27 -23.99 -57.43
CA LEU D 196 10.64 -24.26 -58.81
C LEU D 196 9.44 -24.85 -59.55
N SER D 197 9.09 -24.25 -60.67
CA SER D 197 8.02 -24.73 -61.52
C SER D 197 8.58 -25.19 -62.85
N VAL D 198 8.08 -26.31 -63.35
CA VAL D 198 8.51 -26.87 -64.63
C VAL D 198 7.48 -27.89 -65.09
N ARG D 199 7.26 -27.94 -66.41
CA ARG D 199 6.38 -28.94 -67.00
C ARG D 199 7.17 -30.15 -67.49
N THR D 200 6.61 -31.34 -67.26
CA THR D 200 7.11 -32.53 -67.91
C THR D 200 6.77 -32.50 -69.39
N GLY D 201 7.56 -33.23 -70.18
CA GLY D 201 7.50 -33.14 -71.62
C GLY D 201 6.51 -34.11 -72.24
N ASP D 202 6.45 -34.05 -73.57
CA ASP D 202 5.69 -34.94 -74.45
C ASP D 202 5.06 -36.21 -73.84
N ALA E 2 -18.98 37.68 24.29
CA ALA E 2 -18.99 36.86 23.08
C ALA E 2 -19.63 35.51 23.35
N SER E 3 -20.70 35.21 22.62
CA SER E 3 -21.45 33.97 22.81
C SER E 3 -21.76 33.37 21.45
N GLU E 4 -22.34 32.17 21.47
CA GLU E 4 -22.81 31.56 20.23
C GLU E 4 -23.90 32.44 19.62
N PRO E 5 -24.07 32.37 18.30
CA PRO E 5 -25.18 33.10 17.69
C PRO E 5 -26.52 32.64 18.25
N SER E 6 -27.46 33.58 18.34
CA SER E 6 -28.78 33.31 18.89
C SER E 6 -29.88 33.36 17.84
N GLY E 7 -29.51 33.45 16.55
CA GLY E 7 -30.48 33.52 15.50
C GLY E 7 -30.10 32.67 14.30
N PRO E 8 -31.09 32.23 13.54
CA PRO E 8 -30.81 31.42 12.35
C PRO E 8 -30.49 32.29 11.15
N PRO E 9 -29.81 31.74 10.14
CA PRO E 9 -29.62 32.50 8.90
C PRO E 9 -30.94 32.84 8.25
N THR E 10 -30.94 33.92 7.48
CA THR E 10 -32.14 34.47 6.87
C THR E 10 -32.14 34.23 5.37
N ASP E 11 -33.31 34.50 4.77
CA ASP E 11 -33.50 34.40 3.31
C ASP E 11 -33.01 33.07 2.77
N LEU E 12 -33.43 31.98 3.43
CA LEU E 12 -33.03 30.65 3.01
C LEU E 12 -33.77 30.26 1.74
N TRP E 13 -33.03 29.72 0.77
CA TRP E 13 -33.60 29.32 -0.52
C TRP E 13 -32.88 28.08 -1.01
N VAL E 14 -33.65 27.08 -1.42
CA VAL E 14 -33.11 25.82 -1.93
C VAL E 14 -33.67 25.56 -3.32
N GLU E 15 -32.83 25.02 -4.19
CA GLU E 15 -33.24 24.65 -5.54
C GLU E 15 -32.38 23.49 -5.99
N SER E 16 -33.02 22.39 -6.39
CA SER E 16 -32.28 21.24 -6.90
C SER E 16 -31.94 21.46 -8.35
N ARG E 17 -30.67 21.26 -8.71
CA ARG E 17 -30.16 21.51 -10.05
C ARG E 17 -29.78 20.23 -10.78
N GLY E 18 -30.43 19.12 -10.43
CA GLY E 18 -30.13 17.85 -11.04
C GLY E 18 -30.58 16.69 -10.17
N PRO E 19 -30.34 15.46 -10.63
CA PRO E 19 -30.72 14.30 -9.82
C PRO E 19 -29.87 14.13 -8.57
N PHE E 20 -28.66 14.71 -8.54
CA PHE E 20 -27.71 14.47 -7.48
C PHE E 20 -27.34 15.72 -6.69
N THR E 21 -27.84 16.90 -7.08
CA THR E 21 -27.37 18.15 -6.52
C THR E 21 -28.53 19.03 -6.08
N ILE E 22 -28.27 19.82 -5.04
CA ILE E 22 -29.19 20.84 -4.54
C ILE E 22 -28.39 22.10 -4.27
N LEU E 23 -28.84 23.23 -4.83
CA LEU E 23 -28.20 24.52 -4.60
C LEU E 23 -28.91 25.23 -3.45
N VAL E 24 -28.16 25.54 -2.39
CA VAL E 24 -28.70 26.19 -1.20
C VAL E 24 -28.17 27.61 -1.15
N ARG E 25 -29.07 28.58 -1.05
CA ARG E 25 -28.72 29.97 -0.80
C ARG E 25 -29.22 30.40 0.57
N TRP E 26 -28.52 31.38 1.16
CA TRP E 26 -28.97 31.99 2.40
C TRP E 26 -28.21 33.29 2.62
N LYS E 27 -28.69 34.08 3.57
CA LYS E 27 -27.98 35.23 4.09
C LYS E 27 -27.75 35.07 5.58
N ALA E 28 -27.03 36.04 6.14
CA ALA E 28 -26.69 36.02 7.55
C ALA E 28 -27.93 36.18 8.43
N PRO E 29 -27.82 35.82 9.69
CA PRO E 29 -28.73 36.36 10.69
C PRO E 29 -28.49 37.85 10.85
N PRO E 30 -29.44 38.59 11.42
CA PRO E 30 -29.18 40.01 11.69
C PRO E 30 -27.96 40.18 12.58
N LYS E 31 -27.30 41.32 12.45
CA LYS E 31 -26.09 41.59 13.22
C LYS E 31 -26.36 41.53 14.72
N GLU E 32 -27.60 41.80 15.14
CA GLU E 32 -27.96 41.79 16.54
C GLU E 32 -27.98 40.39 17.15
N TYR E 33 -27.73 39.35 16.35
CA TYR E 33 -27.82 37.98 16.82
C TYR E 33 -26.51 37.21 16.64
N TRP E 34 -25.41 37.90 16.34
CA TRP E 34 -24.13 37.24 16.13
C TRP E 34 -23.44 36.95 17.45
N HIS E 35 -23.21 37.99 18.26
CA HIS E 35 -22.49 37.87 19.53
C HIS E 35 -21.05 37.41 19.29
N GLY E 36 -20.45 37.93 18.23
CA GLY E 36 -19.12 37.50 17.80
C GLY E 36 -19.09 37.33 16.29
N LYS E 37 -18.02 37.83 15.65
CA LYS E 37 -17.93 37.79 14.20
C LYS E 37 -18.05 36.36 13.68
N LEU E 38 -18.93 36.17 12.70
CA LEU E 38 -19.23 34.84 12.19
C LEU E 38 -18.02 34.28 11.45
N LYS E 39 -17.70 33.01 11.74
CA LYS E 39 -16.63 32.31 11.04
C LYS E 39 -17.13 31.53 9.84
N GLY E 40 -18.40 31.12 9.85
CA GLY E 40 -18.95 30.40 8.71
C GLY E 40 -20.31 29.82 9.05
N TYR E 41 -20.70 28.81 8.27
CA TYR E 41 -21.98 28.16 8.46
C TYR E 41 -21.88 26.65 8.27
N TYR E 42 -22.90 25.96 8.76
CA TYR E 42 -23.09 24.53 8.56
C TYR E 42 -24.39 24.32 7.80
N VAL E 43 -24.32 23.57 6.70
CA VAL E 43 -25.48 23.29 5.86
C VAL E 43 -25.96 21.88 6.20
N GLY E 44 -27.16 21.79 6.79
CA GLY E 44 -27.72 20.51 7.19
C GLY E 44 -28.60 19.91 6.10
N TYR E 45 -28.66 18.58 6.09
CA TYR E 45 -29.30 17.84 5.01
C TYR E 45 -29.54 16.41 5.45
N LYS E 46 -30.67 15.86 5.02
CA LYS E 46 -31.04 14.48 5.28
C LYS E 46 -32.29 14.16 4.48
N MET E 47 -32.49 12.88 4.21
CA MET E 47 -33.72 12.45 3.55
C MET E 47 -34.90 12.72 4.48
N GLU E 48 -35.98 13.27 3.90
CA GLU E 48 -37.01 14.00 4.65
C GLU E 48 -37.40 13.33 5.96
N GLY E 49 -37.96 12.12 5.88
CA GLY E 49 -38.48 11.45 7.05
C GLY E 49 -37.57 10.46 7.74
N SER E 50 -36.41 10.16 7.15
CA SER E 50 -35.47 9.14 7.65
C SER E 50 -35.14 9.32 9.12
N PRO E 51 -34.99 8.23 9.88
CA PRO E 51 -34.70 8.36 11.32
C PRO E 51 -33.26 8.71 11.65
N GLN E 52 -32.40 8.81 10.63
CA GLN E 52 -30.97 8.99 10.86
C GLN E 52 -30.62 10.47 10.85
N PRO E 53 -29.68 10.90 11.69
CA PRO E 53 -29.53 12.33 11.98
C PRO E 53 -29.05 13.14 10.78
N TYR E 54 -29.15 14.46 10.95
CA TYR E 54 -28.69 15.40 9.93
C TYR E 54 -27.19 15.25 9.67
N SER E 55 -26.82 15.35 8.40
CA SER E 55 -25.42 15.49 8.00
C SER E 55 -25.15 16.96 7.70
N PHE E 56 -24.07 17.49 8.24
CA PHE E 56 -23.73 18.90 8.13
C PHE E 56 -22.47 19.08 7.32
N LYS E 57 -22.50 20.03 6.39
CA LYS E 57 -21.34 20.44 5.61
C LYS E 57 -20.87 21.81 6.08
N THR E 58 -19.57 21.93 6.32
CA THR E 58 -19.01 23.15 6.89
C THR E 58 -18.67 24.14 5.78
N VAL E 59 -19.07 25.39 5.97
CA VAL E 59 -18.89 26.47 4.99
C VAL E 59 -18.18 27.62 5.68
N GLU E 60 -16.90 27.80 5.38
CA GLU E 60 -16.16 28.93 5.92
C GLU E 60 -16.51 30.20 5.15
N ALA E 61 -17.06 31.20 5.84
CA ALA E 61 -17.42 32.48 5.23
C ALA E 61 -17.12 33.59 6.24
N MET E 62 -15.93 34.17 6.14
CA MET E 62 -15.61 35.34 6.95
C MET E 62 -16.28 36.60 6.40
N ASN E 63 -16.45 36.70 5.09
CA ASN E 63 -17.33 37.70 4.53
C ASN E 63 -18.78 37.33 4.80
N VAL E 64 -19.55 38.30 5.26
CA VAL E 64 -20.94 38.03 5.64
C VAL E 64 -21.83 39.11 5.01
N ASN E 65 -21.25 39.92 4.13
CA ASN E 65 -21.95 41.01 3.48
C ASN E 65 -22.59 40.61 2.16
N ILE E 66 -22.62 39.30 1.85
CA ILE E 66 -23.07 38.81 0.56
C ILE E 66 -24.13 37.75 0.79
N THR E 67 -24.85 37.41 -0.28
CA THR E 67 -25.69 36.23 -0.26
C THR E 67 -24.85 34.98 -0.47
N HIS E 68 -24.99 34.02 0.43
CA HIS E 68 -24.17 32.82 0.43
C HIS E 68 -24.87 31.71 -0.33
N GLU E 69 -24.08 30.82 -0.93
CA GLU E 69 -24.65 29.63 -1.56
C GLU E 69 -23.59 28.53 -1.59
N TYR E 70 -24.07 27.29 -1.63
CA TYR E 70 -23.17 26.14 -1.68
C TYR E 70 -23.99 24.98 -2.26
N LEU E 71 -23.38 24.24 -3.19
CA LEU E 71 -24.05 23.16 -3.93
C LEU E 71 -23.83 21.83 -3.23
N LEU E 72 -24.89 21.28 -2.62
CA LEU E 72 -24.86 19.91 -2.16
C LEU E 72 -24.80 18.97 -3.34
N ASN E 73 -23.96 17.93 -3.24
CA ASN E 73 -23.82 16.96 -4.32
C ASN E 73 -23.78 15.55 -3.72
N SER E 74 -23.67 14.56 -4.61
CA SER E 74 -23.59 13.16 -4.21
C SER E 74 -24.87 12.72 -3.49
N LEU E 75 -26.01 13.18 -3.98
CA LEU E 75 -27.30 12.86 -3.38
C LEU E 75 -27.99 11.76 -4.18
N LYS E 76 -29.20 11.40 -3.75
CA LYS E 76 -29.97 10.32 -4.37
C LYS E 76 -31.00 10.89 -5.34
N LYS E 77 -31.17 10.20 -6.46
CA LYS E 77 -32.09 10.63 -7.50
C LYS E 77 -33.53 10.59 -7.01
N SER E 78 -34.27 11.67 -7.31
CA SER E 78 -35.72 11.75 -7.10
C SER E 78 -36.12 11.37 -5.69
N THR E 79 -35.45 11.97 -4.71
CA THR E 79 -35.79 11.80 -3.31
C THR E 79 -35.84 13.16 -2.62
N LYS E 80 -36.66 13.24 -1.58
CA LYS E 80 -36.91 14.50 -0.89
C LYS E 80 -35.92 14.67 0.26
N TYR E 81 -35.39 15.89 0.39
CA TYR E 81 -34.42 16.21 1.42
C TYR E 81 -34.91 17.40 2.25
N SER E 82 -34.59 17.39 3.53
CA SER E 82 -34.83 18.52 4.43
C SER E 82 -33.52 19.26 4.64
N ILE E 83 -33.54 20.57 4.43
CA ILE E 83 -32.33 21.39 4.42
C ILE E 83 -32.45 22.46 5.50
N VAL E 84 -31.40 22.62 6.30
CA VAL E 84 -31.29 23.70 7.28
C VAL E 84 -29.88 24.27 7.18
N VAL E 85 -29.72 25.47 7.76
CA VAL E 85 -28.42 26.15 7.81
C VAL E 85 -28.24 26.74 9.20
N LYS E 86 -27.04 26.57 9.76
CA LYS E 86 -26.67 27.16 11.04
C LYS E 86 -25.52 28.12 10.82
N ALA E 87 -25.40 29.11 11.72
CA ALA E 87 -24.25 30.00 11.75
C ALA E 87 -23.38 29.65 12.96
N TYR E 88 -22.07 29.87 12.83
CA TYR E 88 -21.16 29.62 13.94
C TYR E 88 -20.09 30.69 13.98
N ASN E 89 -19.57 30.93 15.17
CA ASN E 89 -18.49 31.89 15.40
C ASN E 89 -17.48 31.23 16.34
N ALA E 90 -16.57 32.04 16.88
CA ALA E 90 -15.54 31.51 17.76
C ALA E 90 -16.12 30.82 18.98
N ALA E 91 -17.26 31.31 19.49
CA ALA E 91 -17.83 30.73 20.69
C ALA E 91 -18.55 29.40 20.42
N GLY E 92 -19.10 29.24 19.23
CA GLY E 92 -19.77 28.00 18.89
C GLY E 92 -20.82 28.23 17.81
N THR E 93 -21.67 27.23 17.65
CA THR E 93 -22.69 27.20 16.61
C THR E 93 -24.03 27.68 17.14
N GLY E 94 -24.79 28.34 16.28
CA GLY E 94 -26.08 28.89 16.66
C GLY E 94 -27.24 28.00 16.27
N PRO E 95 -28.45 28.56 16.33
CA PRO E 95 -29.64 27.78 15.97
C PRO E 95 -29.73 27.54 14.48
N ALA E 96 -30.33 26.42 14.11
CA ALA E 96 -30.57 26.12 12.71
C ALA E 96 -31.79 26.88 12.21
N SER E 97 -31.82 27.11 10.90
CA SER E 97 -32.97 27.72 10.27
C SER E 97 -34.14 26.73 10.24
N GLN E 98 -35.27 27.19 9.71
CA GLN E 98 -36.37 26.29 9.47
C GLN E 98 -36.01 25.29 8.37
N GLU E 99 -36.76 24.19 8.32
CA GLU E 99 -36.54 23.20 7.28
C GLU E 99 -37.19 23.64 5.98
N LEU E 100 -36.44 23.49 4.88
CA LEU E 100 -36.99 23.60 3.54
C LEU E 100 -36.91 22.22 2.88
N ILE E 101 -38.06 21.70 2.46
CA ILE E 101 -38.15 20.40 1.83
C ILE E 101 -38.02 20.59 0.32
N VAL E 102 -37.06 19.91 -0.28
CA VAL E 102 -36.81 19.99 -1.72
C VAL E 102 -36.49 18.60 -2.24
N LYS E 103 -37.01 18.29 -3.42
CA LYS E 103 -36.82 16.99 -4.04
C LYS E 103 -35.78 17.09 -5.16
N THR E 104 -34.91 16.09 -5.22
CA THR E 104 -33.96 16.01 -6.32
C THR E 104 -34.69 15.64 -7.62
N LEU E 105 -34.07 15.97 -8.74
CA LEU E 105 -34.70 15.80 -10.03
C LEU E 105 -34.66 14.33 -10.47
N ASP E 106 -35.43 14.04 -11.52
CA ASP E 106 -35.51 12.70 -12.08
C ASP E 106 -34.51 12.47 -13.20
N GLY E 107 -33.70 13.47 -13.54
CA GLY E 107 -32.75 13.34 -14.62
C GLY E 107 -31.91 14.60 -14.73
N VAL E 108 -30.93 14.55 -15.61
CA VAL E 108 -29.99 15.65 -15.78
C VAL E 108 -30.61 16.74 -16.64
N LEU E 109 -30.25 17.98 -16.33
CA LEU E 109 -30.70 19.16 -17.06
C LEU E 109 -29.77 19.47 -18.22
N PRO E 110 -30.23 20.24 -19.20
CA PRO E 110 -29.34 20.61 -20.30
C PRO E 110 -28.21 21.52 -19.84
N ARG E 111 -27.09 21.41 -20.54
CA ARG E 111 -25.96 22.29 -20.31
C ARG E 111 -26.34 23.72 -20.72
N PRO E 112 -25.86 24.72 -20.00
CA PRO E 112 -26.12 26.12 -20.38
C PRO E 112 -25.67 26.39 -21.82
N PRO E 113 -26.49 27.07 -22.59
CA PRO E 113 -26.14 27.35 -23.99
C PRO E 113 -24.96 28.32 -24.10
N SER E 114 -24.54 28.54 -25.34
CA SER E 114 -23.46 29.48 -25.65
C SER E 114 -24.01 30.53 -26.60
N VAL E 115 -24.11 31.77 -26.11
CA VAL E 115 -24.74 32.85 -26.86
C VAL E 115 -23.65 33.72 -27.47
N SER E 116 -23.91 34.25 -28.66
CA SER E 116 -23.00 35.16 -29.32
C SER E 116 -23.81 36.19 -30.11
N LEU E 117 -23.29 37.41 -30.18
CA LEU E 117 -23.96 38.49 -30.88
C LEU E 117 -23.79 38.36 -32.38
N LEU E 118 -24.86 38.65 -33.12
CA LEU E 118 -24.82 38.70 -34.58
C LEU E 118 -24.74 40.14 -35.09
N SER E 119 -25.70 40.97 -34.72
CA SER E 119 -25.75 42.35 -35.18
C SER E 119 -26.58 43.18 -34.21
N ALA E 120 -26.46 44.50 -34.34
CA ALA E 120 -27.22 45.42 -33.51
C ALA E 120 -27.49 46.69 -34.31
N SER E 121 -28.73 47.18 -34.22
CA SER E 121 -29.15 48.42 -34.87
C SER E 121 -29.59 49.42 -33.79
N ASP E 122 -30.17 50.53 -34.22
CA ASP E 122 -30.66 51.52 -33.28
C ASP E 122 -31.86 51.02 -32.48
N SER E 123 -32.56 49.98 -32.96
CA SER E 123 -33.71 49.46 -32.22
C SER E 123 -33.81 47.94 -32.26
N THR E 124 -32.78 47.23 -32.74
CA THR E 124 -32.84 45.77 -32.81
C THR E 124 -31.50 45.18 -32.37
N ILE E 125 -31.58 43.94 -31.88
CA ILE E 125 -30.40 43.15 -31.50
C ILE E 125 -30.65 41.71 -31.92
N SER E 126 -29.71 41.13 -32.67
CA SER E 126 -29.81 39.77 -33.18
C SER E 126 -28.76 38.89 -32.51
N VAL E 127 -29.18 37.72 -32.04
CA VAL E 127 -28.31 36.82 -31.29
C VAL E 127 -28.41 35.40 -31.84
N LYS E 128 -27.31 34.66 -31.67
CA LYS E 128 -27.18 33.26 -32.04
C LYS E 128 -26.79 32.46 -30.80
N TRP E 129 -27.16 31.17 -30.77
CA TRP E 129 -26.77 30.34 -29.65
C TRP E 129 -26.58 28.90 -30.10
N GLY E 130 -26.06 28.09 -29.18
CA GLY E 130 -25.88 26.67 -29.43
C GLY E 130 -25.99 25.91 -28.13
N HIS E 131 -26.51 24.68 -28.23
CA HIS E 131 -26.82 23.79 -27.09
C HIS E 131 -26.76 24.44 -25.70
N PRO E 138 -32.32 14.93 -24.80
CA PRO E 138 -33.01 15.68 -25.86
C PRO E 138 -33.62 16.97 -25.34
N VAL E 139 -33.28 18.07 -26.01
CA VAL E 139 -33.75 19.39 -25.61
C VAL E 139 -35.16 19.60 -26.14
N THR E 140 -36.01 20.23 -25.33
CA THR E 140 -37.41 20.46 -25.67
C THR E 140 -37.69 21.89 -26.11
N GLY E 141 -36.78 22.81 -25.82
CA GLY E 141 -36.96 24.19 -26.24
C GLY E 141 -35.95 25.09 -25.57
N TYR E 142 -36.10 26.39 -25.83
CA TYR E 142 -35.30 27.40 -25.17
C TYR E 142 -36.17 28.58 -24.76
N THR E 143 -35.58 29.48 -23.97
CA THR E 143 -36.21 30.72 -23.56
C THR E 143 -35.17 31.83 -23.63
N LEU E 144 -35.49 32.90 -24.35
CA LEU E 144 -34.59 34.04 -24.48
C LEU E 144 -34.95 35.10 -23.46
N HIS E 145 -33.96 35.53 -22.69
CA HIS E 145 -34.14 36.51 -21.62
C HIS E 145 -33.42 37.78 -22.00
N TYR E 146 -34.09 38.92 -21.86
CA TYR E 146 -33.49 40.20 -22.20
C TYR E 146 -34.06 41.28 -21.29
N ARG E 147 -33.32 42.37 -21.19
CA ARG E 147 -33.71 43.51 -20.37
C ARG E 147 -32.87 44.70 -20.78
N LYS E 148 -33.35 45.89 -20.41
CA LYS E 148 -32.48 47.05 -20.32
C LYS E 148 -31.65 46.98 -19.05
N LYS E 149 -30.39 47.41 -19.14
CA LYS E 149 -29.44 47.38 -18.03
C LYS E 149 -30.09 47.84 -16.73
N VAL E 150 -30.92 48.89 -16.82
CA VAL E 150 -31.59 49.46 -15.64
C VAL E 150 -32.97 48.87 -15.39
N GLY E 151 -33.46 47.99 -16.28
CA GLY E 151 -34.82 47.51 -16.23
C GLY E 151 -34.94 46.08 -15.74
N HIS E 152 -36.09 45.48 -16.02
CA HIS E 152 -36.44 44.15 -15.56
C HIS E 152 -36.35 43.13 -16.69
N TRP E 153 -36.15 41.88 -16.31
CA TRP E 153 -35.97 40.81 -17.28
C TRP E 153 -37.29 40.46 -17.96
N LEU E 154 -37.30 40.46 -19.28
CA LEU E 154 -38.41 39.97 -20.07
C LEU E 154 -38.04 38.63 -20.70
N HIS E 155 -39.06 37.86 -21.06
CA HIS E 155 -38.88 36.48 -21.46
C HIS E 155 -39.53 36.24 -22.82
N VAL E 156 -38.80 35.59 -23.71
CA VAL E 156 -39.37 35.11 -24.97
C VAL E 156 -39.42 33.59 -24.89
N PRO E 157 -40.55 33.00 -24.50
CA PRO E 157 -40.62 31.54 -24.33
C PRO E 157 -41.03 30.78 -25.58
N LEU E 158 -41.12 29.45 -25.44
CA LEU E 158 -41.65 28.56 -26.47
C LEU E 158 -40.87 28.66 -27.78
N LEU E 159 -39.54 28.65 -27.67
CA LEU E 159 -38.68 28.58 -28.84
C LEU E 159 -38.38 27.13 -29.19
N ALA E 160 -38.47 26.81 -30.47
CA ALA E 160 -38.26 25.45 -30.94
C ALA E 160 -36.78 25.11 -30.91
N SER E 161 -36.50 23.81 -30.78
CA SER E 161 -35.12 23.36 -30.60
C SER E 161 -34.26 23.62 -31.83
N ASP E 162 -34.88 23.76 -33.01
CA ASP E 162 -34.11 23.86 -34.24
C ASP E 162 -33.66 25.29 -34.54
N GLN E 163 -34.47 26.29 -34.16
CA GLN E 163 -34.39 27.59 -34.81
C GLN E 163 -33.14 28.37 -34.43
N THR E 164 -32.72 28.32 -33.16
CA THR E 164 -31.37 28.70 -32.74
C THR E 164 -31.05 30.18 -32.96
N ARG E 165 -32.02 30.97 -33.45
CA ARG E 165 -31.74 32.34 -33.86
C ARG E 165 -32.91 33.23 -33.43
N TYR E 166 -32.62 34.48 -33.09
CA TYR E 166 -33.68 35.42 -32.72
C TYR E 166 -33.18 36.85 -32.83
N THR E 167 -34.12 37.76 -33.13
CA THR E 167 -33.85 39.20 -33.19
C THR E 167 -34.85 39.94 -32.32
N LEU E 168 -34.34 40.67 -31.33
CA LEU E 168 -35.19 41.53 -30.52
C LEU E 168 -35.49 42.81 -31.28
N THR E 169 -36.75 43.24 -31.27
CA THR E 169 -37.17 44.40 -32.03
C THR E 169 -37.93 45.37 -31.13
N GLY E 170 -38.00 46.62 -31.60
CA GLY E 170 -38.69 47.67 -30.86
C GLY E 170 -37.96 48.12 -29.61
N LEU E 171 -36.65 48.33 -29.70
CA LEU E 171 -35.84 48.65 -28.53
C LEU E 171 -35.46 50.13 -28.53
N ASP E 172 -35.09 50.61 -27.35
CA ASP E 172 -34.62 51.98 -27.22
C ASP E 172 -33.24 52.13 -27.84
N SER E 173 -32.96 53.34 -28.33
CA SER E 173 -31.67 53.62 -28.92
C SER E 173 -30.67 54.06 -27.85
N ASP E 174 -29.39 53.81 -28.13
CA ASP E 174 -28.30 54.17 -27.23
C ASP E 174 -28.54 53.62 -25.82
N THR E 175 -29.00 52.38 -25.75
CA THR E 175 -29.34 51.75 -24.49
C THR E 175 -28.67 50.39 -24.41
N THR E 176 -28.05 50.09 -23.27
CA THR E 176 -27.40 48.79 -23.07
C THR E 176 -28.45 47.76 -22.67
N TYR E 177 -28.53 46.68 -23.43
CA TYR E 177 -29.34 45.53 -23.05
C TYR E 177 -28.49 44.34 -22.65
N ASN E 178 -29.02 43.52 -21.75
CA ASN E 178 -28.40 42.27 -21.34
C ASN E 178 -29.24 41.11 -21.87
N VAL E 179 -28.57 40.08 -22.40
CA VAL E 179 -29.25 38.97 -23.08
C VAL E 179 -28.61 37.65 -22.65
N TYR E 180 -29.46 36.63 -22.48
CA TYR E 180 -29.01 35.32 -22.01
C TYR E 180 -30.13 34.31 -22.27
N VAL E 181 -29.72 33.06 -22.50
CA VAL E 181 -30.60 31.98 -22.97
C VAL E 181 -30.58 30.85 -21.97
N THR E 182 -31.73 30.19 -21.79
CA THR E 182 -31.84 28.97 -21.01
C THR E 182 -32.43 27.86 -21.88
N ALA E 183 -31.90 26.65 -21.73
CA ALA E 183 -32.47 25.47 -22.35
C ALA E 183 -33.29 24.69 -21.32
N ASN E 184 -34.22 23.88 -21.81
CA ASN E 184 -35.07 23.13 -20.90
C ASN E 184 -35.54 21.85 -21.57
N ASN E 185 -35.74 20.81 -20.76
CA ASN E 185 -36.04 19.47 -21.24
C ASN E 185 -37.16 18.90 -20.36
N ARG E 186 -37.36 17.58 -20.45
CA ARG E 186 -38.42 16.94 -19.67
C ARG E 186 -38.20 17.13 -18.17
N TYR E 187 -36.94 17.20 -17.73
CA TYR E 187 -36.66 17.23 -16.30
C TYR E 187 -36.63 18.64 -15.72
N GLY E 188 -36.54 19.66 -16.55
CA GLY E 188 -36.62 21.02 -16.05
C GLY E 188 -35.79 21.96 -16.89
N ARG E 189 -35.45 23.10 -16.28
CA ARG E 189 -34.79 24.21 -16.95
C ARG E 189 -33.31 24.22 -16.56
N GLY E 190 -32.43 24.23 -17.57
CA GLY E 190 -31.01 24.24 -17.32
C GLY E 190 -30.48 25.60 -16.87
N ASP E 191 -29.18 25.63 -16.56
CA ASP E 191 -28.53 26.85 -16.10
C ASP E 191 -28.50 27.88 -17.23
N PRO E 192 -28.41 29.16 -16.88
CA PRO E 192 -28.36 30.19 -17.92
C PRO E 192 -27.02 30.21 -18.64
N SER E 193 -27.03 30.85 -19.81
CA SER E 193 -25.90 30.75 -20.74
C SER E 193 -24.73 31.63 -20.30
N GLY E 194 -25.02 32.82 -19.78
CA GLY E 194 -23.98 33.82 -19.56
C GLY E 194 -24.46 35.07 -20.29
N ILE E 195 -24.35 36.20 -19.61
CA ILE E 195 -25.07 37.41 -20.00
C ILE E 195 -24.28 38.17 -21.05
N LEU E 196 -24.89 38.38 -22.21
CA LEU E 196 -24.35 39.24 -23.27
C LEU E 196 -24.83 40.67 -23.07
N SER E 197 -23.90 41.61 -23.09
CA SER E 197 -24.22 43.03 -23.02
C SER E 197 -23.86 43.71 -24.34
N VAL E 198 -24.72 44.62 -24.78
CA VAL E 198 -24.50 45.36 -26.02
C VAL E 198 -25.42 46.58 -26.03
N ARG E 199 -24.90 47.69 -26.55
CA ARG E 199 -25.70 48.90 -26.75
C ARG E 199 -26.27 48.96 -28.15
N THR E 200 -27.53 49.36 -28.24
CA THR E 200 -28.12 49.73 -29.52
C THR E 200 -27.50 51.03 -30.03
N GLY E 201 -27.40 51.15 -31.34
CA GLY E 201 -26.92 52.38 -31.93
C GLY E 201 -27.88 53.53 -31.70
N ASP E 202 -27.40 54.74 -31.97
CA ASP E 202 -28.24 55.92 -31.82
C ASP E 202 -28.53 56.56 -33.17
N ALA F 2 2.12 -35.24 -18.25
CA ALA F 2 1.39 -34.23 -17.51
C ALA F 2 2.05 -32.87 -17.66
N SER F 3 1.37 -31.94 -18.34
CA SER F 3 1.89 -30.61 -18.61
C SER F 3 0.84 -29.57 -18.27
N GLU F 4 1.19 -28.32 -18.50
CA GLU F 4 0.25 -27.23 -18.29
C GLU F 4 -0.86 -27.30 -19.34
N PRO F 5 -2.05 -26.79 -19.02
CA PRO F 5 -3.16 -26.82 -19.99
C PRO F 5 -2.78 -26.09 -21.27
N SER F 6 -3.29 -26.60 -22.39
CA SER F 6 -2.99 -26.07 -23.71
C SER F 6 -4.19 -25.40 -24.35
N GLY F 7 -5.27 -25.20 -23.60
CA GLY F 7 -6.47 -24.58 -24.13
C GLY F 7 -7.12 -23.65 -23.14
N PRO F 8 -7.84 -22.65 -23.64
CA PRO F 8 -8.51 -21.69 -22.76
C PRO F 8 -9.87 -22.20 -22.33
N PRO F 9 -10.43 -21.66 -21.25
CA PRO F 9 -11.83 -21.96 -20.91
C PRO F 9 -12.76 -21.56 -22.04
N THR F 10 -13.86 -22.31 -22.16
CA THR F 10 -14.61 -22.31 -23.43
C THR F 10 -15.77 -21.32 -23.49
N ASP F 11 -16.77 -21.48 -22.64
CA ASP F 11 -18.02 -20.73 -22.76
C ASP F 11 -18.01 -19.53 -21.82
N LEU F 12 -17.15 -18.58 -22.14
CA LEU F 12 -16.97 -17.41 -21.31
C LEU F 12 -18.16 -16.45 -21.47
N TRP F 13 -18.66 -15.97 -20.34
CA TRP F 13 -19.77 -15.02 -20.31
C TRP F 13 -19.55 -14.04 -19.17
N VAL F 14 -19.67 -12.75 -19.47
CA VAL F 14 -19.51 -11.69 -18.49
C VAL F 14 -20.78 -10.85 -18.46
N GLU F 15 -21.16 -10.42 -17.26
CA GLU F 15 -22.31 -9.53 -17.10
C GLU F 15 -22.12 -8.74 -15.81
N SER F 16 -22.14 -7.42 -15.91
CA SER F 16 -21.98 -6.57 -14.75
C SER F 16 -23.30 -6.49 -14.00
N ARG F 17 -23.24 -6.69 -12.68
CA ARG F 17 -24.43 -6.75 -11.83
C ARG F 17 -24.53 -5.55 -10.90
N GLY F 18 -23.90 -4.42 -11.26
CA GLY F 18 -23.93 -3.24 -10.44
C GLY F 18 -22.80 -2.29 -10.79
N PRO F 19 -22.68 -1.20 -10.04
CA PRO F 19 -21.59 -0.25 -10.31
C PRO F 19 -20.22 -0.82 -10.01
N PHE F 20 -20.11 -1.71 -9.04
CA PHE F 20 -18.81 -2.18 -8.56
C PHE F 20 -18.54 -3.65 -8.87
N THR F 21 -19.47 -4.36 -9.50
CA THR F 21 -19.37 -5.80 -9.62
C THR F 21 -19.58 -6.26 -11.06
N ILE F 22 -18.86 -7.32 -11.43
CA ILE F 22 -19.04 -8.01 -12.70
C ILE F 22 -19.09 -9.51 -12.43
N LEU F 23 -20.13 -10.17 -12.93
CA LEU F 23 -20.29 -11.61 -12.79
C LEU F 23 -19.71 -12.31 -14.02
N VAL F 24 -18.76 -13.21 -13.79
CA VAL F 24 -18.08 -13.93 -14.86
C VAL F 24 -18.46 -15.40 -14.74
N ARG F 25 -19.03 -15.96 -15.81
CA ARG F 25 -19.16 -17.41 -15.95
C ARG F 25 -18.19 -17.94 -17.01
N TRP F 26 -17.94 -19.24 -16.93
CA TRP F 26 -17.16 -19.97 -17.91
C TRP F 26 -17.32 -21.46 -17.63
N LYS F 27 -16.95 -22.28 -18.61
CA LYS F 27 -16.75 -23.70 -18.42
C LYS F 27 -15.28 -24.05 -18.62
N ALA F 28 -14.93 -25.27 -18.23
CA ALA F 28 -13.57 -25.77 -18.37
C ALA F 28 -13.21 -25.92 -19.85
N PRO F 29 -11.93 -25.97 -20.18
CA PRO F 29 -11.53 -26.36 -21.55
C PRO F 29 -11.92 -27.80 -21.81
N PRO F 30 -11.85 -28.26 -23.06
CA PRO F 30 -12.08 -29.68 -23.32
C PRO F 30 -11.08 -30.55 -22.58
N LYS F 31 -11.53 -31.76 -22.21
CA LYS F 31 -10.70 -32.66 -21.42
C LYS F 31 -9.38 -32.96 -22.11
N GLU F 32 -9.37 -33.01 -23.44
CA GLU F 32 -8.17 -33.30 -24.21
C GLU F 32 -7.15 -32.17 -24.20
N TYR F 33 -7.40 -31.10 -23.44
CA TYR F 33 -6.46 -29.98 -23.35
C TYR F 33 -6.05 -29.69 -21.91
N TRP F 34 -6.32 -30.60 -20.98
CA TRP F 34 -5.95 -30.40 -19.58
C TRP F 34 -4.51 -30.81 -19.33
N HIS F 35 -4.17 -32.06 -19.67
CA HIS F 35 -2.84 -32.62 -19.43
C HIS F 35 -2.53 -32.68 -17.94
N GLY F 36 -3.55 -33.03 -17.16
CA GLY F 36 -3.46 -33.00 -15.71
C GLY F 36 -4.71 -32.39 -15.12
N LYS F 37 -5.29 -33.05 -14.12
CA LYS F 37 -6.56 -32.60 -13.56
C LYS F 37 -6.47 -31.16 -13.06
N LEU F 38 -7.46 -30.35 -13.45
CA LEU F 38 -7.40 -28.92 -13.17
C LEU F 38 -7.57 -28.65 -11.69
N LYS F 39 -6.77 -27.71 -11.18
CA LYS F 39 -6.87 -27.30 -9.79
C LYS F 39 -7.75 -26.06 -9.62
N GLY F 40 -7.87 -25.23 -10.66
CA GLY F 40 -8.69 -24.05 -10.56
C GLY F 40 -8.48 -23.14 -11.77
N TYR F 41 -8.85 -21.88 -11.60
CA TYR F 41 -8.72 -20.90 -12.67
C TYR F 41 -8.28 -19.55 -12.12
N TYR F 42 -7.77 -18.72 -13.03
CA TYR F 42 -7.40 -17.33 -12.74
C TYR F 42 -8.30 -16.42 -13.57
N VAL F 43 -9.02 -15.53 -12.91
CA VAL F 43 -9.90 -14.57 -13.58
C VAL F 43 -9.16 -13.24 -13.65
N GLY F 44 -8.86 -12.80 -14.87
CA GLY F 44 -8.11 -11.58 -15.09
C GLY F 44 -9.02 -10.41 -15.44
N TYR F 45 -8.62 -9.22 -14.99
CA TYR F 45 -9.41 -8.02 -15.23
C TYR F 45 -8.49 -6.79 -15.19
N LYS F 46 -8.86 -5.79 -15.98
CA LYS F 46 -8.22 -4.48 -15.96
C LYS F 46 -9.13 -3.52 -16.69
N MET F 47 -8.93 -2.23 -16.43
CA MET F 47 -9.57 -1.20 -17.24
C MET F 47 -9.11 -1.33 -18.69
N GLU F 48 -10.05 -1.16 -19.63
CA GLU F 48 -9.87 -1.62 -21.01
C GLU F 48 -8.54 -1.23 -21.63
N GLY F 49 -8.28 0.07 -21.76
CA GLY F 49 -7.05 0.52 -22.38
C GLY F 49 -5.89 0.75 -21.44
N SER F 50 -6.06 0.53 -20.14
CA SER F 50 -5.06 0.95 -19.18
C SER F 50 -3.69 0.36 -19.53
N PRO F 51 -2.60 1.07 -19.24
CA PRO F 51 -1.27 0.49 -19.42
C PRO F 51 -0.86 -0.44 -18.30
N GLN F 52 -1.60 -0.46 -17.19
CA GLN F 52 -1.27 -1.36 -16.09
C GLN F 52 -1.58 -2.80 -16.49
N PRO F 53 -0.88 -3.77 -15.90
CA PRO F 53 -1.11 -5.17 -16.27
C PRO F 53 -2.44 -5.68 -15.70
N TYR F 54 -2.83 -6.88 -16.16
CA TYR F 54 -4.01 -7.53 -15.60
C TYR F 54 -3.83 -7.81 -14.11
N SER F 55 -4.94 -7.73 -13.39
CA SER F 55 -5.05 -8.26 -12.05
C SER F 55 -5.80 -9.58 -12.10
N PHE F 56 -5.21 -10.62 -11.53
CA PHE F 56 -5.77 -11.97 -11.59
C PHE F 56 -6.29 -12.38 -10.22
N LYS F 57 -7.50 -12.94 -10.20
CA LYS F 57 -8.09 -13.52 -9.02
C LYS F 57 -8.03 -15.04 -9.12
N THR F 58 -7.57 -15.69 -8.06
CA THR F 58 -7.43 -17.14 -8.05
C THR F 58 -8.74 -17.77 -7.59
N VAL F 59 -9.25 -18.70 -8.39
CA VAL F 59 -10.52 -19.38 -8.12
C VAL F 59 -10.24 -20.87 -8.04
N GLU F 60 -10.33 -21.42 -6.83
CA GLU F 60 -10.22 -22.87 -6.67
C GLU F 60 -11.45 -23.55 -7.25
N ALA F 61 -11.22 -24.67 -7.96
CA ALA F 61 -12.37 -25.44 -8.45
C ALA F 61 -11.96 -26.90 -8.54
N MET F 62 -12.38 -27.70 -7.56
CA MET F 62 -12.29 -29.14 -7.69
C MET F 62 -13.31 -29.67 -8.69
N ASN F 63 -14.58 -29.32 -8.48
CA ASN F 63 -15.63 -29.71 -9.41
C ASN F 63 -15.42 -29.01 -10.74
N VAL F 64 -15.41 -29.80 -11.81
CA VAL F 64 -14.99 -29.32 -13.13
C VAL F 64 -16.07 -29.67 -14.15
N ASN F 65 -17.07 -30.43 -13.74
CA ASN F 65 -18.14 -30.88 -14.63
C ASN F 65 -19.28 -29.87 -14.72
N ILE F 66 -19.07 -28.64 -14.28
CA ILE F 66 -20.14 -27.68 -14.09
C ILE F 66 -19.80 -26.38 -14.81
N THR F 67 -20.74 -25.44 -14.77
CA THR F 67 -20.50 -24.07 -15.19
C THR F 67 -19.99 -23.29 -13.98
N HIS F 68 -18.78 -22.76 -14.09
CA HIS F 68 -18.19 -21.99 -13.01
C HIS F 68 -18.61 -20.53 -13.13
N GLU F 69 -18.58 -19.83 -12.00
CA GLU F 69 -18.79 -18.39 -12.06
C GLU F 69 -18.12 -17.72 -10.86
N TYR F 70 -17.80 -16.44 -11.03
CA TYR F 70 -17.09 -15.66 -10.03
C TYR F 70 -17.52 -14.20 -10.15
N LEU F 71 -17.57 -13.51 -9.01
CA LEU F 71 -18.07 -12.14 -8.93
C LEU F 71 -16.93 -11.21 -8.52
N LEU F 72 -16.52 -10.35 -9.45
CA LEU F 72 -15.53 -9.33 -9.12
C LEU F 72 -16.16 -8.29 -8.19
N ASN F 73 -15.44 -7.91 -7.13
CA ASN F 73 -16.07 -7.33 -5.95
C ASN F 73 -15.86 -5.84 -5.76
N SER F 74 -14.72 -5.28 -6.20
CA SER F 74 -14.32 -3.92 -5.80
C SER F 74 -13.94 -3.09 -7.02
N LEU F 75 -14.80 -3.08 -8.05
CA LEU F 75 -14.49 -2.36 -9.27
C LEU F 75 -14.91 -0.89 -9.17
N LYS F 76 -14.46 -0.12 -10.16
CA LYS F 76 -14.82 1.28 -10.33
C LYS F 76 -16.12 1.38 -11.14
N LYS F 77 -16.93 2.37 -10.83
CA LYS F 77 -18.24 2.46 -11.46
C LYS F 77 -18.16 3.13 -12.83
N SER F 78 -19.05 2.69 -13.72
CA SER F 78 -19.22 3.29 -15.05
C SER F 78 -17.90 3.32 -15.82
N THR F 79 -17.17 2.21 -15.77
CA THR F 79 -15.92 2.06 -16.50
C THR F 79 -15.88 0.69 -17.15
N LYS F 80 -15.16 0.61 -18.27
CA LYS F 80 -15.09 -0.60 -19.08
C LYS F 80 -13.88 -1.42 -18.67
N TYR F 81 -14.08 -2.72 -18.47
CA TYR F 81 -13.01 -3.66 -18.17
C TYR F 81 -12.93 -4.77 -19.22
N SER F 82 -11.72 -5.27 -19.43
CA SER F 82 -11.48 -6.45 -20.25
C SER F 82 -11.26 -7.65 -19.33
N ILE F 83 -11.94 -8.76 -19.62
CA ILE F 83 -11.97 -9.92 -18.76
C ILE F 83 -11.42 -11.12 -19.53
N VAL F 84 -10.55 -11.90 -18.87
CA VAL F 84 -10.08 -13.18 -19.40
C VAL F 84 -10.08 -14.19 -18.27
N VAL F 85 -9.98 -15.47 -18.64
CA VAL F 85 -9.92 -16.57 -17.68
C VAL F 85 -8.87 -17.56 -18.16
N LYS F 86 -8.04 -18.04 -17.23
CA LYS F 86 -7.05 -19.06 -17.50
C LYS F 86 -7.36 -20.29 -16.65
N ALA F 87 -6.89 -21.45 -17.10
CA ALA F 87 -6.96 -22.68 -16.32
C ALA F 87 -5.56 -23.08 -15.87
N TYR F 88 -5.48 -23.70 -14.69
CA TYR F 88 -4.19 -24.16 -14.18
C TYR F 88 -4.35 -25.51 -13.50
N ASN F 89 -3.26 -26.27 -13.50
CA ASN F 89 -3.20 -27.57 -12.84
C ASN F 89 -1.87 -27.64 -12.09
N ALA F 90 -1.51 -28.85 -11.66
CA ALA F 90 -0.27 -29.02 -10.90
C ALA F 90 0.95 -28.55 -11.69
N ALA F 91 0.96 -28.75 -13.01
CA ALA F 91 2.14 -28.42 -13.79
C ALA F 91 2.26 -26.92 -14.02
N GLY F 92 1.15 -26.20 -14.08
CA GLY F 92 1.21 -24.76 -14.26
C GLY F 92 -0.10 -24.24 -14.83
N THR F 93 -0.04 -23.00 -15.30
CA THR F 93 -1.18 -22.28 -15.83
C THR F 93 -1.22 -22.36 -17.35
N GLY F 94 -2.43 -22.42 -17.91
CA GLY F 94 -2.61 -22.52 -19.33
C GLY F 94 -2.84 -21.17 -20.00
N PRO F 95 -3.22 -21.20 -21.26
CA PRO F 95 -3.45 -19.94 -21.98
C PRO F 95 -4.77 -19.30 -21.59
N ALA F 96 -4.79 -17.97 -21.65
CA ALA F 96 -5.99 -17.23 -21.30
C ALA F 96 -7.01 -17.29 -22.44
N SER F 97 -8.27 -17.08 -22.07
CA SER F 97 -9.33 -16.98 -23.06
C SER F 97 -9.21 -15.65 -23.81
N GLN F 98 -10.11 -15.45 -24.77
CA GLN F 98 -10.20 -14.17 -25.43
C GLN F 98 -10.72 -13.12 -24.46
N GLU F 99 -10.54 -11.85 -24.81
CA GLU F 99 -11.04 -10.77 -23.99
C GLU F 99 -12.53 -10.55 -24.23
N LEU F 100 -13.28 -10.40 -23.15
CA LEU F 100 -14.65 -9.88 -23.20
C LEU F 100 -14.65 -8.54 -22.48
N ILE F 101 -15.05 -7.49 -23.19
CA ILE F 101 -15.08 -6.13 -22.65
C ILE F 101 -16.50 -5.86 -22.17
N VAL F 102 -16.63 -5.48 -20.91
CA VAL F 102 -17.91 -5.22 -20.28
C VAL F 102 -17.77 -3.98 -19.40
N LYS F 103 -18.81 -3.15 -19.39
CA LYS F 103 -18.83 -1.90 -18.64
C LYS F 103 -19.62 -2.07 -17.36
N THR F 104 -19.11 -1.51 -16.27
CA THR F 104 -19.84 -1.47 -15.03
C THR F 104 -21.01 -0.50 -15.14
N LEU F 105 -22.01 -0.70 -14.28
CA LEU F 105 -23.25 0.05 -14.37
C LEU F 105 -23.09 1.45 -13.78
N ASP F 106 -24.07 2.29 -14.07
CA ASP F 106 -24.13 3.66 -13.55
C ASP F 106 -24.92 3.75 -12.26
N GLY F 107 -25.39 2.64 -11.73
CA GLY F 107 -26.15 2.66 -10.48
C GLY F 107 -26.51 1.25 -10.07
N VAL F 108 -27.10 1.15 -8.88
CA VAL F 108 -27.38 -0.15 -8.28
C VAL F 108 -28.70 -0.69 -8.81
N LEU F 109 -28.74 -2.01 -9.03
CA LEU F 109 -29.93 -2.70 -9.49
C LEU F 109 -30.87 -3.00 -8.33
N PRO F 110 -32.15 -3.25 -8.61
CA PRO F 110 -33.08 -3.61 -7.54
C PRO F 110 -32.82 -5.01 -6.99
N ARG F 111 -33.20 -5.18 -5.73
CA ARG F 111 -33.02 -6.46 -5.04
C ARG F 111 -33.98 -7.50 -5.61
N PRO F 112 -33.60 -8.77 -5.62
CA PRO F 112 -34.52 -9.84 -6.02
C PRO F 112 -35.84 -9.75 -5.28
N PRO F 113 -36.95 -9.86 -6.00
CA PRO F 113 -38.26 -9.88 -5.33
C PRO F 113 -38.45 -11.15 -4.51
N SER F 114 -39.54 -11.18 -3.76
CA SER F 114 -39.93 -12.34 -2.97
C SER F 114 -41.29 -12.81 -3.46
N VAL F 115 -41.33 -13.97 -4.11
CA VAL F 115 -42.54 -14.51 -4.72
C VAL F 115 -43.17 -15.53 -3.78
N SER F 116 -44.50 -15.53 -3.71
CA SER F 116 -45.22 -16.50 -2.91
C SER F 116 -46.52 -16.86 -3.61
N LEU F 117 -46.95 -18.11 -3.43
CA LEU F 117 -48.17 -18.60 -4.07
C LEU F 117 -49.41 -18.10 -3.33
N LEU F 118 -50.43 -17.70 -4.10
CA LEU F 118 -51.73 -17.35 -3.55
C LEU F 118 -52.74 -18.47 -3.71
N SER F 119 -52.98 -18.90 -4.95
CA SER F 119 -53.97 -19.94 -5.23
C SER F 119 -53.63 -20.60 -6.55
N ALA F 120 -54.21 -21.78 -6.76
CA ALA F 120 -54.01 -22.53 -7.99
C ALA F 120 -55.28 -23.32 -8.30
N SER F 121 -55.68 -23.29 -9.56
CA SER F 121 -56.85 -24.02 -10.05
C SER F 121 -56.40 -25.02 -11.11
N ASP F 122 -57.37 -25.64 -11.78
CA ASP F 122 -57.05 -26.58 -12.85
C ASP F 122 -56.46 -25.88 -14.07
N SER F 123 -56.62 -24.56 -14.18
CA SER F 123 -56.09 -23.85 -15.34
C SER F 123 -55.47 -22.50 -15.00
N THR F 124 -55.32 -22.15 -13.72
CA THR F 124 -54.79 -20.86 -13.33
C THR F 124 -53.86 -21.00 -12.14
N ILE F 125 -52.93 -20.04 -12.02
CA ILE F 125 -52.09 -19.87 -10.84
C ILE F 125 -52.01 -18.37 -10.53
N SER F 126 -52.21 -18.02 -9.27
CA SER F 126 -52.13 -16.64 -8.81
C SER F 126 -50.92 -16.50 -7.88
N VAL F 127 -50.11 -15.46 -8.11
CA VAL F 127 -48.89 -15.26 -7.34
C VAL F 127 -48.82 -13.82 -6.84
N LYS F 128 -48.13 -13.65 -5.72
CA LYS F 128 -47.89 -12.37 -5.08
C LYS F 128 -46.39 -12.16 -4.94
N TRP F 129 -45.94 -10.90 -4.98
CA TRP F 129 -44.52 -10.64 -4.79
C TRP F 129 -44.34 -9.30 -4.08
N GLY F 130 -43.12 -9.09 -3.60
CA GLY F 130 -42.76 -7.86 -2.92
C GLY F 130 -41.31 -7.48 -3.13
N THR F 140 -39.12 1.94 -12.93
CA THR F 140 -39.19 0.69 -12.19
C THR F 140 -40.43 -0.13 -12.56
N GLY F 141 -40.21 -1.39 -12.88
CA GLY F 141 -41.29 -2.29 -13.24
C GLY F 141 -40.96 -3.73 -12.90
N TYR F 142 -41.73 -4.68 -13.45
CA TYR F 142 -41.48 -6.08 -13.19
C TYR F 142 -41.67 -6.91 -14.44
N THR F 143 -41.14 -8.13 -14.40
CA THR F 143 -41.32 -9.11 -15.45
C THR F 143 -41.55 -10.46 -14.79
N LEU F 144 -42.65 -11.13 -15.14
CA LEU F 144 -42.98 -12.44 -14.61
C LEU F 144 -42.56 -13.51 -15.61
N HIS F 145 -41.75 -14.45 -15.15
CA HIS F 145 -41.27 -15.56 -15.96
C HIS F 145 -42.00 -16.83 -15.51
N TYR F 146 -42.35 -17.68 -16.47
CA TYR F 146 -43.26 -18.79 -16.23
C TYR F 146 -43.10 -19.82 -17.34
N ARG F 147 -43.24 -21.08 -16.98
CA ARG F 147 -43.06 -22.17 -17.93
C ARG F 147 -43.72 -23.43 -17.38
N LYS F 148 -43.95 -24.38 -18.27
CA LYS F 148 -44.18 -25.76 -17.87
C LYS F 148 -42.82 -26.39 -17.58
N LYS F 149 -42.79 -27.28 -16.57
CA LYS F 149 -41.52 -27.87 -16.13
C LYS F 149 -40.76 -28.47 -17.30
N VAL F 150 -41.47 -28.98 -18.30
CA VAL F 150 -40.83 -29.59 -19.47
C VAL F 150 -40.58 -28.58 -20.59
N GLY F 151 -41.22 -27.40 -20.54
CA GLY F 151 -41.22 -26.47 -21.64
C GLY F 151 -40.24 -25.32 -21.48
N HIS F 152 -40.49 -24.26 -22.25
CA HIS F 152 -39.61 -23.10 -22.33
C HIS F 152 -40.15 -21.94 -21.49
N TRP F 153 -39.25 -21.04 -21.11
CA TRP F 153 -39.63 -19.89 -20.29
C TRP F 153 -40.38 -18.87 -21.13
N LEU F 154 -41.61 -18.55 -20.71
CA LEU F 154 -42.40 -17.48 -21.31
C LEU F 154 -42.38 -16.25 -20.40
N HIS F 155 -42.57 -15.08 -21.00
CA HIS F 155 -42.43 -13.82 -20.29
C HIS F 155 -43.74 -13.06 -20.31
N VAL F 156 -44.04 -12.39 -19.20
CA VAL F 156 -45.19 -11.48 -19.11
C VAL F 156 -44.64 -10.11 -18.73
N PRO F 157 -44.03 -9.38 -19.67
CA PRO F 157 -43.24 -8.20 -19.30
C PRO F 157 -44.08 -6.93 -19.21
N LEU F 158 -43.39 -5.81 -18.94
CA LEU F 158 -43.99 -4.47 -18.87
C LEU F 158 -45.04 -4.36 -17.77
N LEU F 159 -44.88 -5.16 -16.71
CA LEU F 159 -45.67 -4.94 -15.50
C LEU F 159 -45.18 -3.68 -14.81
N ALA F 160 -46.11 -2.85 -14.35
CA ALA F 160 -45.76 -1.60 -13.72
C ALA F 160 -45.43 -1.81 -12.24
N SER F 161 -44.77 -0.81 -11.66
CA SER F 161 -44.36 -0.90 -10.27
C SER F 161 -45.54 -0.92 -9.30
N ASP F 162 -46.71 -0.43 -9.72
CA ASP F 162 -47.82 -0.27 -8.79
C ASP F 162 -48.57 -1.59 -8.53
N GLN F 163 -48.55 -2.51 -9.49
CA GLN F 163 -49.20 -3.81 -9.29
C GLN F 163 -48.18 -4.82 -8.79
N THR F 164 -48.60 -5.63 -7.80
CA THR F 164 -47.73 -6.59 -7.15
C THR F 164 -48.31 -8.00 -7.22
N ARG F 165 -49.06 -8.29 -8.27
CA ARG F 165 -49.84 -9.51 -8.31
C ARG F 165 -50.18 -9.84 -9.76
N TYR F 166 -50.45 -11.11 -10.01
CA TYR F 166 -50.79 -11.57 -11.35
C TYR F 166 -51.39 -12.97 -11.25
N THR F 167 -52.25 -13.29 -12.21
CA THR F 167 -52.85 -14.62 -12.32
C THR F 167 -52.62 -15.14 -13.73
N LEU F 168 -51.84 -16.22 -13.85
CA LEU F 168 -51.67 -16.88 -15.13
C LEU F 168 -52.93 -17.67 -15.46
N THR F 169 -53.39 -17.55 -16.70
CA THR F 169 -54.64 -18.17 -17.11
C THR F 169 -54.43 -18.99 -18.38
N GLY F 170 -55.37 -19.90 -18.62
CA GLY F 170 -55.32 -20.75 -19.80
C GLY F 170 -54.23 -21.79 -19.77
N LEU F 171 -54.07 -22.47 -18.64
CA LEU F 171 -52.97 -23.40 -18.42
C LEU F 171 -53.46 -24.84 -18.43
N ASP F 172 -52.54 -25.75 -18.71
CA ASP F 172 -52.87 -27.18 -18.71
C ASP F 172 -53.14 -27.66 -17.29
N SER F 173 -53.98 -28.68 -17.20
CA SER F 173 -54.30 -29.30 -15.91
C SER F 173 -53.27 -30.37 -15.57
N ASP F 174 -53.09 -30.58 -14.27
CA ASP F 174 -52.17 -31.60 -13.73
C ASP F 174 -50.77 -31.42 -14.31
N THR F 175 -50.34 -30.17 -14.40
CA THR F 175 -49.05 -29.83 -15.00
C THR F 175 -48.28 -28.91 -14.06
N THR F 176 -47.02 -29.24 -13.81
CA THR F 176 -46.18 -28.47 -12.91
C THR F 176 -45.62 -27.25 -13.64
N TYR F 177 -45.86 -26.07 -13.08
CA TYR F 177 -45.38 -24.81 -13.63
C TYR F 177 -44.32 -24.21 -12.72
N ASN F 178 -43.30 -23.59 -13.32
CA ASN F 178 -42.26 -22.86 -12.61
C ASN F 178 -42.42 -21.37 -12.87
N VAL F 179 -42.28 -20.57 -11.82
CA VAL F 179 -42.55 -19.13 -11.90
C VAL F 179 -41.48 -18.39 -11.10
N TYR F 180 -41.03 -17.26 -11.64
CA TYR F 180 -40.19 -16.33 -10.90
C TYR F 180 -40.33 -14.94 -11.49
N VAL F 181 -39.91 -13.93 -10.72
CA VAL F 181 -40.12 -12.53 -11.06
C VAL F 181 -38.78 -11.79 -11.00
N THR F 182 -38.62 -10.85 -11.94
CA THR F 182 -37.48 -9.93 -11.94
C THR F 182 -37.99 -8.50 -11.89
N ALA F 183 -37.22 -7.65 -11.23
CA ALA F 183 -37.48 -6.22 -11.22
C ALA F 183 -36.42 -5.52 -12.07
N ASN F 184 -36.81 -4.40 -12.68
CA ASN F 184 -35.89 -3.57 -13.43
C ASN F 184 -36.04 -2.11 -12.97
N ASN F 185 -35.00 -1.33 -13.23
CA ASN F 185 -35.00 0.09 -12.91
C ASN F 185 -34.30 0.82 -14.06
N ARG F 186 -33.95 2.08 -13.84
CA ARG F 186 -33.28 2.90 -14.86
C ARG F 186 -31.89 2.40 -15.18
N TYR F 187 -31.26 1.61 -14.30
CA TYR F 187 -29.92 1.09 -14.59
C TYR F 187 -29.91 -0.33 -15.14
N GLY F 188 -31.01 -1.07 -15.06
CA GLY F 188 -31.06 -2.37 -15.68
C GLY F 188 -31.98 -3.31 -14.91
N ARG F 189 -31.76 -4.61 -15.14
CA ARG F 189 -32.63 -5.67 -14.64
C ARG F 189 -31.96 -6.35 -13.45
N GLY F 190 -32.67 -6.40 -12.31
CA GLY F 190 -32.15 -7.01 -11.12
C GLY F 190 -32.14 -8.53 -11.17
N ASP F 191 -31.53 -9.12 -10.13
CA ASP F 191 -31.45 -10.57 -10.02
C ASP F 191 -32.85 -11.19 -9.92
N PRO F 192 -33.00 -12.45 -10.31
CA PRO F 192 -34.31 -13.09 -10.26
C PRO F 192 -34.67 -13.53 -8.85
N SER F 193 -35.98 -13.68 -8.64
CA SER F 193 -36.49 -14.27 -7.42
C SER F 193 -36.35 -15.80 -7.48
N GLY F 194 -36.56 -16.44 -6.34
CA GLY F 194 -36.55 -17.89 -6.31
C GLY F 194 -37.65 -18.48 -7.17
N ILE F 195 -37.39 -19.68 -7.69
CA ILE F 195 -38.33 -20.33 -8.60
C ILE F 195 -39.42 -21.01 -7.79
N LEU F 196 -40.67 -20.59 -8.02
CA LEU F 196 -41.82 -21.22 -7.39
C LEU F 196 -42.33 -22.34 -8.28
N SER F 197 -42.53 -23.52 -7.68
CA SER F 197 -43.09 -24.67 -8.38
C SER F 197 -44.45 -25.00 -7.79
N VAL F 198 -45.41 -25.25 -8.68
CA VAL F 198 -46.75 -25.68 -8.31
C VAL F 198 -47.40 -26.29 -9.55
N ARG F 199 -48.13 -27.38 -9.37
CA ARG F 199 -48.87 -27.98 -10.48
C ARG F 199 -50.35 -27.61 -10.40
N THR F 200 -50.97 -27.51 -11.57
CA THR F 200 -52.39 -27.22 -11.64
C THR F 200 -53.21 -28.39 -11.11
N GLY F 201 -54.40 -28.06 -10.58
CA GLY F 201 -55.26 -29.07 -10.01
C GLY F 201 -56.02 -29.87 -11.05
N ASP F 202 -56.75 -30.86 -10.56
CA ASP F 202 -57.57 -31.70 -11.42
C ASP F 202 -59.04 -31.33 -11.31
N GLY G 1 3.34 -17.11 62.48
CA GLY G 1 4.26 -17.57 61.47
C GLY G 1 3.90 -17.08 60.08
N ALA G 2 3.98 -17.97 59.10
CA ALA G 2 3.58 -17.65 57.73
C ALA G 2 2.15 -18.11 57.53
N SER G 3 1.28 -17.17 57.14
CA SER G 3 -0.14 -17.43 57.00
C SER G 3 -0.64 -16.88 55.67
N GLU G 4 -1.85 -17.28 55.31
CA GLU G 4 -2.49 -16.74 54.13
C GLU G 4 -2.78 -15.25 54.33
N PRO G 5 -2.76 -14.45 53.26
CA PRO G 5 -2.95 -13.00 53.40
C PRO G 5 -4.27 -12.67 54.09
N SER G 6 -4.25 -11.57 54.82
CA SER G 6 -5.41 -11.11 55.59
C SER G 6 -6.02 -9.83 55.03
N GLY G 7 -5.57 -9.38 53.86
CA GLY G 7 -6.07 -8.17 53.27
C GLY G 7 -6.26 -8.28 51.77
N PRO G 8 -7.19 -7.50 51.22
CA PRO G 8 -7.43 -7.54 49.78
C PRO G 8 -6.45 -6.67 49.03
N PRO G 9 -6.27 -6.89 47.73
CA PRO G 9 -5.44 -5.98 46.93
C PRO G 9 -6.03 -4.59 46.92
N THR G 10 -5.15 -3.61 46.73
CA THR G 10 -5.51 -2.20 46.82
C THR G 10 -5.50 -1.54 45.45
N ASP G 11 -6.08 -0.34 45.40
CA ASP G 11 -6.16 0.46 44.18
C ASP G 11 -6.69 -0.35 43.00
N LEU G 12 -7.81 -1.04 43.23
CA LEU G 12 -8.42 -1.84 42.18
C LEU G 12 -9.08 -0.93 41.15
N TRP G 13 -8.86 -1.24 39.86
CA TRP G 13 -9.41 -0.43 38.79
C TRP G 13 -9.72 -1.33 37.61
N VAL G 14 -10.92 -1.17 37.05
CA VAL G 14 -11.36 -1.95 35.90
C VAL G 14 -11.81 -1.00 34.81
N GLU G 15 -11.52 -1.36 33.56
CA GLU G 15 -11.99 -0.60 32.40
C GLU G 15 -12.17 -1.55 31.24
N SER G 16 -13.32 -1.47 30.59
CA SER G 16 -13.57 -2.30 29.41
C SER G 16 -12.85 -1.70 28.21
N ARG G 17 -12.10 -2.56 27.50
CA ARG G 17 -11.33 -2.15 26.33
C ARG G 17 -11.92 -2.68 25.03
N GLY G 18 -13.21 -3.00 25.02
CA GLY G 18 -13.86 -3.52 23.85
C GLY G 18 -15.09 -4.34 24.20
N PRO G 19 -15.73 -4.93 23.20
CA PRO G 19 -16.92 -5.74 23.48
C PRO G 19 -16.60 -7.01 24.26
N PHE G 20 -15.38 -7.52 24.16
CA PHE G 20 -15.04 -8.82 24.70
C PHE G 20 -13.97 -8.77 25.78
N THR G 21 -13.42 -7.60 26.08
CA THR G 21 -12.26 -7.49 26.96
C THR G 21 -12.49 -6.48 28.06
N ILE G 22 -11.92 -6.78 29.24
CA ILE G 22 -11.89 -5.87 30.37
C ILE G 22 -10.47 -5.85 30.92
N LEU G 23 -9.90 -4.67 31.07
CA LEU G 23 -8.56 -4.52 31.62
C LEU G 23 -8.67 -4.27 33.12
N VAL G 24 -8.18 -5.22 33.91
CA VAL G 24 -8.18 -5.12 35.37
C VAL G 24 -6.81 -4.65 35.82
N ARG G 25 -6.79 -3.72 36.76
CA ARG G 25 -5.55 -3.12 37.24
C ARG G 25 -5.61 -2.98 38.75
N TRP G 26 -4.54 -3.37 39.43
CA TRP G 26 -4.55 -3.38 40.89
C TRP G 26 -3.11 -3.31 41.41
N LYS G 27 -3.01 -3.12 42.73
CA LYS G 27 -1.74 -3.13 43.44
C LYS G 27 -1.82 -4.10 44.60
N ALA G 28 -0.65 -4.47 45.12
CA ALA G 28 -0.59 -5.43 46.22
C ALA G 28 -1.24 -4.85 47.47
N PRO G 29 -1.71 -5.71 48.38
CA PRO G 29 -2.14 -5.23 49.69
C PRO G 29 -0.95 -4.69 50.48
N PRO G 30 -1.19 -3.97 51.56
CA PRO G 30 -0.07 -3.48 52.38
C PRO G 30 0.78 -4.63 52.87
N LYS G 31 2.08 -4.34 53.04
CA LYS G 31 3.03 -5.38 53.45
C LYS G 31 2.65 -6.01 54.79
N GLU G 32 1.95 -5.27 55.64
CA GLU G 32 1.54 -5.78 56.95
C GLU G 32 0.43 -6.82 56.87
N TYR G 33 -0.05 -7.15 55.66
CA TYR G 33 -1.15 -8.08 55.49
C TYR G 33 -0.78 -9.28 54.61
N TRP G 34 0.51 -9.45 54.30
CA TRP G 34 0.94 -10.57 53.46
C TRP G 34 1.07 -11.86 54.26
N HIS G 35 1.90 -11.82 55.30
CA HIS G 35 2.19 -12.98 56.14
C HIS G 35 2.89 -14.07 55.32
N GLY G 36 3.78 -13.64 54.44
CA GLY G 36 4.45 -14.52 53.50
C GLY G 36 4.50 -13.88 52.13
N LYS G 37 5.66 -13.93 51.47
CA LYS G 37 5.83 -13.31 50.16
C LYS G 37 4.79 -13.81 49.17
N LEU G 38 4.14 -12.86 48.49
CA LEU G 38 3.04 -13.20 47.60
C LEU G 38 3.56 -13.91 46.36
N LYS G 39 2.86 -14.99 45.97
CA LYS G 39 3.17 -15.69 44.74
C LYS G 39 2.38 -15.17 43.55
N GLY G 40 1.20 -14.60 43.78
CA GLY G 40 0.41 -14.08 42.67
C GLY G 40 -0.96 -13.62 43.12
N TYR G 41 -1.89 -13.63 42.16
CA TYR G 41 -3.24 -13.13 42.40
C TYR G 41 -4.25 -13.98 41.63
N TYR G 42 -5.50 -13.92 42.07
CA TYR G 42 -6.63 -14.51 41.36
C TYR G 42 -7.59 -13.39 40.98
N VAL G 43 -7.88 -13.28 39.69
CA VAL G 43 -8.80 -12.28 39.17
C VAL G 43 -10.15 -12.96 38.93
N GLY G 44 -11.16 -12.55 39.68
CA GLY G 44 -12.48 -13.15 39.61
C GLY G 44 -13.43 -12.33 38.76
N TYR G 45 -14.30 -13.02 38.03
CA TYR G 45 -15.26 -12.35 37.16
C TYR G 45 -16.48 -13.23 36.99
N LYS G 46 -17.63 -12.58 36.81
CA LYS G 46 -18.89 -13.23 36.50
C LYS G 46 -19.86 -12.16 36.04
N MET G 47 -20.87 -12.58 35.28
CA MET G 47 -21.94 -11.67 34.91
C MET G 47 -22.69 -11.24 36.17
N GLU G 48 -22.99 -9.95 36.26
CA GLU G 48 -23.31 -9.29 37.53
C GLU G 48 -24.26 -10.08 38.43
N GLY G 49 -25.46 -10.36 37.94
CA GLY G 49 -26.46 -11.03 38.75
C GLY G 49 -26.53 -12.54 38.63
N SER G 50 -25.85 -13.14 37.64
CA SER G 50 -25.96 -14.56 37.31
C SER G 50 -25.79 -15.47 38.52
N PRO G 51 -26.50 -16.61 38.57
CA PRO G 51 -26.38 -17.52 39.73
C PRO G 51 -25.14 -18.38 39.70
N GLN G 52 -24.39 -18.43 38.60
CA GLN G 52 -23.19 -19.23 38.53
C GLN G 52 -22.09 -18.61 39.38
N PRO G 53 -21.14 -19.41 39.87
CA PRO G 53 -20.08 -18.88 40.73
C PRO G 53 -19.06 -18.09 39.95
N TYR G 54 -18.21 -17.38 40.70
CA TYR G 54 -17.11 -16.63 40.11
C TYR G 54 -16.14 -17.54 39.37
N SER G 55 -15.66 -17.07 38.23
CA SER G 55 -14.56 -17.68 37.51
C SER G 55 -13.28 -16.91 37.82
N PHE G 56 -12.24 -17.61 38.25
CA PHE G 56 -10.99 -17.00 38.68
C PHE G 56 -9.88 -17.31 37.69
N LYS G 57 -9.15 -16.28 37.27
CA LYS G 57 -7.95 -16.43 36.46
C LYS G 57 -6.73 -16.28 37.36
N THR G 58 -5.79 -17.20 37.24
CA THR G 58 -4.58 -17.19 38.05
C THR G 58 -3.52 -16.32 37.39
N VAL G 59 -3.02 -15.34 38.14
CA VAL G 59 -2.00 -14.41 37.66
C VAL G 59 -0.78 -14.55 38.55
N GLU G 60 0.27 -15.17 38.03
CA GLU G 60 1.51 -15.33 38.78
C GLU G 60 2.31 -14.03 38.74
N ALA G 61 2.62 -13.48 39.92
CA ALA G 61 3.39 -12.23 39.99
C ALA G 61 4.23 -12.26 41.26
N MET G 62 5.52 -12.61 41.11
CA MET G 62 6.41 -12.57 42.26
C MET G 62 6.83 -11.15 42.60
N ASN G 63 7.11 -10.34 41.59
CA ASN G 63 7.36 -8.91 41.79
C ASN G 63 6.06 -8.22 42.16
N VAL G 64 6.02 -7.60 43.35
CA VAL G 64 4.77 -7.06 43.88
C VAL G 64 4.93 -5.61 44.30
N ASN G 65 6.06 -4.99 43.92
CA ASN G 65 6.28 -3.58 44.18
C ASN G 65 5.79 -2.70 43.03
N ILE G 66 4.92 -3.21 42.17
CA ILE G 66 4.52 -2.56 40.94
C ILE G 66 3.00 -2.53 40.87
N THR G 67 2.49 -1.90 39.81
CA THR G 67 1.07 -1.95 39.48
C THR G 67 0.84 -3.13 38.54
N HIS G 68 0.02 -4.08 38.98
CA HIS G 68 -0.30 -5.25 38.18
C HIS G 68 -1.52 -4.97 37.31
N GLU G 69 -1.60 -5.66 36.18
CA GLU G 69 -2.78 -5.57 35.35
C GLU G 69 -2.96 -6.88 34.57
N TYR G 70 -4.21 -7.16 34.23
CA TYR G 70 -4.57 -8.38 33.51
C TYR G 70 -5.75 -8.06 32.60
N LEU G 71 -5.73 -8.66 31.40
CA LEU G 71 -6.74 -8.40 30.38
C LEU G 71 -7.67 -9.61 30.29
N LEU G 72 -8.84 -9.49 30.91
CA LEU G 72 -9.89 -10.48 30.71
C LEU G 72 -10.39 -10.41 29.27
N ASN G 73 -10.57 -11.58 28.66
CA ASN G 73 -11.01 -11.65 27.28
C ASN G 73 -12.07 -12.74 27.14
N SER G 74 -12.58 -12.89 25.90
CA SER G 74 -13.59 -13.89 25.58
C SER G 74 -14.87 -13.66 26.37
N LEU G 75 -15.27 -12.39 26.49
CA LEU G 75 -16.45 -12.02 27.23
C LEU G 75 -17.61 -11.75 26.28
N LYS G 76 -18.77 -11.40 26.85
CA LYS G 76 -19.98 -11.15 26.09
C LYS G 76 -20.16 -9.66 25.85
N LYS G 77 -20.61 -9.30 24.65
CA LYS G 77 -20.78 -7.91 24.29
C LYS G 77 -21.88 -7.24 25.10
N SER G 78 -21.58 -6.03 25.59
CA SER G 78 -22.57 -5.14 26.18
C SER G 78 -23.31 -5.79 27.35
N THR G 79 -22.53 -6.40 28.25
CA THR G 79 -23.06 -7.02 29.44
C THR G 79 -22.21 -6.63 30.65
N LYS G 80 -22.83 -6.61 31.81
CA LYS G 80 -22.19 -6.15 33.03
C LYS G 80 -21.51 -7.31 33.75
N TYR G 81 -20.30 -7.06 34.24
CA TYR G 81 -19.52 -8.04 34.98
C TYR G 81 -19.11 -7.48 36.33
N SER G 82 -19.06 -8.34 37.33
CA SER G 82 -18.53 -8.00 38.64
C SER G 82 -17.13 -8.58 38.77
N ILE G 83 -16.17 -7.74 39.19
CA ILE G 83 -14.76 -8.10 39.18
C ILE G 83 -14.22 -8.00 40.60
N VAL G 84 -13.44 -9.00 41.00
CA VAL G 84 -12.71 -8.99 42.26
C VAL G 84 -11.31 -9.53 42.01
N VAL G 85 -10.42 -9.27 42.97
CA VAL G 85 -9.04 -9.75 42.91
C VAL G 85 -8.64 -10.24 44.30
N LYS G 86 -7.98 -11.39 44.34
CA LYS G 86 -7.44 -11.96 45.57
C LYS G 86 -5.93 -12.03 45.46
N ALA G 87 -5.28 -12.11 46.62
CA ALA G 87 -3.85 -12.39 46.69
C ALA G 87 -3.61 -13.74 47.33
N TYR G 88 -2.54 -14.41 46.93
CA TYR G 88 -2.21 -15.70 47.50
C TYR G 88 -0.70 -15.84 47.66
N ASN G 89 -0.30 -16.65 48.63
CA ASN G 89 1.10 -16.95 48.90
C ASN G 89 1.21 -18.45 49.14
N ALA G 90 2.35 -18.88 49.67
CA ALA G 90 2.58 -20.30 49.90
C ALA G 90 1.55 -20.90 50.84
N ALA G 91 1.08 -20.11 51.82
CA ALA G 91 0.16 -20.64 52.82
C ALA G 91 -1.26 -20.78 52.27
N GLY G 92 -1.67 -19.91 51.36
CA GLY G 92 -3.00 -19.99 50.79
C GLY G 92 -3.41 -18.66 50.19
N THR G 93 -4.70 -18.58 49.88
CA THR G 93 -5.29 -17.41 49.24
C THR G 93 -5.93 -16.51 50.28
N GLY G 94 -5.85 -15.19 50.05
CA GLY G 94 -6.40 -14.23 50.97
C GLY G 94 -7.80 -13.80 50.60
N PRO G 95 -8.30 -12.76 51.27
CA PRO G 95 -9.65 -12.28 51.00
C PRO G 95 -9.72 -11.51 49.69
N ALA G 96 -10.89 -11.56 49.07
CA ALA G 96 -11.11 -10.85 47.82
C ALA G 96 -11.36 -9.37 48.07
N SER G 97 -11.06 -8.56 47.07
CA SER G 97 -11.37 -7.14 47.11
C SER G 97 -12.87 -6.92 46.99
N GLN G 98 -13.28 -5.67 47.09
CA GLN G 98 -14.68 -5.33 46.82
C GLN G 98 -14.99 -5.56 45.35
N GLU G 99 -16.28 -5.65 45.04
CA GLU G 99 -16.70 -5.83 43.66
C GLU G 99 -16.67 -4.50 42.92
N LEU G 100 -16.09 -4.50 41.73
CA LEU G 100 -16.24 -3.42 40.77
C LEU G 100 -17.06 -3.92 39.59
N ILE G 101 -18.19 -3.29 39.35
CA ILE G 101 -19.08 -3.67 38.25
C ILE G 101 -18.76 -2.80 37.04
N VAL G 102 -18.46 -3.44 35.92
CA VAL G 102 -18.08 -2.76 34.69
C VAL G 102 -18.79 -3.45 33.53
N LYS G 103 -19.25 -2.66 32.57
CA LYS G 103 -19.97 -3.15 31.40
C LYS G 103 -19.05 -3.19 30.19
N THR G 104 -19.10 -4.29 29.45
CA THR G 104 -18.37 -4.37 28.19
C THR G 104 -18.98 -3.42 27.16
N LEU G 105 -18.17 -3.04 26.20
CA LEU G 105 -18.57 -2.03 25.23
C LEU G 105 -19.53 -2.63 24.19
N ASP G 106 -20.18 -1.76 23.44
CA ASP G 106 -21.16 -2.15 22.44
C ASP G 106 -20.53 -2.36 21.06
N GLY G 107 -19.23 -2.18 20.93
CA GLY G 107 -18.56 -2.33 19.65
C GLY G 107 -17.08 -2.08 19.83
N VAL G 108 -16.33 -2.42 18.78
CA VAL G 108 -14.88 -2.30 18.83
C VAL G 108 -14.47 -0.85 18.70
N LEU G 109 -13.52 -0.44 19.53
CA LEU G 109 -12.92 0.88 19.48
C LEU G 109 -11.73 0.90 18.54
N PRO G 110 -11.35 2.06 18.01
CA PRO G 110 -10.32 2.10 16.97
C PRO G 110 -8.96 1.64 17.47
N ARG G 111 -8.16 1.16 16.51
CA ARG G 111 -6.82 0.70 16.80
C ARG G 111 -5.91 1.88 17.13
N PRO G 112 -4.87 1.66 17.94
CA PRO G 112 -3.98 2.75 18.33
C PRO G 112 -3.27 3.34 17.13
N PRO G 113 -3.24 4.68 17.02
CA PRO G 113 -2.60 5.31 15.88
C PRO G 113 -1.10 5.11 15.89
N SER G 114 -0.47 5.52 14.79
CA SER G 114 0.98 5.45 14.62
C SER G 114 1.51 6.87 14.47
N VAL G 115 2.24 7.34 15.47
CA VAL G 115 2.71 8.72 15.55
C VAL G 115 4.16 8.79 15.08
N SER G 116 4.50 9.85 14.36
CA SER G 116 5.86 10.07 13.89
C SER G 116 6.16 11.56 13.88
N LEU G 117 7.41 11.89 14.17
CA LEU G 117 7.86 13.27 14.18
C LEU G 117 8.06 13.79 12.75
N LEU G 118 7.55 14.99 12.47
CA LEU G 118 7.77 15.67 11.20
C LEU G 118 8.90 16.70 11.30
N SER G 119 8.81 17.60 12.27
CA SER G 119 9.83 18.63 12.47
C SER G 119 9.71 19.18 13.87
N ALA G 120 10.85 19.55 14.45
CA ALA G 120 10.92 20.22 15.74
C ALA G 120 11.68 21.53 15.56
N SER G 121 11.52 22.44 16.53
CA SER G 121 12.07 23.78 16.38
C SER G 121 12.26 24.40 17.77
N ASP G 122 12.60 25.69 17.78
CA ASP G 122 12.77 26.44 19.02
C ASP G 122 11.49 26.39 19.86
N SER G 123 10.35 26.68 19.24
CA SER G 123 9.09 26.80 19.95
C SER G 123 8.04 25.77 19.56
N THR G 124 8.29 24.92 18.56
CA THR G 124 7.23 24.07 18.04
C THR G 124 7.74 22.66 17.74
N ILE G 125 6.80 21.71 17.77
CA ILE G 125 6.99 20.35 17.25
C ILE G 125 5.86 20.05 16.29
N SER G 126 6.19 19.45 15.15
CA SER G 126 5.21 18.95 14.20
C SER G 126 5.12 17.44 14.30
N VAL G 127 3.92 16.90 14.10
CA VAL G 127 3.66 15.47 14.30
C VAL G 127 2.66 14.98 13.24
N LYS G 128 2.97 13.83 12.66
CA LYS G 128 2.09 13.08 11.77
C LYS G 128 1.54 11.86 12.51
N TRP G 129 0.35 11.41 12.11
CA TRP G 129 -0.15 10.13 12.57
C TRP G 129 -0.95 9.48 11.44
N GLY G 130 -1.10 8.15 11.55
CA GLY G 130 -1.71 7.37 10.49
C GLY G 130 -2.66 6.31 11.02
N HIS G 131 -3.25 5.58 10.09
CA HIS G 131 -4.27 4.59 10.40
C HIS G 131 -3.66 3.30 10.94
N PRO G 138 -15.52 3.17 11.02
CA PRO G 138 -16.04 4.47 11.48
C PRO G 138 -15.16 5.12 12.55
N VAL G 139 -14.60 6.29 12.23
CA VAL G 139 -13.75 7.04 13.15
C VAL G 139 -14.30 8.46 13.23
N THR G 140 -14.47 8.96 14.45
CA THR G 140 -15.13 10.25 14.67
C THR G 140 -14.18 11.38 15.04
N GLY G 141 -12.91 11.11 15.27
CA GLY G 141 -11.97 12.17 15.58
C GLY G 141 -10.72 11.63 16.24
N TYR G 142 -9.91 12.56 16.73
CA TYR G 142 -8.66 12.26 17.42
C TYR G 142 -8.48 13.21 18.58
N THR G 143 -7.54 12.86 19.46
CA THR G 143 -7.13 13.72 20.57
C THR G 143 -5.61 13.64 20.69
N LEU G 144 -4.92 14.77 20.58
CA LEU G 144 -3.47 14.81 20.78
C LEU G 144 -3.16 15.14 22.23
N HIS G 145 -2.28 14.35 22.83
CA HIS G 145 -1.86 14.51 24.21
C HIS G 145 -0.40 14.91 24.23
N TYR G 146 -0.06 15.93 25.02
CA TYR G 146 1.31 16.41 25.09
C TYR G 146 1.58 16.96 26.48
N ARG G 147 2.87 17.02 26.82
CA ARG G 147 3.31 17.48 28.13
C ARG G 147 4.79 17.77 28.06
N LYS G 148 5.28 18.57 29.01
CA LYS G 148 6.70 18.58 29.32
C LYS G 148 7.01 17.36 30.18
N LYS G 149 8.16 16.73 29.91
CA LYS G 149 8.50 15.47 30.57
C LYS G 149 8.32 15.53 32.08
N VAL G 150 8.48 16.71 32.68
CA VAL G 150 8.32 16.88 34.11
C VAL G 150 6.93 17.34 34.51
N GLY G 151 6.04 17.60 33.54
CA GLY G 151 4.77 18.22 33.80
C GLY G 151 3.59 17.29 33.59
N HIS G 152 2.41 17.91 33.45
CA HIS G 152 1.14 17.21 33.35
C HIS G 152 0.69 17.13 31.90
N TRP G 153 -0.17 16.14 31.64
CA TRP G 153 -0.67 15.91 30.28
C TRP G 153 -1.71 16.96 29.91
N LEU G 154 -1.55 17.56 28.73
CA LEU G 154 -2.51 18.49 28.16
C LEU G 154 -3.14 17.86 26.92
N HIS G 155 -4.37 18.28 26.61
CA HIS G 155 -5.18 17.60 25.62
C HIS G 155 -5.62 18.57 24.52
N VAL G 156 -5.53 18.13 23.28
CA VAL G 156 -6.01 18.88 22.14
C VAL G 156 -7.02 18.03 21.38
N PRO G 157 -8.32 18.23 21.62
CA PRO G 157 -9.32 17.49 20.84
C PRO G 157 -9.31 17.93 19.39
N LEU G 158 -9.53 16.96 18.49
CA LEU G 158 -9.33 17.20 17.07
C LEU G 158 -10.46 16.59 16.26
N LEU G 159 -10.47 16.93 14.98
CA LEU G 159 -11.53 16.60 14.04
C LEU G 159 -11.12 15.48 13.10
N ALA G 160 -12.11 14.80 12.54
CA ALA G 160 -11.87 13.75 11.56
C ALA G 160 -11.86 14.33 10.15
N THR G 164 -4.82 14.92 10.16
CA THR G 164 -3.90 13.85 10.52
C THR G 164 -2.50 14.40 10.82
N ARG G 165 -2.44 15.72 11.02
CA ARG G 165 -1.20 16.41 11.33
C ARG G 165 -1.49 17.52 12.32
N TYR G 166 -0.48 17.89 13.11
CA TYR G 166 -0.66 18.95 14.08
C TYR G 166 0.69 19.49 14.50
N THR G 167 0.73 20.80 14.80
CA THR G 167 1.93 21.48 15.27
C THR G 167 1.64 22.14 16.60
N LEU G 168 2.32 21.69 17.65
CA LEU G 168 2.22 22.34 18.94
C LEU G 168 3.01 23.64 18.92
N THR G 169 2.42 24.70 19.48
CA THR G 169 3.00 26.03 19.38
C THR G 169 3.05 26.67 20.76
N GLY G 170 4.04 27.55 20.95
CA GLY G 170 4.20 28.24 22.21
C GLY G 170 4.87 27.41 23.29
N LEU G 171 5.87 26.63 22.92
CA LEU G 171 6.53 25.71 23.85
C LEU G 171 7.84 26.30 24.35
N ASP G 172 8.30 25.78 25.48
CA ASP G 172 9.56 26.22 26.06
C ASP G 172 10.73 25.70 25.23
N SER G 173 11.85 26.41 25.31
CA SER G 173 13.05 26.02 24.59
C SER G 173 13.87 25.03 25.39
N ASP G 174 14.59 24.17 24.66
CA ASP G 174 15.49 23.17 25.26
C ASP G 174 14.75 22.32 26.30
N THR G 175 13.52 21.92 25.97
CA THR G 175 12.68 21.14 26.86
C THR G 175 12.14 19.93 26.12
N THR G 176 12.19 18.79 26.80
CA THR G 176 11.70 17.53 26.22
C THR G 176 10.20 17.40 26.46
N TYR G 177 9.43 17.28 25.37
CA TYR G 177 8.01 16.99 25.44
C TYR G 177 7.73 15.56 25.02
N ASN G 178 6.68 15.00 25.62
CA ASN G 178 6.14 13.68 25.27
C ASN G 178 4.81 13.86 24.57
N VAL G 179 4.62 13.18 23.44
CA VAL G 179 3.43 13.34 22.60
C VAL G 179 2.89 11.96 22.24
N TYR G 180 1.56 11.86 22.19
CA TYR G 180 0.86 10.61 21.91
C TYR G 180 -0.59 10.94 21.56
N VAL G 181 -1.16 10.12 20.67
CA VAL G 181 -2.45 10.38 20.03
C VAL G 181 -3.40 9.24 20.33
N THR G 182 -4.68 9.58 20.53
CA THR G 182 -5.75 8.61 20.68
C THR G 182 -6.83 8.89 19.65
N ALA G 183 -7.57 7.84 19.27
CA ALA G 183 -8.71 7.96 18.38
C ALA G 183 -9.99 7.53 19.10
N ASN G 184 -11.11 8.08 18.66
CA ASN G 184 -12.40 7.75 19.24
C ASN G 184 -13.42 7.49 18.13
N ASN G 185 -14.48 6.79 18.50
CA ASN G 185 -15.58 6.49 17.59
C ASN G 185 -16.87 6.50 18.41
N ARG G 186 -17.94 5.94 17.85
CA ARG G 186 -19.19 5.82 18.57
C ARG G 186 -19.02 5.10 19.90
N TYR G 187 -18.23 4.03 19.92
CA TYR G 187 -18.18 3.14 21.07
C TYR G 187 -17.22 3.60 22.16
N GLY G 188 -16.33 4.53 21.88
CA GLY G 188 -15.46 5.06 22.90
C GLY G 188 -14.10 5.44 22.33
N ARG G 189 -13.14 5.52 23.23
CA ARG G 189 -11.81 6.03 22.95
C ARG G 189 -10.82 4.87 22.90
N GLY G 190 -10.12 4.74 21.77
CA GLY G 190 -9.20 3.64 21.59
C GLY G 190 -7.93 3.79 22.41
N ASP G 191 -7.12 2.73 22.38
CA ASP G 191 -5.86 2.73 23.09
C ASP G 191 -4.92 3.80 22.56
N PRO G 192 -3.98 4.28 23.37
CA PRO G 192 -3.08 5.33 22.92
C PRO G 192 -1.97 4.81 22.03
N SER G 193 -1.42 5.73 21.24
CA SER G 193 -0.22 5.44 20.46
C SER G 193 1.00 5.42 21.38
N GLY G 194 2.12 4.97 20.84
CA GLY G 194 3.37 5.07 21.56
C GLY G 194 3.74 6.52 21.80
N ILE G 195 4.46 6.75 22.89
CA ILE G 195 4.81 8.10 23.33
C ILE G 195 6.05 8.57 22.59
N LEU G 196 5.92 9.68 21.85
CA LEU G 196 7.04 10.30 21.17
C LEU G 196 7.72 11.30 22.09
N SER G 197 9.02 11.15 22.27
CA SER G 197 9.83 12.10 23.03
C SER G 197 10.77 12.84 22.10
N VAL G 198 10.91 14.14 22.33
CA VAL G 198 11.80 14.99 21.54
C VAL G 198 12.03 16.27 22.32
N ARG G 199 13.19 16.88 22.10
CA ARG G 199 13.54 18.14 22.76
C ARG G 199 13.41 19.29 21.78
N THR G 200 12.84 20.39 22.25
CA THR G 200 12.79 21.60 21.43
C THR G 200 14.18 22.23 21.32
N GLY G 201 14.43 22.88 20.19
CA GLY G 201 15.70 23.55 20.00
C GLY G 201 15.86 24.73 20.95
N ASP G 202 17.10 24.97 21.35
CA ASP G 202 17.40 26.04 22.30
C ASP G 202 17.51 27.40 21.62
#